data_2FUU
#
_entry.id   2FUU
#
_cell.length_a   1.000
_cell.length_b   1.000
_cell.length_c   1.000
_cell.angle_alpha   90.00
_cell.angle_beta   90.00
_cell.angle_gamma   90.00
#
_symmetry.space_group_name_H-M   'P 1'
#
loop_
_entity.id
_entity.type
_entity.pdbx_description
1 polymer 'bromodomain PHD finger transcription factor'
2 polymer 'Histone H3'
3 non-polymer 'ZINC ION'
#
loop_
_entity_poly.entity_id
_entity_poly.type
_entity_poly.pdbx_seq_one_letter_code
_entity_poly.pdbx_strand_id
1 'polypeptide(L)' GPLGSDTKLYCICKTPYDESKFYIGCDRCQNWYHGRCVGILQSEAELIDEYVCPQCQSTEDA A
2 'polypeptide(L)' ART(M3L)QTARKSTGGKA B
#
loop_
_chem_comp.id
_chem_comp.type
_chem_comp.name
_chem_comp.formula
ZN non-polymer 'ZINC ION' 'Zn 2'
#
# COMPACT_ATOMS: atom_id res chain seq x y z
N GLY A 1 -13.72 26.96 -0.99
CA GLY A 1 -12.82 28.14 -0.99
C GLY A 1 -11.77 27.99 -2.10
N PRO A 2 -10.84 28.89 -2.16
CA PRO A 2 -9.76 28.86 -3.20
C PRO A 2 -9.01 27.53 -3.19
N LEU A 3 -8.79 26.97 -4.39
CA LEU A 3 -8.09 25.70 -4.52
C LEU A 3 -6.73 25.92 -5.17
N GLY A 4 -5.71 25.21 -4.65
CA GLY A 4 -4.36 25.33 -5.20
C GLY A 4 -4.10 24.24 -6.23
N SER A 5 -3.76 23.04 -5.75
CA SER A 5 -3.49 21.92 -6.64
C SER A 5 -4.29 20.69 -6.19
N ASP A 6 -4.75 19.91 -7.17
CA ASP A 6 -5.52 18.71 -6.87
C ASP A 6 -4.58 17.51 -6.69
N THR A 7 -4.48 17.03 -5.45
CA THR A 7 -3.62 15.89 -5.14
C THR A 7 -4.38 14.85 -4.34
N LYS A 8 -3.79 13.66 -4.22
CA LYS A 8 -4.41 12.57 -3.47
C LYS A 8 -3.41 11.98 -2.49
N LEU A 9 -3.86 11.00 -1.72
CA LEU A 9 -3.02 10.34 -0.73
C LEU A 9 -2.94 8.83 -1.00
N TYR A 10 -2.28 8.10 -0.11
CA TYR A 10 -2.10 6.66 -0.26
C TYR A 10 -3.41 5.88 -0.14
N CYS A 11 -3.56 5.14 0.95
CA CYS A 11 -4.73 4.29 1.18
C CYS A 11 -6.01 4.92 0.68
N ILE A 12 -6.77 4.09 -0.01
CA ILE A 12 -8.07 4.45 -0.54
C ILE A 12 -8.96 4.87 0.62
N CYS A 13 -8.41 4.66 1.81
CA CYS A 13 -9.08 4.95 3.07
C CYS A 13 -8.75 6.36 3.56
N LYS A 14 -8.38 7.24 2.63
CA LYS A 14 -8.03 8.62 2.98
C LYS A 14 -7.17 8.72 4.24
N THR A 15 -5.90 8.33 4.12
CA THR A 15 -4.97 8.39 5.24
C THR A 15 -3.53 8.56 4.73
N PRO A 16 -2.83 9.59 5.15
CA PRO A 16 -1.41 9.83 4.72
C PRO A 16 -0.46 8.79 5.32
N TYR A 17 0.82 8.87 4.95
CA TYR A 17 1.81 7.92 5.45
C TYR A 17 1.93 8.00 6.96
N ASP A 18 1.91 6.85 7.58
CA ASP A 18 2.08 6.73 9.00
C ASP A 18 2.93 5.51 9.27
N GLU A 19 4.14 5.72 9.80
CA GLU A 19 5.03 4.61 10.08
C GLU A 19 4.35 3.58 10.96
N SER A 20 3.05 3.79 11.18
CA SER A 20 2.25 2.88 11.97
C SER A 20 1.37 2.10 11.03
N LYS A 21 1.41 2.52 9.77
CA LYS A 21 0.64 1.91 8.72
C LYS A 21 1.60 1.30 7.74
N PHE A 22 1.35 0.07 7.37
CA PHE A 22 2.19 -0.59 6.43
C PHE A 22 1.47 -0.75 5.13
N TYR A 23 2.20 -0.57 4.06
CA TYR A 23 1.62 -0.59 2.75
C TYR A 23 2.07 -1.68 1.83
N ILE A 24 1.38 -1.61 0.72
CA ILE A 24 1.58 -2.47 -0.44
C ILE A 24 1.26 -1.62 -1.66
N GLY A 25 2.17 -1.61 -2.64
CA GLY A 25 1.97 -0.77 -3.82
C GLY A 25 1.20 -1.46 -4.95
N CYS A 26 0.14 -0.78 -5.39
CA CYS A 26 -0.68 -1.23 -6.52
C CYS A 26 0.29 -1.62 -7.64
N ASP A 27 0.35 -2.90 -7.98
CA ASP A 27 1.28 -3.35 -9.02
C ASP A 27 0.91 -2.72 -10.33
N ARG A 28 -0.39 -2.56 -10.52
CA ARG A 28 -0.90 -1.96 -11.72
C ARG A 28 -1.31 -0.51 -11.47
N CYS A 29 -1.68 -0.17 -10.23
CA CYS A 29 -2.08 1.20 -9.94
C CYS A 29 -0.86 2.04 -9.54
N GLN A 30 0.15 1.37 -8.95
CA GLN A 30 1.38 2.04 -8.54
C GLN A 30 1.19 2.90 -7.27
N ASN A 31 0.22 2.58 -6.42
CA ASN A 31 0.02 3.35 -5.20
C ASN A 31 -0.18 2.44 -4.00
N TRP A 32 -0.15 3.03 -2.81
CA TRP A 32 -0.20 2.24 -1.58
C TRP A 32 -1.40 2.48 -0.66
N TYR A 33 -1.76 1.42 0.03
CA TYR A 33 -2.80 1.48 1.07
C TYR A 33 -2.38 0.61 2.23
N HIS A 34 -3.02 0.76 3.39
CA HIS A 34 -2.69 -0.11 4.50
C HIS A 34 -3.25 -1.48 4.15
N GLY A 35 -2.53 -2.50 4.52
CA GLY A 35 -2.99 -3.84 4.19
C GLY A 35 -4.48 -4.00 4.41
N ARG A 36 -4.95 -3.59 5.56
CA ARG A 36 -6.36 -3.69 5.87
C ARG A 36 -7.12 -2.60 5.15
N CYS A 37 -6.40 -1.56 4.76
CA CYS A 37 -7.03 -0.46 4.07
C CYS A 37 -7.84 -1.02 2.92
N VAL A 38 -7.39 -2.16 2.42
CA VAL A 38 -8.06 -2.83 1.31
C VAL A 38 -8.56 -4.20 1.77
N GLY A 39 -8.55 -4.40 3.08
CA GLY A 39 -9.05 -5.65 3.67
C GLY A 39 -8.10 -6.80 3.41
N ILE A 40 -6.81 -6.60 3.64
CA ILE A 40 -5.83 -7.65 3.42
C ILE A 40 -5.17 -8.08 4.73
N LEU A 41 -4.46 -9.19 4.67
CA LEU A 41 -3.77 -9.72 5.83
C LEU A 41 -2.73 -8.73 6.32
N GLN A 42 -2.26 -8.98 7.53
CA GLN A 42 -1.26 -8.12 8.12
C GLN A 42 0.12 -8.43 7.58
N SER A 43 0.50 -9.70 7.69
CA SER A 43 1.80 -10.14 7.20
C SER A 43 1.83 -10.02 5.68
N GLU A 44 0.64 -9.90 5.10
CA GLU A 44 0.51 -9.79 3.66
C GLU A 44 1.53 -8.82 3.11
N ALA A 45 2.05 -7.98 3.97
CA ALA A 45 3.04 -7.01 3.55
C ALA A 45 4.39 -7.71 3.32
N GLU A 46 4.73 -8.67 4.18
CA GLU A 46 6.01 -9.37 4.04
C GLU A 46 5.93 -10.59 3.12
N LEU A 47 4.99 -11.45 3.40
CA LEU A 47 4.78 -12.66 2.61
C LEU A 47 4.32 -12.34 1.23
N ILE A 48 4.41 -11.07 0.88
CA ILE A 48 3.92 -10.67 -0.41
C ILE A 48 5.00 -10.12 -1.32
N ASP A 49 4.77 -10.31 -2.62
CA ASP A 49 5.72 -9.87 -3.63
C ASP A 49 5.08 -9.97 -5.02
N GLU A 50 3.76 -9.86 -5.05
CA GLU A 50 3.00 -9.93 -6.30
C GLU A 50 1.63 -9.31 -6.04
N TYR A 51 1.53 -8.59 -4.93
CA TYR A 51 0.29 -7.94 -4.56
C TYR A 51 -0.03 -6.82 -5.51
N VAL A 52 -1.32 -6.63 -5.72
CA VAL A 52 -1.79 -5.56 -6.57
C VAL A 52 -2.88 -4.82 -5.84
N CYS A 53 -3.14 -3.61 -6.26
CA CYS A 53 -4.13 -2.82 -5.63
C CYS A 53 -5.48 -3.21 -6.13
N PRO A 54 -6.45 -2.95 -5.34
CA PRO A 54 -7.83 -3.29 -5.68
C PRO A 54 -8.42 -2.27 -6.64
N GLN A 55 -7.84 -1.08 -6.63
CA GLN A 55 -8.28 -0.03 -7.53
C GLN A 55 -7.77 -0.35 -8.92
N CYS A 56 -6.55 -0.88 -8.98
CA CYS A 56 -5.94 -1.23 -10.25
C CYS A 56 -6.34 -2.65 -10.66
N GLN A 57 -6.22 -3.59 -9.72
CA GLN A 57 -6.55 -4.99 -10.00
C GLN A 57 -7.97 -5.12 -10.53
N SER A 58 -8.85 -4.22 -10.11
CA SER A 58 -10.24 -4.27 -10.57
C SER A 58 -10.29 -4.42 -12.09
N THR A 59 -9.35 -3.76 -12.78
CA THR A 59 -9.30 -3.85 -14.23
C THR A 59 -8.86 -5.25 -14.67
N GLU A 60 -7.94 -5.84 -13.91
CA GLU A 60 -7.44 -7.17 -14.24
C GLU A 60 -8.55 -8.20 -14.10
N ASP A 61 -9.46 -7.97 -13.15
CA ASP A 61 -10.57 -8.87 -12.90
C ASP A 61 -10.20 -10.31 -13.21
N ALA A 62 -8.99 -10.71 -12.82
CA ALA A 62 -8.52 -12.06 -13.07
C ALA A 62 -8.88 -12.51 -14.49
N ALA B 1 6.15 -7.76 -6.13
CA ALA B 1 5.25 -6.57 -6.19
C ALA B 1 5.93 -5.39 -5.52
N ARG B 2 5.30 -4.23 -5.61
CA ARG B 2 5.85 -3.02 -5.00
C ARG B 2 5.39 -2.92 -3.55
N THR B 3 5.67 -3.94 -2.75
CA THR B 3 5.27 -3.91 -1.36
C THR B 3 5.96 -2.75 -0.67
N M3L B 4 5.17 -1.94 0.04
CA M3L B 4 5.70 -0.79 0.75
CB M3L B 4 4.90 0.46 0.31
CG M3L B 4 5.83 1.61 -0.05
CD M3L B 4 5.02 2.91 -0.15
CE M3L B 4 4.93 3.58 1.23
NZ M3L B 4 3.85 4.63 1.26
C M3L B 4 5.58 -1.01 2.25
O M3L B 4 4.51 -0.82 2.84
CM1 M3L B 4 2.52 3.99 1.48
CM2 M3L B 4 3.86 5.45 0.04
CM3 M3L B 4 4.10 5.51 2.42
H2 M3L B 4 4.16 -2.14 0.09
HA M3L B 4 6.75 -0.67 0.49
HB2 M3L B 4 4.29 0.24 -0.56
HB3 M3L B 4 4.24 0.80 1.12
HG2 M3L B 4 6.60 1.71 0.73
HG3 M3L B 4 6.32 1.40 -0.99
HD2 M3L B 4 5.52 3.59 -0.84
HD3 M3L B 4 4.03 2.69 -0.51
HE2 M3L B 4 4.71 2.84 2.01
HE3 M3L B 4 5.87 4.06 1.51
HM11 M3L B 4 1.75 4.76 1.51
HM12 M3L B 4 2.31 3.30 0.66
HM13 M3L B 4 2.52 3.44 2.42
HM21 M3L B 4 3.06 6.20 0.10
HM22 M3L B 4 4.83 5.95 -0.07
HM23 M3L B 4 3.68 4.81 -0.83
HM31 M3L B 4 3.32 6.27 2.46
HM32 M3L B 4 4.08 4.93 3.33
HM33 M3L B 4 5.07 5.98 2.31
N GLN B 5 6.68 -1.46 2.87
CA GLN B 5 6.68 -1.75 4.31
C GLN B 5 7.83 -1.04 5.01
N THR B 6 7.89 -1.22 6.34
CA THR B 6 8.95 -0.61 7.15
C THR B 6 9.58 -1.64 8.08
N ALA B 7 10.80 -1.34 8.54
CA ALA B 7 11.50 -2.25 9.44
C ALA B 7 12.42 -1.47 10.36
N ARG B 8 11.97 -0.30 10.79
CA ARG B 8 12.75 0.56 11.67
C ARG B 8 13.15 -0.19 12.93
N LYS B 9 12.27 -1.06 13.41
CA LYS B 9 12.55 -1.83 14.63
C LYS B 9 13.85 -2.62 14.49
N SER B 10 14.12 -3.13 13.29
CA SER B 10 15.34 -3.90 13.07
C SER B 10 16.53 -2.98 12.83
N THR B 11 17.71 -3.43 13.23
CA THR B 11 18.92 -2.65 13.06
C THR B 11 19.67 -3.09 11.80
N GLY B 12 20.25 -4.29 11.85
CA GLY B 12 20.99 -4.82 10.71
C GLY B 12 21.84 -6.02 11.14
N GLY B 13 21.35 -7.22 10.85
CA GLY B 13 22.07 -8.43 11.20
C GLY B 13 23.19 -8.72 10.22
N LYS B 14 24.37 -9.03 10.74
CA LYS B 14 25.53 -9.32 9.89
C LYS B 14 25.23 -10.51 8.98
N ALA B 15 24.48 -11.48 9.51
CA ALA B 15 24.13 -12.67 8.74
C ALA B 15 22.68 -12.61 8.29
ZN ZN C . -2.85 -1.77 -8.49
ZN ZN D . -6.47 2.66 4.48
N GLY A 1 -0.87 22.10 2.92
CA GLY A 1 -2.11 21.44 3.42
C GLY A 1 -2.89 20.85 2.25
N PRO A 2 -2.24 20.00 1.48
CA PRO A 2 -2.88 19.34 0.31
C PRO A 2 -4.09 18.50 0.70
N LEU A 3 -5.16 18.58 -0.11
CA LEU A 3 -6.37 17.84 0.16
C LEU A 3 -6.71 16.94 -1.02
N GLY A 4 -7.82 17.23 -1.69
CA GLY A 4 -8.24 16.44 -2.85
C GLY A 4 -8.74 17.34 -3.97
N SER A 5 -8.08 18.48 -4.16
CA SER A 5 -8.47 19.42 -5.20
C SER A 5 -8.43 18.76 -6.57
N ASP A 6 -7.40 17.93 -6.80
CA ASP A 6 -7.26 17.25 -8.09
C ASP A 6 -6.41 15.97 -7.95
N THR A 7 -5.73 15.84 -6.82
CA THR A 7 -4.88 14.66 -6.59
C THR A 7 -5.30 13.95 -5.30
N LYS A 8 -4.81 12.72 -5.13
CA LYS A 8 -5.16 11.93 -3.95
C LYS A 8 -3.91 11.44 -3.20
N LEU A 9 -4.15 10.66 -2.15
CA LEU A 9 -3.05 10.11 -1.33
C LEU A 9 -3.11 8.59 -1.31
N TYR A 10 -2.31 7.97 -0.44
CA TYR A 10 -2.23 6.52 -0.35
C TYR A 10 -3.59 5.84 -0.16
N CYS A 11 -3.66 5.06 0.92
CA CYS A 11 -4.81 4.26 1.28
C CYS A 11 -6.13 4.90 0.93
N ILE A 12 -6.90 4.09 0.20
CA ILE A 12 -8.22 4.45 -0.26
C ILE A 12 -9.05 4.92 0.93
N CYS A 13 -8.45 4.77 2.11
CA CYS A 13 -9.06 5.17 3.36
C CYS A 13 -8.68 6.62 3.67
N LYS A 14 -8.04 7.24 2.69
CA LYS A 14 -7.60 8.63 2.77
C LYS A 14 -6.80 8.97 4.04
N THR A 15 -5.56 8.46 4.13
CA THR A 15 -4.69 8.77 5.26
C THR A 15 -3.21 8.79 4.82
N PRO A 16 -2.53 9.90 5.02
CA PRO A 16 -1.08 10.04 4.66
C PRO A 16 -0.23 8.88 5.17
N TYR A 17 1.10 8.99 4.98
CA TYR A 17 1.99 7.93 5.42
C TYR A 17 2.21 8.00 6.90
N ASP A 18 2.06 6.87 7.53
CA ASP A 18 2.28 6.75 8.95
C ASP A 18 2.96 5.43 9.23
N GLU A 19 4.18 5.48 9.75
CA GLU A 19 4.91 4.25 10.04
C GLU A 19 4.10 3.38 10.99
N SER A 20 2.87 3.82 11.23
CA SER A 20 1.95 3.09 12.09
C SER A 20 0.96 2.37 11.18
N LYS A 21 1.15 2.63 9.90
CA LYS A 21 0.34 2.05 8.86
C LYS A 21 1.27 1.43 7.86
N PHE A 22 1.01 0.21 7.49
CA PHE A 22 1.86 -0.46 6.55
C PHE A 22 1.17 -0.66 5.24
N TYR A 23 1.93 -0.40 4.21
CA TYR A 23 1.41 -0.44 2.87
C TYR A 23 1.92 -1.55 1.98
N ILE A 24 1.29 -1.52 0.85
CA ILE A 24 1.55 -2.40 -0.29
C ILE A 24 1.29 -1.57 -1.55
N GLY A 25 2.19 -1.64 -2.54
CA GLY A 25 2.02 -0.82 -3.74
C GLY A 25 1.38 -1.58 -4.92
N CYS A 26 0.26 -1.03 -5.40
CA CYS A 26 -0.45 -1.56 -6.55
C CYS A 26 0.54 -1.74 -7.71
N ASP A 27 0.62 -2.94 -8.27
CA ASP A 27 1.53 -3.18 -9.37
C ASP A 27 1.20 -2.27 -10.54
N ARG A 28 -0.10 -2.07 -10.77
CA ARG A 28 -0.56 -1.22 -11.86
C ARG A 28 -1.02 0.14 -11.34
N CYS A 29 -1.51 0.19 -10.11
CA CYS A 29 -1.99 1.44 -9.54
C CYS A 29 -0.84 2.17 -8.86
N GLN A 30 0.34 1.56 -8.91
CA GLN A 30 1.54 2.13 -8.31
C GLN A 30 1.23 2.97 -7.09
N ASN A 31 0.22 2.58 -6.30
CA ASN A 31 -0.13 3.32 -5.11
C ASN A 31 -0.33 2.38 -3.93
N TRP A 32 -0.45 2.97 -2.76
CA TRP A 32 -0.51 2.18 -1.55
C TRP A 32 -1.71 2.38 -0.67
N TYR A 33 -2.04 1.32 0.03
CA TYR A 33 -3.08 1.37 1.04
C TYR A 33 -2.64 0.56 2.25
N HIS A 34 -3.23 0.84 3.41
CA HIS A 34 -2.90 0.07 4.57
C HIS A 34 -3.51 -1.29 4.37
N GLY A 35 -2.81 -2.33 4.75
CA GLY A 35 -3.32 -3.66 4.54
C GLY A 35 -4.79 -3.75 4.89
N ARG A 36 -5.16 -3.19 6.02
CA ARG A 36 -6.54 -3.21 6.44
C ARG A 36 -7.30 -2.12 5.71
N CYS A 37 -6.57 -1.14 5.21
CA CYS A 37 -7.21 -0.05 4.51
C CYS A 37 -8.12 -0.63 3.43
N VAL A 38 -7.76 -1.83 2.97
CA VAL A 38 -8.53 -2.51 1.93
C VAL A 38 -8.97 -3.89 2.42
N GLY A 39 -8.79 -4.13 3.71
CA GLY A 39 -9.20 -5.38 4.32
C GLY A 39 -8.30 -6.55 3.91
N ILE A 40 -7.00 -6.33 3.96
CA ILE A 40 -6.05 -7.38 3.59
C ILE A 40 -5.30 -7.91 4.82
N LEU A 41 -4.62 -9.03 4.65
CA LEU A 41 -3.85 -9.61 5.74
C LEU A 41 -2.78 -8.63 6.22
N GLN A 42 -2.24 -8.90 7.39
CA GLN A 42 -1.23 -8.05 7.99
C GLN A 42 0.12 -8.29 7.34
N SER A 43 0.55 -9.54 7.37
CA SER A 43 1.81 -9.92 6.79
C SER A 43 1.72 -9.82 5.27
N GLU A 44 0.48 -9.76 4.79
CA GLU A 44 0.23 -9.69 3.36
C GLU A 44 1.21 -8.78 2.68
N ALA A 45 1.82 -7.91 3.44
CA ALA A 45 2.78 -6.98 2.88
C ALA A 45 4.10 -7.68 2.55
N GLU A 46 4.61 -8.48 3.49
CA GLU A 46 5.89 -9.17 3.29
C GLU A 46 5.75 -10.53 2.59
N LEU A 47 4.78 -11.32 3.00
CA LEU A 47 4.59 -12.65 2.43
C LEU A 47 4.44 -12.61 0.91
N ILE A 48 4.00 -11.47 0.39
CA ILE A 48 3.82 -11.35 -1.05
C ILE A 48 5.11 -10.94 -1.70
N ASP A 49 5.11 -10.97 -3.01
CA ASP A 49 6.27 -10.62 -3.78
C ASP A 49 5.86 -10.29 -5.20
N GLU A 50 4.56 -10.12 -5.34
CA GLU A 50 3.93 -9.79 -6.59
C GLU A 50 2.59 -9.17 -6.23
N TYR A 51 2.63 -8.34 -5.19
CA TYR A 51 1.44 -7.70 -4.70
C TYR A 51 0.86 -6.73 -5.68
N VAL A 52 -0.45 -6.67 -5.63
CA VAL A 52 -1.19 -5.76 -6.46
C VAL A 52 -2.28 -5.11 -5.64
N CYS A 53 -2.73 -3.96 -6.09
CA CYS A 53 -3.76 -3.27 -5.40
C CYS A 53 -5.07 -3.90 -5.75
N PRO A 54 -6.06 -3.64 -4.98
CA PRO A 54 -7.39 -4.21 -5.21
C PRO A 54 -8.17 -3.42 -6.24
N GLN A 55 -7.86 -2.12 -6.31
CA GLN A 55 -8.50 -1.26 -7.29
C GLN A 55 -7.87 -1.51 -8.66
N CYS A 56 -6.61 -1.94 -8.65
CA CYS A 56 -5.90 -2.23 -9.88
C CYS A 56 -6.56 -3.39 -10.60
N GLN A 57 -7.07 -4.35 -9.82
CA GLN A 57 -7.73 -5.52 -10.38
C GLN A 57 -8.85 -5.12 -11.32
N SER A 58 -9.49 -3.99 -11.00
CA SER A 58 -10.58 -3.50 -11.81
C SER A 58 -10.12 -3.24 -13.25
N THR A 59 -8.83 -2.93 -13.42
CA THR A 59 -8.28 -2.66 -14.74
C THR A 59 -7.06 -3.52 -15.04
N GLU A 60 -6.71 -4.43 -14.12
CA GLU A 60 -5.55 -5.29 -14.33
C GLU A 60 -5.47 -5.75 -15.79
N ASP A 61 -4.56 -5.15 -16.54
CA ASP A 61 -4.38 -5.48 -17.95
C ASP A 61 -4.07 -6.97 -18.10
N ALA A 62 -3.30 -7.51 -17.16
CA ALA A 62 -2.93 -8.92 -17.20
C ALA A 62 -1.96 -9.24 -16.07
N ALA B 1 7.39 -6.53 -6.80
CA ALA B 1 6.25 -5.91 -6.08
C ALA B 1 6.71 -4.64 -5.39
N ARG B 2 5.84 -3.63 -5.37
CA ARG B 2 6.15 -2.36 -4.74
C ARG B 2 5.63 -2.32 -3.31
N THR B 3 5.91 -3.36 -2.55
CA THR B 3 5.47 -3.44 -1.17
C THR B 3 6.09 -2.28 -0.38
N M3L B 4 5.28 -1.59 0.41
CA M3L B 4 5.78 -0.47 1.21
CB M3L B 4 5.05 0.82 0.77
CG M3L B 4 6.07 1.93 0.42
CD M3L B 4 5.72 3.26 1.13
CE M3L B 4 4.85 4.15 0.22
NZ M3L B 4 3.69 4.71 0.99
C M3L B 4 5.57 -0.73 2.70
O M3L B 4 4.44 -0.71 3.18
CM1 M3L B 4 2.97 5.70 0.13
CM2 M3L B 4 4.16 5.41 2.21
CM3 M3L B 4 2.77 3.61 1.39
H2 M3L B 4 4.29 -1.84 0.46
HA M3L B 4 6.85 -0.35 1.04
HB2 M3L B 4 4.44 0.65 -0.11
HB3 M3L B 4 4.40 1.20 1.56
HG2 M3L B 4 7.07 1.65 0.72
HG3 M3L B 4 6.07 2.14 -0.65
HD2 M3L B 4 5.16 3.05 2.06
HD3 M3L B 4 6.63 3.80 1.39
HE2 M3L B 4 5.44 4.98 -0.17
HE3 M3L B 4 4.47 3.58 -0.62
HM11 M3L B 4 2.12 6.11 0.68
HM12 M3L B 4 3.64 6.50 -0.15
HM13 M3L B 4 2.61 5.20 -0.77
HM21 M3L B 4 3.29 5.81 2.75
HM22 M3L B 4 4.69 4.72 2.85
HM23 M3L B 4 4.82 6.24 1.93
HM31 M3L B 4 1.92 4.02 1.94
HM32 M3L B 4 2.40 3.10 0.49
HM33 M3L B 4 3.30 2.90 2.01
N GLN B 5 6.66 -1.00 3.41
CA GLN B 5 6.59 -1.29 4.84
C GLN B 5 7.57 -0.41 5.62
N THR B 6 7.41 -0.41 6.96
CA THR B 6 8.27 0.39 7.82
C THR B 6 9.66 -0.23 7.94
N ALA B 7 10.61 0.54 8.45
CA ALA B 7 11.98 0.05 8.62
C ALA B 7 12.35 -0.90 7.49
N ARG B 8 12.36 -0.38 6.26
CA ARG B 8 12.68 -1.19 5.10
C ARG B 8 14.04 -1.84 5.22
N LYS B 9 15.06 -1.05 5.59
CA LYS B 9 16.41 -1.58 5.73
C LYS B 9 17.18 -0.81 6.80
N SER B 10 18.17 -1.48 7.39
CA SER B 10 18.99 -0.84 8.42
C SER B 10 20.43 -1.35 8.33
N THR B 11 21.38 -0.45 8.59
CA THR B 11 22.79 -0.81 8.54
C THR B 11 23.16 -1.36 7.16
N GLY B 12 22.17 -1.47 6.28
CA GLY B 12 22.41 -1.99 4.94
C GLY B 12 22.81 -3.45 4.98
N GLY B 13 23.85 -3.80 4.23
CA GLY B 13 24.33 -5.19 4.19
C GLY B 13 23.50 -6.03 3.22
N LYS B 14 23.53 -7.34 3.42
CA LYS B 14 22.78 -8.25 2.58
C LYS B 14 23.27 -8.19 1.13
N ALA B 15 24.60 -8.28 0.96
CA ALA B 15 25.19 -8.22 -0.37
C ALA B 15 25.33 -6.77 -0.84
ZN ZN C . -4.47 -0.80 -7.78
ZN ZN D . -7.25 2.60 2.81
N GLY A 1 -10.80 19.57 9.79
CA GLY A 1 -9.82 18.66 10.45
C GLY A 1 -9.26 17.69 9.43
N PRO A 2 -8.78 18.18 8.33
CA PRO A 2 -8.20 17.33 7.23
C PRO A 2 -7.02 16.51 7.73
N LEU A 3 -6.94 15.26 7.26
CA LEU A 3 -5.86 14.36 7.65
C LEU A 3 -4.68 14.49 6.69
N GLY A 4 -4.81 15.39 5.72
CA GLY A 4 -3.75 15.59 4.74
C GLY A 4 -3.49 17.08 4.51
N SER A 5 -2.41 17.39 3.80
CA SER A 5 -2.05 18.78 3.53
C SER A 5 -1.27 18.88 2.22
N ASP A 6 -0.03 19.35 2.31
CA ASP A 6 0.81 19.50 1.13
C ASP A 6 1.05 18.14 0.46
N THR A 7 1.16 17.10 1.27
CA THR A 7 1.38 15.76 0.74
C THR A 7 0.06 15.14 0.30
N LYS A 8 0.15 14.09 -0.52
CA LYS A 8 -1.05 13.42 -1.01
C LYS A 8 -1.43 12.25 -0.11
N LEU A 9 -2.49 11.55 -0.48
CA LEU A 9 -2.97 10.42 0.30
C LEU A 9 -2.68 9.10 -0.39
N TYR A 10 -2.75 8.01 0.37
CA TYR A 10 -2.47 6.67 -0.16
C TYR A 10 -3.71 5.80 -0.13
N CYS A 11 -3.85 5.03 0.94
CA CYS A 11 -4.97 4.12 1.11
C CYS A 11 -6.24 4.68 0.55
N ILE A 12 -6.93 3.81 -0.16
CA ILE A 12 -8.21 4.14 -0.77
C ILE A 12 -9.10 4.74 0.31
N CYS A 13 -8.58 4.67 1.53
CA CYS A 13 -9.25 5.16 2.73
C CYS A 13 -8.98 6.67 2.91
N LYS A 14 -7.86 7.14 2.37
CA LYS A 14 -7.48 8.57 2.47
C LYS A 14 -6.77 8.89 3.79
N THR A 15 -5.48 8.56 3.88
CA THR A 15 -4.71 8.84 5.11
C THR A 15 -3.23 9.12 4.79
N PRO A 16 -2.59 9.95 5.57
CA PRO A 16 -1.14 10.30 5.38
C PRO A 16 -0.23 9.12 5.73
N TYR A 17 1.05 9.22 5.39
CA TYR A 17 1.97 8.14 5.67
C TYR A 17 2.28 8.05 7.15
N ASP A 18 1.93 6.93 7.74
CA ASP A 18 2.21 6.70 9.14
C ASP A 18 3.07 5.46 9.28
N GLU A 19 4.24 5.63 9.86
CA GLU A 19 5.14 4.51 10.06
C GLU A 19 4.44 3.46 10.91
N SER A 20 3.17 3.72 11.18
CA SER A 20 2.34 2.81 11.97
C SER A 20 1.42 2.07 11.02
N LYS A 21 1.35 2.61 9.82
CA LYS A 21 0.55 2.05 8.76
C LYS A 21 1.50 1.40 7.78
N PHE A 22 1.23 0.18 7.42
CA PHE A 22 2.09 -0.50 6.49
C PHE A 22 1.38 -0.61 5.18
N TYR A 23 2.14 -0.59 4.10
CA TYR A 23 1.53 -0.60 2.81
C TYR A 23 2.01 -1.67 1.87
N ILE A 24 1.30 -1.62 0.78
CA ILE A 24 1.51 -2.46 -0.38
C ILE A 24 1.23 -1.59 -1.59
N GLY A 25 2.15 -1.56 -2.55
CA GLY A 25 1.97 -0.69 -3.72
C GLY A 25 1.33 -1.38 -4.91
N CYS A 26 0.21 -0.80 -5.36
CA CYS A 26 -0.50 -1.26 -6.53
C CYS A 26 0.53 -1.44 -7.65
N ASP A 27 0.82 -2.69 -8.02
CA ASP A 27 1.81 -2.94 -9.06
C ASP A 27 1.30 -2.36 -10.35
N ARG A 28 0.00 -2.47 -10.49
CA ARG A 28 -0.69 -1.97 -11.65
C ARG A 28 -1.23 -0.56 -11.40
N CYS A 29 -1.72 -0.29 -10.19
CA CYS A 29 -2.25 1.03 -9.92
C CYS A 29 -1.15 2.01 -9.52
N GLN A 30 -0.06 1.48 -8.94
CA GLN A 30 1.10 2.30 -8.55
C GLN A 30 0.89 3.08 -7.24
N ASN A 31 -0.04 2.65 -6.35
CA ASN A 31 -0.23 3.37 -5.10
C ASN A 31 -0.35 2.44 -3.92
N TRP A 32 -0.32 3.03 -2.72
CA TRP A 32 -0.32 2.25 -1.49
C TRP A 32 -1.53 2.43 -0.58
N TYR A 33 -1.88 1.35 0.11
CA TYR A 33 -2.94 1.40 1.13
C TYR A 33 -2.53 0.57 2.34
N HIS A 34 -3.18 0.80 3.47
CA HIS A 34 -2.90 0.00 4.64
C HIS A 34 -3.45 -1.37 4.37
N GLY A 35 -2.72 -2.39 4.74
CA GLY A 35 -3.17 -3.74 4.46
C GLY A 35 -4.66 -3.89 4.72
N ARG A 36 -5.11 -3.42 5.87
CA ARG A 36 -6.53 -3.52 6.19
C ARG A 36 -7.29 -2.44 5.47
N CYS A 37 -6.58 -1.42 5.00
CA CYS A 37 -7.26 -0.34 4.30
C CYS A 37 -8.12 -0.96 3.21
N VAL A 38 -7.67 -2.09 2.71
CA VAL A 38 -8.38 -2.79 1.66
C VAL A 38 -8.84 -4.17 2.14
N GLY A 39 -8.80 -4.37 3.45
CA GLY A 39 -9.24 -5.63 4.05
C GLY A 39 -8.30 -6.76 3.72
N ILE A 40 -7.01 -6.51 3.87
CA ILE A 40 -6.01 -7.53 3.57
C ILE A 40 -5.29 -7.98 4.84
N LEU A 41 -4.56 -9.07 4.72
CA LEU A 41 -3.81 -9.60 5.85
C LEU A 41 -2.78 -8.59 6.31
N GLN A 42 -2.25 -8.83 7.49
CA GLN A 42 -1.25 -7.93 8.04
C GLN A 42 0.10 -8.22 7.44
N SER A 43 0.52 -9.48 7.55
CA SER A 43 1.79 -9.89 6.99
C SER A 43 1.73 -9.81 5.48
N GLU A 44 0.51 -9.73 4.96
CA GLU A 44 0.30 -9.66 3.52
C GLU A 44 1.29 -8.72 2.89
N ALA A 45 1.85 -7.85 3.70
CA ALA A 45 2.83 -6.91 3.20
C ALA A 45 4.15 -7.62 2.84
N GLU A 46 4.63 -8.49 3.73
CA GLU A 46 5.90 -9.20 3.47
C GLU A 46 5.75 -10.53 2.73
N LEU A 47 4.76 -11.32 3.11
CA LEU A 47 4.57 -12.65 2.51
C LEU A 47 4.42 -12.62 1.00
N ILE A 48 3.94 -11.51 0.47
CA ILE A 48 3.75 -11.42 -0.98
C ILE A 48 5.04 -10.98 -1.64
N ASP A 49 5.00 -11.02 -2.95
CA ASP A 49 6.15 -10.67 -3.75
C ASP A 49 5.67 -10.36 -5.16
N GLU A 50 4.37 -10.13 -5.27
CA GLU A 50 3.72 -9.81 -6.52
C GLU A 50 2.39 -9.19 -6.18
N TYR A 51 2.39 -8.42 -5.08
CA TYR A 51 1.18 -7.78 -4.62
C TYR A 51 0.71 -6.74 -5.60
N VAL A 52 -0.59 -6.63 -5.68
CA VAL A 52 -1.23 -5.64 -6.51
C VAL A 52 -2.34 -5.00 -5.74
N CYS A 53 -2.72 -3.82 -6.15
CA CYS A 53 -3.76 -3.11 -5.48
C CYS A 53 -5.08 -3.63 -5.93
N PRO A 54 -6.06 -3.41 -5.15
CA PRO A 54 -7.41 -3.88 -5.45
C PRO A 54 -8.10 -2.93 -6.41
N GLN A 55 -7.66 -1.68 -6.40
CA GLN A 55 -8.20 -0.68 -7.31
C GLN A 55 -7.71 -1.01 -8.70
N CYS A 56 -6.47 -1.50 -8.76
CA CYS A 56 -5.87 -1.88 -10.03
C CYS A 56 -6.58 -3.11 -10.59
N GLN A 57 -6.90 -4.05 -9.70
CA GLN A 57 -7.59 -5.27 -10.10
C GLN A 57 -8.90 -4.94 -10.83
N SER A 58 -9.39 -3.74 -10.60
CA SER A 58 -10.63 -3.32 -11.23
C SER A 58 -10.54 -3.53 -12.74
N THR A 59 -9.33 -3.49 -13.29
CA THR A 59 -9.15 -3.68 -14.72
C THR A 59 -8.06 -4.72 -15.04
N GLU A 60 -7.20 -5.02 -14.07
CA GLU A 60 -6.14 -6.00 -14.30
C GLU A 60 -5.52 -5.80 -15.69
N ASP A 61 -4.78 -6.80 -16.15
CA ASP A 61 -4.16 -6.72 -17.47
C ASP A 61 -5.20 -6.38 -18.53
N ALA A 62 -6.40 -6.93 -18.36
CA ALA A 62 -7.49 -6.68 -19.30
C ALA A 62 -7.60 -5.20 -19.60
N ALA B 1 8.25 -7.19 -5.72
CA ALA B 1 6.98 -6.40 -5.77
C ALA B 1 7.24 -5.01 -5.22
N ARG B 2 6.33 -4.09 -5.53
CA ARG B 2 6.47 -2.71 -5.07
C ARG B 2 5.81 -2.57 -3.69
N THR B 3 5.89 -3.63 -2.89
CA THR B 3 5.29 -3.60 -1.57
C THR B 3 5.90 -2.47 -0.75
N M3L B 4 5.05 -1.76 -0.02
CA M3L B 4 5.49 -0.66 0.82
CB M3L B 4 4.73 0.61 0.40
CG M3L B 4 5.69 1.73 0.03
CD M3L B 4 4.91 3.05 -0.10
CE M3L B 4 4.81 3.73 1.28
NZ M3L B 4 3.69 4.73 1.32
C M3L B 4 5.22 -1.02 2.28
O M3L B 4 4.22 -0.62 2.86
CM1 M3L B 4 3.91 5.63 2.46
CM2 M3L B 4 2.39 4.04 1.55
CM3 M3L B 4 3.65 5.56 0.09
H2 M3L B 4 4.05 -1.99 -0.04
HA M3L B 4 6.57 -0.52 0.67
HB2 M3L B 4 4.09 0.42 -0.46
HB3 M3L B 4 4.10 0.97 1.22
HG2 M3L B 4 6.45 1.83 0.81
HG3 M3L B 4 6.17 1.49 -0.92
HD2 M3L B 4 5.43 3.72 -0.79
HD3 M3L B 4 3.92 2.85 -0.48
HE2 M3L B 4 4.62 3.00 2.07
HE3 M3L B 4 5.73 4.26 1.53
HM11 M3L B 4 3.09 6.37 2.51
HM12 M3L B 4 3.92 5.06 3.39
HM13 M3L B 4 4.86 6.15 2.35
HM21 M3L B 4 1.59 4.78 1.58
HM22 M3L B 4 2.20 3.33 0.73
HM23 M3L B 4 2.42 3.50 2.49
HM31 M3L B 4 2.83 6.27 0.16
HM32 M3L B 4 4.59 6.10 -0.02
HM33 M3L B 4 3.50 4.91 -0.77
N GLN B 5 6.11 -1.83 2.86
CA GLN B 5 5.93 -2.30 4.22
C GLN B 5 6.97 -1.70 5.18
N THR B 6 6.65 -1.74 6.46
CA THR B 6 7.53 -1.22 7.51
C THR B 6 7.77 -2.29 8.57
N ALA B 7 8.74 -2.06 9.45
CA ALA B 7 9.05 -3.01 10.51
C ALA B 7 7.79 -3.38 11.29
N ARG B 8 7.76 -4.62 11.81
CA ARG B 8 6.61 -5.10 12.57
C ARG B 8 6.76 -4.78 14.06
N LYS B 9 6.25 -3.64 14.47
CA LYS B 9 6.32 -3.22 15.87
C LYS B 9 5.55 -4.19 16.76
N SER B 10 4.48 -4.77 16.22
CA SER B 10 3.66 -5.71 16.99
C SER B 10 4.48 -6.87 17.51
N THR B 11 5.50 -7.26 16.76
CA THR B 11 6.36 -8.38 17.15
C THR B 11 5.74 -9.71 16.75
N GLY B 12 6.57 -10.76 16.76
CA GLY B 12 6.10 -12.09 16.39
C GLY B 12 4.94 -12.54 17.28
N GLY B 13 4.91 -12.03 18.52
CA GLY B 13 3.85 -12.40 19.45
C GLY B 13 2.51 -12.54 18.75
N LYS B 14 1.71 -13.51 19.18
CA LYS B 14 0.39 -13.75 18.58
C LYS B 14 -0.66 -13.94 19.67
N ALA B 15 -1.93 -13.80 19.28
CA ALA B 15 -3.03 -13.96 20.24
C ALA B 15 -2.71 -13.26 21.55
ZN ZN C . -2.62 -2.00 -8.39
ZN ZN D . -6.82 2.80 4.47
N GLY A 1 13.32 13.71 -5.98
CA GLY A 1 12.93 12.95 -4.77
C GLY A 1 11.49 12.48 -4.90
N PRO A 2 11.09 11.56 -4.06
CA PRO A 2 9.71 10.98 -4.07
C PRO A 2 8.66 12.06 -3.80
N LEU A 3 9.11 13.23 -3.38
CA LEU A 3 8.21 14.33 -3.08
C LEU A 3 7.69 14.98 -4.36
N GLY A 4 6.44 15.46 -4.32
CA GLY A 4 5.83 16.11 -5.48
C GLY A 4 4.77 15.22 -6.10
N SER A 5 3.66 15.03 -5.38
CA SER A 5 2.56 14.21 -5.87
C SER A 5 1.31 15.05 -6.11
N ASP A 6 0.65 14.82 -7.25
CA ASP A 6 -0.56 15.57 -7.59
C ASP A 6 -1.81 14.75 -7.32
N THR A 7 -1.65 13.67 -6.56
CA THR A 7 -2.79 12.80 -6.24
C THR A 7 -3.14 12.87 -4.76
N LYS A 8 -4.28 12.27 -4.42
CA LYS A 8 -4.74 12.25 -3.03
C LYS A 8 -3.87 11.34 -2.18
N LEU A 9 -4.28 11.16 -0.93
CA LEU A 9 -3.54 10.33 0.01
C LEU A 9 -3.42 8.89 -0.49
N TYR A 10 -2.67 8.09 0.24
CA TYR A 10 -2.44 6.69 -0.12
C TYR A 10 -3.70 5.84 -0.02
N CYS A 11 -3.72 4.98 0.99
CA CYS A 11 -4.81 4.05 1.21
C CYS A 11 -6.16 4.65 0.85
N ILE A 12 -6.88 3.84 0.09
CA ILE A 12 -8.20 4.19 -0.39
C ILE A 12 -9.05 4.71 0.76
N CYS A 13 -8.49 4.62 1.96
CA CYS A 13 -9.14 5.08 3.18
C CYS A 13 -8.76 6.54 3.43
N LYS A 14 -8.16 7.16 2.42
CA LYS A 14 -7.75 8.56 2.49
C LYS A 14 -7.03 8.91 3.81
N THR A 15 -5.74 8.55 3.89
CA THR A 15 -4.94 8.86 5.08
C THR A 15 -3.46 9.07 4.71
N PRO A 16 -2.78 9.97 5.40
CA PRO A 16 -1.33 10.25 5.15
C PRO A 16 -0.43 9.11 5.60
N TYR A 17 0.86 9.19 5.25
CA TYR A 17 1.79 8.14 5.62
C TYR A 17 2.01 8.13 7.12
N ASP A 18 1.98 6.95 7.67
CA ASP A 18 2.20 6.76 9.09
C ASP A 18 3.05 5.51 9.30
N GLU A 19 4.26 5.70 9.80
CA GLU A 19 5.16 4.58 10.03
C GLU A 19 4.49 3.57 10.96
N SER A 20 3.22 3.82 11.25
CA SER A 20 2.44 2.94 12.10
C SER A 20 1.46 2.18 11.23
N LYS A 21 1.55 2.47 9.93
CA LYS A 21 0.72 1.86 8.93
C LYS A 21 1.60 1.27 7.88
N PHE A 22 1.33 0.04 7.52
CA PHE A 22 2.14 -0.62 6.52
C PHE A 22 1.39 -0.71 5.23
N TYR A 23 2.14 -0.63 4.16
CA TYR A 23 1.55 -0.61 2.85
C TYR A 23 2.02 -1.66 1.90
N ILE A 24 1.33 -1.61 0.79
CA ILE A 24 1.57 -2.45 -0.37
C ILE A 24 1.29 -1.58 -1.59
N GLY A 25 2.22 -1.56 -2.56
CA GLY A 25 2.02 -0.71 -3.73
C GLY A 25 1.32 -1.39 -4.90
N CYS A 26 0.22 -0.76 -5.34
CA CYS A 26 -0.56 -1.23 -6.47
C CYS A 26 0.42 -1.50 -7.63
N ASP A 27 0.60 -2.77 -7.99
CA ASP A 27 1.53 -3.11 -9.06
C ASP A 27 1.06 -2.50 -10.36
N ARG A 28 -0.25 -2.47 -10.52
CA ARG A 28 -0.85 -1.92 -11.72
C ARG A 28 -1.39 -0.52 -11.45
N CYS A 29 -1.73 -0.21 -10.19
CA CYS A 29 -2.24 1.11 -9.87
C CYS A 29 -1.08 2.03 -9.49
N GLN A 30 -0.02 1.44 -8.92
CA GLN A 30 1.18 2.18 -8.52
C GLN A 30 1.00 2.96 -7.21
N ASN A 31 0.03 2.58 -6.36
CA ASN A 31 -0.15 3.29 -5.11
C ASN A 31 -0.34 2.37 -3.93
N TRP A 32 -0.34 2.96 -2.75
CA TRP A 32 -0.38 2.21 -1.51
C TRP A 32 -1.61 2.36 -0.65
N TYR A 33 -1.90 1.27 0.06
CA TYR A 33 -2.95 1.30 1.07
C TYR A 33 -2.51 0.51 2.29
N HIS A 34 -3.06 0.83 3.47
CA HIS A 34 -2.75 0.06 4.64
C HIS A 34 -3.38 -1.30 4.40
N GLY A 35 -2.71 -2.35 4.80
CA GLY A 35 -3.25 -3.67 4.55
C GLY A 35 -4.74 -3.74 4.82
N ARG A 36 -5.14 -3.37 6.02
CA ARG A 36 -6.55 -3.41 6.35
C ARG A 36 -7.26 -2.24 5.69
N CYS A 37 -6.50 -1.24 5.26
CA CYS A 37 -7.13 -0.11 4.60
C CYS A 37 -8.04 -0.63 3.50
N VAL A 38 -7.66 -1.79 2.97
CA VAL A 38 -8.43 -2.42 1.91
C VAL A 38 -8.94 -3.79 2.35
N GLY A 39 -8.77 -4.10 3.63
CA GLY A 39 -9.23 -5.36 4.18
C GLY A 39 -8.34 -6.52 3.78
N ILE A 40 -7.03 -6.33 3.91
CA ILE A 40 -6.07 -7.37 3.54
C ILE A 40 -5.35 -7.88 4.78
N LEU A 41 -4.63 -9.00 4.62
CA LEU A 41 -3.89 -9.58 5.74
C LEU A 41 -2.84 -8.59 6.23
N GLN A 42 -2.32 -8.86 7.40
CA GLN A 42 -1.32 -8.00 8.02
C GLN A 42 0.04 -8.24 7.39
N SER A 43 0.47 -9.49 7.43
CA SER A 43 1.75 -9.86 6.84
C SER A 43 1.66 -9.77 5.33
N GLU A 44 0.43 -9.69 4.83
CA GLU A 44 0.19 -9.63 3.40
C GLU A 44 1.18 -8.71 2.73
N ALA A 45 1.77 -7.83 3.50
CA ALA A 45 2.75 -6.91 2.95
C ALA A 45 4.05 -7.64 2.60
N GLU A 46 4.54 -8.47 3.51
CA GLU A 46 5.81 -9.20 3.28
C GLU A 46 5.64 -10.55 2.58
N LEU A 47 4.65 -11.32 3.00
CA LEU A 47 4.45 -12.66 2.42
C LEU A 47 4.29 -12.64 0.92
N ILE A 48 3.85 -11.53 0.37
CA ILE A 48 3.66 -11.44 -1.07
C ILE A 48 4.96 -11.06 -1.74
N ASP A 49 4.93 -11.11 -3.05
CA ASP A 49 6.08 -10.80 -3.85
C ASP A 49 5.64 -10.49 -5.28
N GLU A 50 4.36 -10.17 -5.38
CA GLU A 50 3.73 -9.84 -6.64
C GLU A 50 2.39 -9.21 -6.30
N TYR A 51 2.40 -8.46 -5.20
CA TYR A 51 1.19 -7.80 -4.74
C TYR A 51 0.74 -6.74 -5.69
N VAL A 52 -0.56 -6.60 -5.75
CA VAL A 52 -1.18 -5.59 -6.57
C VAL A 52 -2.32 -4.95 -5.79
N CYS A 53 -2.72 -3.78 -6.21
CA CYS A 53 -3.76 -3.10 -5.54
C CYS A 53 -5.08 -3.64 -5.98
N PRO A 54 -6.06 -3.46 -5.19
CA PRO A 54 -7.40 -3.96 -5.49
C PRO A 54 -8.13 -3.00 -6.42
N GLN A 55 -7.70 -1.74 -6.40
CA GLN A 55 -8.29 -0.74 -7.27
C GLN A 55 -7.77 -0.95 -8.69
N CYS A 56 -6.50 -1.34 -8.78
CA CYS A 56 -5.90 -1.60 -10.07
C CYS A 56 -6.25 -3.00 -10.56
N GLN A 57 -6.59 -3.88 -9.61
CA GLN A 57 -6.93 -5.26 -9.95
C GLN A 57 -8.05 -5.29 -10.98
N SER A 58 -9.03 -4.39 -10.83
CA SER A 58 -10.14 -4.33 -11.76
C SER A 58 -9.64 -4.07 -13.18
N THR A 59 -8.60 -3.25 -13.29
CA THR A 59 -8.04 -2.92 -14.59
C THR A 59 -7.43 -4.15 -15.26
N GLU A 60 -6.90 -5.06 -14.44
CA GLU A 60 -6.28 -6.27 -14.96
C GLU A 60 -7.25 -7.08 -15.83
N ASP A 61 -8.53 -7.05 -15.48
CA ASP A 61 -9.52 -7.80 -16.24
C ASP A 61 -9.78 -7.14 -17.60
N ALA A 62 -10.48 -7.85 -18.48
CA ALA A 62 -10.77 -7.33 -19.81
C ALA A 62 -12.10 -6.57 -19.80
N ALA B 1 7.12 -6.58 -7.55
CA ALA B 1 6.23 -6.27 -6.38
C ALA B 1 6.82 -5.10 -5.61
N ARG B 2 6.21 -3.92 -5.76
CA ARG B 2 6.70 -2.75 -5.04
C ARG B 2 5.92 -2.54 -3.75
N THR B 3 6.02 -3.52 -2.85
CA THR B 3 5.37 -3.43 -1.56
C THR B 3 6.08 -2.37 -0.73
N M3L B 4 5.32 -1.60 0.04
CA M3L B 4 5.92 -0.56 0.86
CB M3L B 4 5.04 0.70 0.77
CG M3L B 4 5.79 1.87 0.09
CD M3L B 4 5.35 3.17 0.75
CE M3L B 4 3.82 3.31 0.65
NZ M3L B 4 3.34 4.62 1.24
C M3L B 4 6.04 -1.03 2.30
O M3L B 4 5.05 -1.39 2.94
CM1 M3L B 4 4.04 4.86 2.52
CM2 M3L B 4 1.87 4.55 1.51
CM3 M3L B 4 3.62 5.73 0.29
H2 M3L B 4 4.31 -1.75 0.06
HA M3L B 4 6.92 -0.35 0.48
HB2 M3L B 4 4.14 0.52 0.20
HB3 M3L B 4 4.74 1.05 1.75
HG2 M3L B 4 6.86 1.72 0.22
HG3 M3L B 4 5.54 1.87 -0.97
HD2 M3L B 4 5.64 3.17 1.80
HD3 M3L B 4 5.83 4.01 0.25
HE2 M3L B 4 3.49 3.30 -0.39
HE3 M3L B 4 3.30 2.52 1.17
HM11 M3L B 4 3.70 5.80 2.94
HM12 M3L B 4 3.83 4.05 3.21
HM13 M3L B 4 5.11 4.92 2.34
HM21 M3L B 4 1.53 5.49 1.95
HM22 M3L B 4 1.33 4.36 0.58
HM23 M3L B 4 1.66 3.74 2.21
HM31 M3L B 4 3.27 6.68 0.73
HM32 M3L B 4 4.69 5.80 0.10
HM33 M3L B 4 3.09 5.56 -0.65
N GLN B 5 7.27 -1.01 2.83
CA GLN B 5 7.51 -1.44 4.20
C GLN B 5 7.59 -0.24 5.13
N THR B 6 7.47 -0.50 6.44
CA THR B 6 7.53 0.57 7.44
C THR B 6 8.52 0.22 8.54
N ALA B 7 9.10 1.25 9.14
CA ALA B 7 10.08 1.06 10.22
C ALA B 7 10.10 2.28 11.14
N ARG B 8 10.54 2.08 12.38
CA ARG B 8 10.59 3.17 13.35
C ARG B 8 11.82 3.03 14.24
N LYS B 9 12.78 2.21 13.81
CA LYS B 9 14.00 1.99 14.56
C LYS B 9 13.72 1.96 16.07
N SER B 10 12.52 1.48 16.43
CA SER B 10 12.13 1.40 17.83
C SER B 10 11.25 0.18 18.06
N THR B 11 10.22 0.04 17.23
CA THR B 11 9.31 -1.10 17.36
C THR B 11 10.02 -2.41 17.07
N GLY B 12 10.92 -2.37 16.08
CA GLY B 12 11.67 -3.57 15.70
C GLY B 12 12.89 -3.74 16.60
N GLY B 13 13.68 -4.78 16.32
CA GLY B 13 14.88 -5.06 17.11
C GLY B 13 14.53 -5.86 18.37
N LYS B 14 13.34 -6.44 18.37
CA LYS B 14 12.89 -7.24 19.51
C LYS B 14 12.78 -6.35 20.75
N ALA B 15 12.11 -5.22 20.61
CA ALA B 15 11.93 -4.30 21.73
C ALA B 15 10.72 -4.68 22.56
ZN ZN C . -2.70 -1.92 -8.40
ZN ZN D . -7.36 2.41 2.96
N GLY A 1 -16.24 4.21 2.84
CA GLY A 1 -15.15 4.46 1.86
C GLY A 1 -15.49 5.70 1.04
N PRO A 2 -15.35 6.86 1.63
CA PRO A 2 -15.65 8.16 0.94
C PRO A 2 -14.90 8.29 -0.39
N LEU A 3 -15.58 8.82 -1.39
CA LEU A 3 -14.98 9.00 -2.70
C LEU A 3 -14.62 10.47 -2.93
N GLY A 4 -13.48 10.70 -3.58
CA GLY A 4 -13.04 12.07 -3.86
C GLY A 4 -11.58 12.10 -4.28
N SER A 5 -11.35 12.34 -5.57
CA SER A 5 -9.99 12.38 -6.10
C SER A 5 -9.37 13.76 -5.84
N ASP A 6 -10.17 14.68 -5.31
CA ASP A 6 -9.69 16.02 -5.03
C ASP A 6 -8.48 15.97 -4.10
N THR A 7 -8.51 15.05 -3.14
CA THR A 7 -7.40 14.91 -2.19
C THR A 7 -6.33 13.99 -2.75
N LYS A 8 -5.13 14.08 -2.17
CA LYS A 8 -4.01 13.25 -2.61
C LYS A 8 -3.49 12.41 -1.46
N LEU A 9 -3.84 11.14 -1.43
CA LEU A 9 -3.36 10.28 -0.37
C LEU A 9 -3.09 8.85 -0.84
N TYR A 10 -2.76 8.00 0.11
CA TYR A 10 -2.45 6.61 -0.18
C TYR A 10 -3.71 5.76 -0.12
N CYS A 11 -3.76 4.91 0.89
CA CYS A 11 -4.88 4.01 1.09
C CYS A 11 -6.19 4.65 0.72
N ILE A 12 -6.94 3.87 -0.04
CA ILE A 12 -8.24 4.26 -0.52
C ILE A 12 -9.07 4.86 0.61
N CYS A 13 -8.52 4.82 1.81
CA CYS A 13 -9.17 5.36 3.00
C CYS A 13 -8.87 6.85 3.13
N LYS A 14 -7.71 7.30 2.63
CA LYS A 14 -7.32 8.71 2.68
C LYS A 14 -6.65 9.07 4.01
N THR A 15 -5.37 8.72 4.15
CA THR A 15 -4.63 9.04 5.37
C THR A 15 -3.12 9.18 5.10
N PRO A 16 -2.45 10.05 5.82
CA PRO A 16 -0.97 10.29 5.67
C PRO A 16 -0.14 9.03 5.93
N TYR A 17 1.04 8.96 5.32
CA TYR A 17 1.90 7.81 5.51
C TYR A 17 2.40 7.75 6.94
N ASP A 18 2.15 6.65 7.60
CA ASP A 18 2.59 6.47 8.97
C ASP A 18 3.24 5.11 9.14
N GLU A 19 4.39 5.10 9.79
CA GLU A 19 5.09 3.85 10.03
C GLU A 19 4.24 2.97 10.93
N SER A 20 3.05 3.48 11.26
CA SER A 20 2.11 2.74 12.09
C SER A 20 1.12 2.05 11.18
N LYS A 21 1.25 2.41 9.91
CA LYS A 21 0.42 1.88 8.86
C LYS A 21 1.34 1.27 7.83
N PHE A 22 1.04 0.07 7.41
CA PHE A 22 1.89 -0.58 6.45
C PHE A 22 1.19 -0.69 5.13
N TYR A 23 1.94 -0.45 4.09
CA TYR A 23 1.40 -0.43 2.76
C TYR A 23 1.93 -1.48 1.84
N ILE A 24 1.28 -1.45 0.70
CA ILE A 24 1.57 -2.32 -0.43
C ILE A 24 1.29 -1.50 -1.69
N GLY A 25 2.21 -1.52 -2.67
CA GLY A 25 2.02 -0.73 -3.88
C GLY A 25 1.33 -1.49 -5.03
N CYS A 26 0.26 -0.88 -5.55
CA CYS A 26 -0.50 -1.40 -6.68
C CYS A 26 0.44 -1.58 -7.86
N ASP A 27 0.66 -2.82 -8.30
CA ASP A 27 1.56 -3.06 -9.42
C ASP A 27 1.18 -2.18 -10.61
N ARG A 28 -0.12 -1.93 -10.78
CA ARG A 28 -0.60 -1.10 -11.89
C ARG A 28 -1.04 0.28 -11.39
N CYS A 29 -1.61 0.31 -10.19
CA CYS A 29 -2.10 1.56 -9.62
C CYS A 29 -0.97 2.30 -8.93
N GLN A 30 0.22 1.71 -8.98
CA GLN A 30 1.43 2.28 -8.39
C GLN A 30 1.15 3.09 -7.13
N ASN A 31 0.16 2.68 -6.34
CA ASN A 31 -0.14 3.39 -5.11
C ASN A 31 -0.31 2.43 -3.96
N TRP A 32 -0.37 2.99 -2.75
CA TRP A 32 -0.41 2.15 -1.56
C TRP A 32 -1.61 2.33 -0.66
N TYR A 33 -1.98 1.26 -0.01
CA TYR A 33 -3.03 1.31 1.00
C TYR A 33 -2.62 0.51 2.23
N HIS A 34 -3.23 0.82 3.37
CA HIS A 34 -2.97 0.07 4.57
C HIS A 34 -3.59 -1.28 4.34
N GLY A 35 -2.92 -2.33 4.73
CA GLY A 35 -3.47 -3.64 4.51
C GLY A 35 -4.94 -3.70 4.88
N ARG A 36 -5.28 -3.08 6.00
CA ARG A 36 -6.66 -3.06 6.44
C ARG A 36 -7.41 -1.99 5.68
N CYS A 37 -6.67 -1.02 5.14
CA CYS A 37 -7.31 0.04 4.40
C CYS A 37 -8.20 -0.58 3.33
N VAL A 38 -7.83 -1.80 2.92
CA VAL A 38 -8.58 -2.51 1.90
C VAL A 38 -9.00 -3.90 2.40
N GLY A 39 -8.81 -4.14 3.69
CA GLY A 39 -9.20 -5.41 4.29
C GLY A 39 -8.29 -6.55 3.87
N ILE A 40 -6.99 -6.32 3.92
CA ILE A 40 -6.03 -7.34 3.55
C ILE A 40 -5.31 -7.87 4.79
N LEU A 41 -4.60 -8.99 4.63
CA LEU A 41 -3.86 -9.55 5.75
C LEU A 41 -2.83 -8.55 6.24
N GLN A 42 -2.32 -8.81 7.43
CA GLN A 42 -1.34 -7.92 8.06
C GLN A 42 0.04 -8.13 7.47
N SER A 43 0.51 -9.36 7.53
CA SER A 43 1.82 -9.69 7.00
C SER A 43 1.76 -9.65 5.49
N GLU A 44 0.54 -9.64 4.96
CA GLU A 44 0.35 -9.64 3.52
C GLU A 44 1.30 -8.67 2.85
N ALA A 45 1.82 -7.75 3.62
CA ALA A 45 2.75 -6.78 3.06
C ALA A 45 4.07 -7.44 2.66
N GLU A 46 4.65 -8.22 3.58
CA GLU A 46 5.94 -8.88 3.32
C GLU A 46 5.83 -10.25 2.64
N LEU A 47 4.91 -11.08 3.11
CA LEU A 47 4.76 -12.43 2.57
C LEU A 47 4.55 -12.44 1.07
N ILE A 48 4.06 -11.35 0.52
CA ILE A 48 3.82 -11.29 -0.92
C ILE A 48 5.09 -10.87 -1.63
N ASP A 49 5.03 -10.94 -2.94
CA ASP A 49 6.16 -10.61 -3.77
C ASP A 49 5.69 -10.34 -5.18
N GLU A 50 4.38 -10.30 -5.32
CA GLU A 50 3.71 -10.03 -6.58
C GLU A 50 2.41 -9.33 -6.24
N TYR A 51 2.48 -8.50 -5.21
CA TYR A 51 1.32 -7.79 -4.73
C TYR A 51 0.82 -6.77 -5.72
N VAL A 52 -0.49 -6.65 -5.71
CA VAL A 52 -1.19 -5.69 -6.55
C VAL A 52 -2.29 -5.05 -5.74
N CYS A 53 -2.72 -3.88 -6.15
CA CYS A 53 -3.76 -3.21 -5.48
C CYS A 53 -5.05 -3.87 -5.82
N PRO A 54 -6.03 -3.66 -5.03
CA PRO A 54 -7.34 -4.28 -5.24
C PRO A 54 -8.16 -3.52 -6.27
N GLN A 55 -7.85 -2.24 -6.42
CA GLN A 55 -8.51 -1.41 -7.42
C GLN A 55 -7.88 -1.70 -8.77
N CYS A 56 -6.61 -2.08 -8.71
CA CYS A 56 -5.84 -2.41 -9.90
C CYS A 56 -6.46 -3.60 -10.62
N GLN A 57 -6.96 -4.55 -9.83
CA GLN A 57 -7.55 -5.76 -10.38
C GLN A 57 -8.76 -5.44 -11.26
N SER A 58 -9.42 -4.33 -10.97
CA SER A 58 -10.60 -3.94 -11.73
C SER A 58 -10.29 -3.81 -13.23
N THR A 59 -9.10 -3.31 -13.56
CA THR A 59 -8.72 -3.13 -14.97
C THR A 59 -7.68 -4.16 -15.42
N GLU A 60 -6.63 -4.35 -14.62
CA GLU A 60 -5.57 -5.29 -14.96
C GLU A 60 -4.95 -4.94 -16.31
N ASP A 61 -3.62 -4.92 -16.36
CA ASP A 61 -2.91 -4.60 -17.58
C ASP A 61 -3.35 -3.25 -18.13
N ALA A 62 -3.44 -2.26 -17.25
CA ALA A 62 -3.87 -0.93 -17.65
C ALA A 62 -5.27 -0.96 -18.23
N ALA B 1 7.36 -6.73 -7.10
CA ALA B 1 6.33 -6.17 -6.18
C ALA B 1 6.94 -5.07 -5.34
N ARG B 2 6.46 -3.84 -5.54
CA ARG B 2 6.97 -2.71 -4.77
C ARG B 2 6.09 -2.49 -3.53
N THR B 3 6.21 -3.39 -2.57
CA THR B 3 5.45 -3.28 -1.34
C THR B 3 5.98 -2.11 -0.53
N M3L B 4 5.08 -1.36 0.10
CA M3L B 4 5.49 -0.21 0.88
CB M3L B 4 4.64 1.00 0.46
CG M3L B 4 5.49 2.08 -0.22
CD M3L B 4 5.26 3.43 0.48
CE M3L B 4 3.86 3.96 0.17
NZ M3L B 4 3.39 4.87 1.27
C M3L B 4 5.29 -0.53 2.38
O M3L B 4 4.17 -0.47 2.89
CM1 M3L B 4 4.37 5.98 1.41
CM2 M3L B 4 3.25 4.10 2.54
CM3 M3L B 4 2.07 5.46 0.93
H2 M3L B 4 4.09 -1.60 0.02
HA M3L B 4 6.54 -0.01 0.70
HB2 M3L B 4 3.86 0.72 -0.24
HB3 M3L B 4 4.15 1.47 1.32
HG2 M3L B 4 6.54 1.81 -0.17
HG3 M3L B 4 5.20 2.17 -1.28
HD2 M3L B 4 5.37 3.31 1.56
HD3 M3L B 4 6.00 4.15 0.14
HE2 M3L B 4 3.86 4.51 -0.77
HE3 M3L B 4 3.16 3.13 0.08
HM11 M3L B 4 4.04 6.65 2.22
HM12 M3L B 4 5.35 5.57 1.67
HM13 M3L B 4 4.44 6.54 0.49
HM21 M3L B 4 2.92 4.76 3.33
HM22 M3L B 4 2.53 3.30 2.40
HM23 M3L B 4 4.22 3.67 2.81
HM31 M3L B 4 1.76 6.11 1.74
HM32 M3L B 4 2.15 6.02 0.00
HM33 M3L B 4 1.34 4.65 0.80
N GLN B 5 6.38 -0.88 3.05
CA GLN B 5 6.30 -1.23 4.47
C GLN B 5 7.41 -0.55 5.28
N THR B 6 7.31 -0.62 6.60
CA THR B 6 8.30 -0.01 7.47
C THR B 6 9.54 -0.90 7.56
N ALA B 7 9.63 -1.85 6.65
CA ALA B 7 10.77 -2.76 6.61
C ALA B 7 10.93 -3.52 7.94
N ARG B 8 11.14 -4.83 7.85
CA ARG B 8 11.31 -5.66 9.04
C ARG B 8 12.51 -6.58 8.87
N LYS B 9 13.71 -6.00 8.93
CA LYS B 9 14.94 -6.77 8.79
C LYS B 9 15.01 -7.87 9.85
N SER B 10 14.40 -7.61 11.01
CA SER B 10 14.41 -8.59 12.10
C SER B 10 13.91 -9.94 11.62
N THR B 11 13.04 -9.93 10.61
CA THR B 11 12.50 -11.17 10.07
C THR B 11 13.52 -11.85 9.15
N GLY B 12 13.68 -13.15 9.30
CA GLY B 12 14.63 -13.90 8.48
C GLY B 12 14.59 -15.39 8.82
N GLY B 13 15.52 -16.14 8.24
CA GLY B 13 15.59 -17.57 8.48
C GLY B 13 16.96 -18.12 8.13
N LYS B 14 17.11 -19.44 8.20
CA LYS B 14 18.38 -20.08 7.89
C LYS B 14 19.46 -19.63 8.86
N ALA B 15 19.21 -19.81 10.15
CA ALA B 15 20.16 -19.41 11.18
C ALA B 15 20.41 -17.91 11.12
ZN ZN C . -4.55 -0.79 -7.89
ZN ZN D . -7.58 2.64 2.91
N GLY A 1 10.78 14.27 1.00
CA GLY A 1 9.39 14.28 1.56
C GLY A 1 8.92 15.73 1.69
N PRO A 2 9.46 16.45 2.63
CA PRO A 2 9.08 17.88 2.88
C PRO A 2 9.36 18.75 1.66
N LEU A 3 10.21 18.27 0.77
CA LEU A 3 10.55 19.01 -0.44
C LEU A 3 9.28 19.34 -1.23
N GLY A 4 8.36 18.39 -1.27
CA GLY A 4 7.10 18.59 -1.98
C GLY A 4 6.32 17.28 -2.08
N SER A 5 5.16 17.35 -2.72
CA SER A 5 4.32 16.16 -2.89
C SER A 5 2.99 16.53 -3.54
N ASP A 6 2.95 16.44 -4.86
CA ASP A 6 1.73 16.77 -5.60
C ASP A 6 0.84 15.53 -5.74
N THR A 7 1.23 14.45 -5.07
CA THR A 7 0.46 13.22 -5.12
C THR A 7 -0.68 13.25 -4.11
N LYS A 8 -1.65 12.36 -4.30
CA LYS A 8 -2.81 12.29 -3.41
C LYS A 8 -2.54 11.28 -2.28
N LEU A 9 -3.54 11.07 -1.42
CA LEU A 9 -3.40 10.17 -0.29
C LEU A 9 -3.10 8.74 -0.75
N TYR A 10 -2.70 7.90 0.20
CA TYR A 10 -2.38 6.52 -0.09
C TYR A 10 -3.63 5.65 -0.04
N CYS A 11 -3.70 4.81 0.98
CA CYS A 11 -4.81 3.90 1.15
C CYS A 11 -6.12 4.54 0.76
N ILE A 12 -6.86 3.77 -0.02
CA ILE A 12 -8.15 4.17 -0.52
C ILE A 12 -9.01 4.72 0.61
N CYS A 13 -8.48 4.62 1.83
CA CYS A 13 -9.16 5.11 3.02
C CYS A 13 -8.96 6.62 3.17
N LYS A 14 -7.84 7.14 2.65
CA LYS A 14 -7.54 8.59 2.70
C LYS A 14 -6.84 9.00 4.00
N THR A 15 -5.53 8.74 4.09
CA THR A 15 -4.77 9.13 5.29
C THR A 15 -3.28 9.29 4.95
N PRO A 16 -2.59 10.17 5.63
CA PRO A 16 -1.13 10.44 5.41
C PRO A 16 -0.26 9.25 5.83
N TYR A 17 1.01 9.26 5.43
CA TYR A 17 1.91 8.17 5.76
C TYR A 17 2.15 8.11 7.26
N ASP A 18 2.10 6.91 7.77
CA ASP A 18 2.33 6.69 9.18
C ASP A 18 3.17 5.44 9.35
N GLU A 19 4.38 5.61 9.84
CA GLU A 19 5.27 4.47 10.04
C GLU A 19 4.59 3.43 10.92
N SER A 20 3.32 3.70 11.24
CA SER A 20 2.52 2.79 12.04
C SER A 20 1.59 2.02 11.13
N LYS A 21 1.59 2.43 9.86
CA LYS A 21 0.77 1.80 8.86
C LYS A 21 1.67 1.25 7.79
N PHE A 22 1.40 0.04 7.40
CA PHE A 22 2.21 -0.60 6.38
C PHE A 22 1.41 -0.72 5.11
N TYR A 23 2.09 -0.50 4.02
CA TYR A 23 1.45 -0.51 2.74
C TYR A 23 1.95 -1.54 1.78
N ILE A 24 1.24 -1.53 0.68
CA ILE A 24 1.50 -2.38 -0.46
C ILE A 24 1.21 -1.57 -1.73
N GLY A 25 2.21 -1.45 -2.62
CA GLY A 25 2.01 -0.69 -3.85
C GLY A 25 1.57 -1.61 -4.99
N CYS A 26 0.40 -1.32 -5.55
CA CYS A 26 -0.16 -2.11 -6.63
C CYS A 26 0.44 -1.67 -7.97
N ASP A 27 1.20 -2.59 -8.55
CA ASP A 27 1.93 -2.35 -9.79
C ASP A 27 1.16 -1.51 -10.81
N ARG A 28 -0.14 -1.72 -10.95
CA ARG A 28 -0.92 -0.96 -11.93
C ARG A 28 -1.72 0.13 -11.24
N CYS A 29 -1.75 0.09 -9.91
CA CYS A 29 -2.47 1.07 -9.13
C CYS A 29 -1.47 2.10 -8.59
N GLN A 30 -0.20 1.84 -8.87
CA GLN A 30 0.91 2.72 -8.51
C GLN A 30 0.74 3.37 -7.14
N ASN A 31 -0.16 2.89 -6.29
CA ASN A 31 -0.32 3.51 -5.00
C ASN A 31 -0.39 2.50 -3.88
N TRP A 32 -0.32 3.01 -2.67
CA TRP A 32 -0.25 2.17 -1.48
C TRP A 32 -1.44 2.29 -0.55
N TYR A 33 -1.84 1.19 0.04
CA TYR A 33 -2.90 1.20 1.03
C TYR A 33 -2.50 0.46 2.29
N HIS A 34 -3.01 0.90 3.45
CA HIS A 34 -2.73 0.16 4.65
C HIS A 34 -3.35 -1.21 4.42
N GLY A 35 -2.70 -2.25 4.87
CA GLY A 35 -3.23 -3.57 4.63
C GLY A 35 -4.73 -3.63 4.84
N ARG A 36 -5.16 -3.30 6.04
CA ARG A 36 -6.58 -3.33 6.35
C ARG A 36 -7.29 -2.21 5.60
N CYS A 37 -6.55 -1.20 5.18
CA CYS A 37 -7.17 -0.10 4.47
C CYS A 37 -8.03 -0.67 3.34
N VAL A 38 -7.60 -1.82 2.82
CA VAL A 38 -8.32 -2.47 1.74
C VAL A 38 -8.83 -3.83 2.18
N GLY A 39 -8.74 -4.09 3.49
CA GLY A 39 -9.21 -5.35 4.05
C GLY A 39 -8.29 -6.51 3.73
N ILE A 40 -6.99 -6.30 3.90
CA ILE A 40 -6.02 -7.35 3.61
C ILE A 40 -5.31 -7.78 4.89
N LEU A 41 -4.61 -8.91 4.79
CA LEU A 41 -3.86 -9.45 5.92
C LEU A 41 -2.74 -8.52 6.32
N GLN A 42 -2.20 -8.78 7.50
CA GLN A 42 -1.11 -7.97 8.02
C GLN A 42 0.19 -8.39 7.38
N SER A 43 0.49 -9.66 7.51
CA SER A 43 1.71 -10.18 6.92
C SER A 43 1.68 -9.95 5.43
N GLU A 44 0.46 -9.90 4.90
CA GLU A 44 0.25 -9.72 3.48
C GLU A 44 1.20 -8.70 2.91
N ALA A 45 1.75 -7.87 3.76
CA ALA A 45 2.67 -6.86 3.29
C ALA A 45 3.97 -7.52 2.81
N GLU A 46 4.59 -8.33 3.67
CA GLU A 46 5.86 -8.98 3.33
C GLU A 46 5.73 -10.33 2.62
N LEU A 47 4.83 -11.18 3.09
CA LEU A 47 4.68 -12.52 2.53
C LEU A 47 4.43 -12.51 1.02
N ILE A 48 3.85 -11.44 0.50
CA ILE A 48 3.57 -11.39 -0.93
C ILE A 48 4.79 -10.90 -1.68
N ASP A 49 4.68 -10.99 -2.98
CA ASP A 49 5.76 -10.59 -3.86
C ASP A 49 5.21 -10.35 -5.25
N GLU A 50 3.88 -10.32 -5.30
CA GLU A 50 3.14 -10.08 -6.51
C GLU A 50 1.83 -9.43 -6.13
N TYR A 51 1.89 -8.60 -5.09
CA TYR A 51 0.70 -7.93 -4.59
C TYR A 51 0.18 -6.93 -5.59
N VAL A 52 -1.13 -6.78 -5.56
CA VAL A 52 -1.81 -5.85 -6.44
C VAL A 52 -2.89 -5.09 -5.68
N CYS A 53 -3.28 -3.94 -6.22
CA CYS A 53 -4.28 -3.11 -5.63
C CYS A 53 -5.59 -3.78 -5.80
N PRO A 54 -6.52 -3.35 -5.06
CA PRO A 54 -7.87 -3.90 -5.15
C PRO A 54 -8.61 -3.23 -6.29
N GLN A 55 -8.15 -2.02 -6.63
CA GLN A 55 -8.72 -1.26 -7.73
C GLN A 55 -8.01 -1.60 -9.04
N CYS A 56 -6.68 -1.40 -9.08
CA CYS A 56 -5.92 -1.66 -10.30
C CYS A 56 -5.84 -3.14 -10.66
N GLN A 57 -6.13 -4.03 -9.71
CA GLN A 57 -6.09 -5.46 -10.01
C GLN A 57 -6.97 -5.78 -11.23
N SER A 58 -8.16 -5.17 -11.28
CA SER A 58 -9.07 -5.41 -12.40
C SER A 58 -9.20 -4.18 -13.29
N THR A 59 -9.35 -3.02 -12.66
CA THR A 59 -9.50 -1.77 -13.41
C THR A 59 -8.18 -1.38 -14.09
N GLU A 60 -7.08 -1.97 -13.62
CA GLU A 60 -5.78 -1.67 -14.19
C GLU A 60 -5.63 -0.17 -14.42
N ASP A 61 -4.83 0.19 -15.43
CA ASP A 61 -4.62 1.60 -15.75
C ASP A 61 -5.95 2.31 -15.98
N ALA A 62 -6.89 1.60 -16.59
CA ALA A 62 -8.21 2.16 -16.87
C ALA A 62 -9.12 1.11 -17.49
N ALA B 1 7.41 -7.94 -5.26
CA ALA B 1 6.45 -6.86 -5.60
C ALA B 1 6.94 -5.54 -5.01
N ARG B 2 6.30 -4.45 -5.40
CA ARG B 2 6.67 -3.13 -4.91
C ARG B 2 5.96 -2.84 -3.58
N THR B 3 5.93 -3.84 -2.71
CA THR B 3 5.28 -3.68 -1.41
C THR B 3 5.85 -2.47 -0.69
N M3L B 4 4.97 -1.70 -0.05
CA M3L B 4 5.37 -0.52 0.68
CB M3L B 4 4.59 0.69 0.16
CG M3L B 4 5.54 1.87 -0.11
CD M3L B 4 4.73 3.18 -0.17
CE M3L B 4 4.74 3.85 1.21
NZ M3L B 4 3.59 4.82 1.36
C M3L B 4 5.10 -0.75 2.16
O M3L B 4 4.10 -0.28 2.71
CM1 M3L B 4 3.85 5.68 2.53
CM2 M3L B 4 2.33 4.09 1.60
CM3 M3L B 4 3.48 5.70 0.16
H2 M3L B 4 3.97 -1.95 -0.09
HA M3L B 4 6.45 -0.37 0.54
HB2 M3L B 4 4.08 0.45 -0.78
HB3 M3L B 4 3.85 1.02 0.88
HG2 M3L B 4 6.28 1.93 0.69
HG3 M3L B 4 6.05 1.72 -1.06
HD2 M3L B 4 5.18 3.85 -0.91
HD3 M3L B 4 3.71 2.96 -0.47
HE2 M3L B 4 4.66 3.13 2.01
HE3 M3L B 4 5.67 4.41 1.37
HM11 M3L B 4 3.03 6.39 2.64
HM12 M3L B 4 3.93 5.06 3.42
HM13 M3L B 4 4.78 6.22 2.38
HM21 M3L B 4 1.51 4.79 1.70
HM22 M3L B 4 2.12 3.42 0.77
HM23 M3L B 4 2.41 3.50 2.53
HM31 M3L B 4 2.65 6.38 0.29
HM32 M3L B 4 4.40 6.26 0.03
HM33 M3L B 4 3.31 5.08 -0.73
N GLN B 5 5.97 -1.53 2.81
CA GLN B 5 5.79 -1.86 4.22
C GLN B 5 6.83 -1.19 5.10
N THR B 6 6.57 -1.21 6.40
CA THR B 6 7.47 -0.60 7.37
C THR B 6 7.93 -1.64 8.39
N ALA B 7 9.07 -1.39 9.02
CA ALA B 7 9.61 -2.33 10.01
C ALA B 7 8.77 -2.31 11.28
N ARG B 8 8.58 -3.50 11.87
CA ARG B 8 7.80 -3.63 13.10
C ARG B 8 8.54 -4.51 14.11
N LYS B 9 8.13 -4.38 15.37
CA LYS B 9 8.76 -5.17 16.44
C LYS B 9 8.48 -6.65 16.23
N SER B 10 9.09 -7.48 17.09
CA SER B 10 8.90 -8.92 17.01
C SER B 10 9.38 -9.45 15.66
N THR B 11 10.68 -9.35 15.41
CA THR B 11 11.25 -9.82 14.16
C THR B 11 12.54 -10.61 14.42
N GLY B 12 12.91 -11.46 13.47
CA GLY B 12 14.11 -12.26 13.62
C GLY B 12 14.10 -13.44 12.66
N GLY B 13 13.30 -14.47 12.97
CA GLY B 13 13.23 -15.65 12.12
C GLY B 13 14.44 -16.54 12.32
N LYS B 14 14.79 -16.80 13.58
CA LYS B 14 15.94 -17.64 13.88
C LYS B 14 15.80 -19.01 13.23
N ALA B 15 14.56 -19.50 13.17
CA ALA B 15 14.29 -20.80 12.57
C ALA B 15 15.15 -21.88 13.21
ZN ZN C . -4.07 -2.60 -8.41
ZN ZN D . -7.50 2.38 2.92
N GLY A 1 -9.49 28.91 -6.66
CA GLY A 1 -9.56 27.64 -5.87
C GLY A 1 -8.14 27.18 -5.53
N PRO A 2 -7.51 27.82 -4.58
CA PRO A 2 -6.13 27.47 -4.15
C PRO A 2 -6.00 26.00 -3.79
N LEU A 3 -4.84 25.42 -4.08
CA LEU A 3 -4.60 24.01 -3.78
C LEU A 3 -4.78 23.74 -2.29
N GLY A 4 -4.36 24.71 -1.48
CA GLY A 4 -4.47 24.57 -0.02
C GLY A 4 -3.17 24.05 0.58
N SER A 5 -2.16 23.87 -0.27
CA SER A 5 -0.86 23.39 0.19
C SER A 5 -1.03 22.31 1.26
N ASP A 6 -0.98 21.05 0.83
CA ASP A 6 -1.13 19.93 1.76
C ASP A 6 -0.49 18.67 1.18
N THR A 7 -0.29 17.67 2.03
CA THR A 7 0.30 16.41 1.58
C THR A 7 -0.74 15.53 0.92
N LYS A 8 -0.29 14.53 0.18
CA LYS A 8 -1.22 13.63 -0.49
C LYS A 8 -1.57 12.45 0.39
N LEU A 9 -2.44 11.59 -0.11
CA LEU A 9 -2.89 10.43 0.64
C LEU A 9 -2.59 9.14 -0.12
N TYR A 10 -2.69 8.01 0.57
CA TYR A 10 -2.40 6.71 -0.03
C TYR A 10 -3.63 5.82 -0.09
N CYS A 11 -3.71 4.91 0.86
CA CYS A 11 -4.79 3.95 0.93
C CYS A 11 -6.12 4.55 0.53
N ILE A 12 -6.83 3.73 -0.23
CA ILE A 12 -8.13 4.06 -0.76
C ILE A 12 -9.02 4.65 0.34
N CYS A 13 -8.50 4.61 1.57
CA CYS A 13 -9.22 5.15 2.72
C CYS A 13 -9.02 6.65 2.84
N LYS A 14 -7.84 7.14 2.40
CA LYS A 14 -7.51 8.57 2.45
C LYS A 14 -6.85 8.96 3.77
N THR A 15 -5.55 8.70 3.89
CA THR A 15 -4.81 9.02 5.13
C THR A 15 -3.32 9.20 4.85
N PRO A 16 -2.69 10.17 5.49
CA PRO A 16 -1.21 10.42 5.31
C PRO A 16 -0.37 9.23 5.77
N TYR A 17 0.91 9.23 5.44
CA TYR A 17 1.76 8.12 5.81
C TYR A 17 2.08 8.12 7.29
N ASP A 18 1.93 6.95 7.88
CA ASP A 18 2.26 6.76 9.28
C ASP A 18 2.92 5.40 9.45
N GLU A 19 3.88 5.32 10.35
CA GLU A 19 4.57 4.06 10.57
C GLU A 19 3.66 3.10 11.32
N SER A 20 2.40 3.48 11.45
CA SER A 20 1.41 2.64 12.12
C SER A 20 0.65 1.84 11.09
N LYS A 21 1.01 2.07 9.83
CA LYS A 21 0.40 1.41 8.71
C LYS A 21 1.48 0.86 7.81
N PHE A 22 1.25 -0.33 7.32
CA PHE A 22 2.19 -0.91 6.40
C PHE A 22 1.50 -1.06 5.09
N TYR A 23 2.20 -0.70 4.04
CA TYR A 23 1.59 -0.71 2.74
C TYR A 23 2.08 -1.74 1.79
N ILE A 24 1.36 -1.71 0.71
CA ILE A 24 1.59 -2.58 -0.43
C ILE A 24 1.31 -1.78 -1.70
N GLY A 25 2.29 -1.74 -2.60
CA GLY A 25 2.13 -0.99 -3.85
C GLY A 25 1.58 -1.87 -4.97
N CYS A 26 0.40 -1.51 -5.44
CA CYS A 26 -0.28 -2.23 -6.52
C CYS A 26 0.48 -2.03 -7.83
N ASP A 27 0.86 -3.15 -8.45
CA ASP A 27 1.64 -3.13 -9.68
C ASP A 27 1.15 -2.13 -10.72
N ARG A 28 -0.15 -2.10 -10.99
CA ARG A 28 -0.68 -1.18 -12.00
C ARG A 28 -1.29 0.06 -11.33
N CYS A 29 -1.84 -0.12 -10.13
CA CYS A 29 -2.44 0.98 -9.42
C CYS A 29 -1.32 1.81 -8.78
N GLN A 30 -0.11 1.32 -9.06
CA GLN A 30 1.14 1.95 -8.64
C GLN A 30 1.08 2.72 -7.32
N ASN A 31 0.14 2.42 -6.42
CA ASN A 31 0.10 3.12 -5.14
C ASN A 31 -0.11 2.19 -3.97
N TRP A 32 0.05 2.75 -2.77
CA TRP A 32 -0.04 1.94 -1.55
C TRP A 32 -1.27 2.18 -0.71
N TYR A 33 -1.72 1.12 -0.04
CA TYR A 33 -2.82 1.24 0.90
C TYR A 33 -2.41 0.61 2.23
N HIS A 34 -2.97 1.11 3.35
CA HIS A 34 -2.66 0.49 4.62
C HIS A 34 -3.19 -0.92 4.51
N GLY A 35 -2.55 -1.85 5.16
CA GLY A 35 -2.99 -3.21 5.06
C GLY A 35 -4.49 -3.34 5.27
N ARG A 36 -4.97 -2.83 6.38
CA ARG A 36 -6.39 -2.90 6.67
C ARG A 36 -7.14 -1.89 5.85
N CYS A 37 -6.44 -0.90 5.34
CA CYS A 37 -7.11 0.10 4.54
C CYS A 37 -7.96 -0.61 3.50
N VAL A 38 -7.47 -1.75 3.04
CA VAL A 38 -8.17 -2.55 2.04
C VAL A 38 -8.53 -3.92 2.59
N GLY A 39 -8.55 -4.03 3.92
CA GLY A 39 -8.90 -5.29 4.59
C GLY A 39 -7.97 -6.41 4.17
N ILE A 40 -6.68 -6.14 4.17
CA ILE A 40 -5.70 -7.14 3.76
C ILE A 40 -5.00 -7.79 4.95
N LEU A 41 -4.28 -8.88 4.68
CA LEU A 41 -3.55 -9.60 5.70
C LEU A 41 -2.45 -8.73 6.31
N GLN A 42 -1.92 -9.18 7.42
CA GLN A 42 -0.88 -8.44 8.12
C GLN A 42 0.46 -8.67 7.43
N SER A 43 0.81 -9.93 7.28
CA SER A 43 2.04 -10.31 6.64
C SER A 43 1.96 -10.00 5.16
N GLU A 44 0.75 -9.75 4.68
CA GLU A 44 0.52 -9.45 3.27
C GLU A 44 1.58 -8.49 2.76
N ALA A 45 2.24 -7.81 3.67
CA ALA A 45 3.27 -6.88 3.28
C ALA A 45 4.61 -7.60 3.03
N GLU A 46 4.96 -8.56 3.90
CA GLU A 46 6.24 -9.27 3.76
C GLU A 46 6.17 -10.51 2.85
N LEU A 47 5.24 -11.41 3.13
CA LEU A 47 5.09 -12.63 2.33
C LEU A 47 4.54 -12.32 0.99
N ILE A 48 4.56 -11.06 0.64
CA ILE A 48 3.99 -10.65 -0.60
C ILE A 48 5.01 -10.06 -1.56
N ASP A 49 4.72 -10.24 -2.83
CA ASP A 49 5.60 -9.77 -3.89
C ASP A 49 4.79 -9.53 -5.17
N GLU A 50 3.60 -10.13 -5.23
CA GLU A 50 2.73 -9.99 -6.38
C GLU A 50 1.41 -9.36 -5.96
N TYR A 51 1.43 -8.59 -4.87
CA TYR A 51 0.21 -7.96 -4.41
C TYR A 51 -0.24 -6.93 -5.41
N VAL A 52 -1.55 -6.77 -5.51
CA VAL A 52 -2.12 -5.81 -6.42
C VAL A 52 -3.25 -5.03 -5.74
N CYS A 53 -3.45 -3.81 -6.19
CA CYS A 53 -4.45 -2.95 -5.64
C CYS A 53 -5.80 -3.48 -5.96
N PRO A 54 -6.74 -3.01 -5.26
CA PRO A 54 -8.13 -3.40 -5.50
C PRO A 54 -8.68 -2.58 -6.64
N GLN A 55 -7.96 -1.49 -6.95
CA GLN A 55 -8.30 -0.61 -8.04
C GLN A 55 -7.67 -1.10 -9.34
N CYS A 56 -6.34 -1.26 -9.37
CA CYS A 56 -5.68 -1.71 -10.59
C CYS A 56 -6.08 -3.15 -10.92
N GLN A 57 -6.58 -3.89 -9.94
CA GLN A 57 -7.00 -5.27 -10.17
C GLN A 57 -8.13 -5.32 -11.21
N SER A 58 -8.97 -4.29 -11.20
CA SER A 58 -10.10 -4.24 -12.13
C SER A 58 -9.64 -4.41 -13.56
N THR A 59 -8.48 -3.84 -13.89
CA THR A 59 -7.94 -3.95 -15.25
C THR A 59 -7.73 -5.41 -15.62
N GLU A 60 -7.26 -6.20 -14.66
CA GLU A 60 -7.00 -7.61 -14.91
C GLU A 60 -8.29 -8.34 -15.30
N ASP A 61 -8.18 -9.28 -16.23
CA ASP A 61 -9.34 -10.05 -16.68
C ASP A 61 -9.12 -11.53 -16.43
N ALA A 62 -10.21 -12.29 -16.39
CA ALA A 62 -10.13 -13.74 -16.17
C ALA A 62 -9.76 -14.46 -17.45
N ALA B 1 6.09 -6.59 -5.84
CA ALA B 1 4.78 -5.89 -5.94
C ALA B 1 4.89 -4.51 -5.31
N ARG B 2 5.98 -3.81 -5.61
CA ARG B 2 6.21 -2.49 -5.06
C ARG B 2 5.76 -2.43 -3.61
N THR B 3 5.77 -3.57 -2.93
CA THR B 3 5.36 -3.61 -1.54
C THR B 3 6.11 -2.55 -0.76
N M3L B 4 5.38 -1.78 0.04
CA M3L B 4 5.98 -0.72 0.83
CB M3L B 4 5.05 0.51 0.76
CG M3L B 4 5.80 1.77 0.32
CD M3L B 4 5.42 2.96 1.22
CE M3L B 4 3.89 3.05 1.42
NZ M3L B 4 3.46 4.46 1.62
C M3L B 4 6.17 -1.17 2.28
O M3L B 4 5.22 -1.21 3.06
CM1 M3L B 4 4.18 5.02 2.77
CM2 M3L B 4 2.01 4.49 1.96
CM3 M3L B 4 3.72 5.28 0.40
H2 M3L B 4 4.37 -1.94 0.09
HA M3L B 4 6.96 -0.49 0.40
HB2 M3L B 4 4.23 0.37 0.06
HB3 M3L B 4 4.60 0.73 1.73
HG2 M3L B 4 6.88 1.62 0.39
HG3 M3L B 4 5.54 2.02 -0.71
HD2 M3L B 4 5.88 2.88 2.21
HD3 M3L B 4 5.75 3.91 0.79
HE2 M3L B 4 3.37 2.65 0.54
HE3 M3L B 4 3.59 2.47 2.29
HM11 M3L B 4 3.88 6.06 2.93
HM12 M3L B 4 3.96 4.44 3.66
HM13 M3L B 4 5.26 4.99 2.58
HM21 M3L B 4 1.69 5.53 2.10
HM22 M3L B 4 1.43 4.05 1.15
HM23 M3L B 4 1.83 3.93 2.87
HM31 M3L B 4 3.41 6.31 0.56
HM32 M3L B 4 4.79 5.26 0.17
HM33 M3L B 4 3.18 4.86 -0.45
N GLN B 5 7.41 -1.54 2.62
CA GLN B 5 7.73 -2.01 3.97
C GLN B 5 7.78 -0.87 4.97
N THR B 6 7.57 -1.20 6.25
CA THR B 6 7.60 -0.20 7.32
C THR B 6 8.52 -0.63 8.45
N ALA B 7 9.36 -1.62 8.16
CA ALA B 7 10.30 -2.13 9.16
C ALA B 7 9.60 -3.07 10.16
N ARG B 8 10.40 -3.81 10.92
CA ARG B 8 9.84 -4.75 11.91
C ARG B 8 10.52 -4.54 13.27
N LYS B 9 9.74 -4.69 14.34
CA LYS B 9 10.25 -4.51 15.68
C LYS B 9 11.32 -5.57 16.02
N SER B 10 10.94 -6.84 15.92
CA SER B 10 11.87 -7.92 16.22
C SER B 10 11.36 -9.25 15.69
N THR B 11 12.16 -10.29 15.87
CA THR B 11 11.78 -11.63 15.42
C THR B 11 11.05 -11.57 14.09
N GLY B 12 10.18 -12.55 13.85
CA GLY B 12 9.42 -12.61 12.61
C GLY B 12 10.34 -12.92 11.43
N GLY B 13 10.20 -12.14 10.35
CA GLY B 13 11.02 -12.34 9.16
C GLY B 13 11.97 -11.16 8.97
N LYS B 14 13.27 -11.45 8.86
CA LYS B 14 14.26 -10.40 8.67
C LYS B 14 14.67 -10.29 7.20
N ALA B 15 14.96 -9.08 6.77
CA ALA B 15 15.37 -8.84 5.39
C ALA B 15 16.86 -9.10 5.21
ZN ZN C . -4.19 -2.52 -8.33
ZN ZN D . -7.48 2.49 2.73
N GLY A 1 -21.30 14.43 1.01
CA GLY A 1 -20.39 15.27 1.85
C GLY A 1 -20.02 16.54 1.10
N PRO A 2 -19.36 17.44 1.75
CA PRO A 2 -18.94 18.74 1.14
C PRO A 2 -18.03 18.53 -0.08
N LEU A 3 -18.05 19.50 -0.99
CA LEU A 3 -17.24 19.44 -2.22
C LEU A 3 -16.37 18.18 -2.24
N GLY A 4 -15.30 18.18 -1.44
CA GLY A 4 -14.40 17.05 -1.38
C GLY A 4 -12.96 17.50 -1.16
N SER A 5 -12.33 16.98 -0.12
CA SER A 5 -10.95 17.33 0.18
C SER A 5 -10.02 16.89 -0.94
N ASP A 6 -10.40 15.81 -1.62
CA ASP A 6 -9.60 15.27 -2.73
C ASP A 6 -8.12 15.54 -2.52
N THR A 7 -7.64 15.26 -1.32
CA THR A 7 -6.23 15.47 -1.00
C THR A 7 -5.36 14.29 -1.45
N LYS A 8 -4.08 14.55 -1.61
CA LYS A 8 -3.12 13.53 -2.04
C LYS A 8 -2.86 12.53 -0.93
N LEU A 9 -3.45 11.35 -1.02
CA LEU A 9 -3.24 10.35 0.02
C LEU A 9 -3.15 8.95 -0.55
N TYR A 10 -2.58 8.05 0.26
CA TYR A 10 -2.37 6.66 -0.13
C TYR A 10 -3.66 5.84 -0.10
N CYS A 11 -3.84 5.10 0.98
CA CYS A 11 -4.99 4.23 1.14
C CYS A 11 -6.24 4.81 0.53
N ILE A 12 -6.96 3.93 -0.16
CA ILE A 12 -8.21 4.27 -0.78
C ILE A 12 -9.10 4.89 0.28
N CYS A 13 -8.59 4.81 1.50
CA CYS A 13 -9.24 5.32 2.69
C CYS A 13 -8.90 6.80 2.91
N LYS A 14 -7.82 7.26 2.27
CA LYS A 14 -7.39 8.67 2.38
C LYS A 14 -6.67 8.94 3.70
N THR A 15 -5.38 8.56 3.78
CA THR A 15 -4.61 8.77 5.01
C THR A 15 -3.13 9.01 4.70
N PRO A 16 -2.44 9.77 5.54
CA PRO A 16 -0.99 10.08 5.36
C PRO A 16 -0.11 8.87 5.72
N TYR A 17 1.18 8.97 5.42
CA TYR A 17 2.10 7.87 5.71
C TYR A 17 2.43 7.81 7.17
N ASP A 18 2.33 6.63 7.71
CA ASP A 18 2.64 6.41 9.11
C ASP A 18 3.36 5.08 9.25
N GLU A 19 4.58 5.12 9.76
CA GLU A 19 5.35 3.89 9.93
C GLU A 19 4.56 2.93 10.83
N SER A 20 3.35 3.35 11.16
CA SER A 20 2.45 2.53 11.99
C SER A 20 1.49 1.83 11.05
N LYS A 21 1.33 2.43 9.89
CA LYS A 21 0.49 1.92 8.84
C LYS A 21 1.42 1.24 7.86
N PHE A 22 1.10 0.02 7.50
CA PHE A 22 1.95 -0.70 6.57
C PHE A 22 1.29 -0.75 5.23
N TYR A 23 2.11 -0.72 4.20
CA TYR A 23 1.58 -0.64 2.88
C TYR A 23 1.98 -1.71 1.91
N ILE A 24 1.28 -1.59 0.82
CA ILE A 24 1.46 -2.42 -0.35
C ILE A 24 1.17 -1.54 -1.56
N GLY A 25 2.07 -1.52 -2.53
CA GLY A 25 1.91 -0.65 -3.68
C GLY A 25 1.25 -1.32 -4.88
N CYS A 26 0.15 -0.71 -5.33
CA CYS A 26 -0.57 -1.17 -6.50
C CYS A 26 0.46 -1.38 -7.64
N ASP A 27 0.65 -2.62 -8.07
CA ASP A 27 1.63 -2.87 -9.13
C ASP A 27 1.17 -2.17 -10.39
N ARG A 28 -0.12 -2.21 -10.58
CA ARG A 28 -0.72 -1.59 -11.74
C ARG A 28 -1.26 -0.20 -11.39
N CYS A 29 -1.80 -0.02 -10.18
CA CYS A 29 -2.33 1.27 -9.81
C CYS A 29 -1.21 2.22 -9.39
N GLN A 30 -0.12 1.64 -8.87
CA GLN A 30 1.06 2.41 -8.45
C GLN A 30 0.84 3.19 -7.15
N ASN A 31 -0.11 2.76 -6.29
CA ASN A 31 -0.33 3.48 -5.04
C ASN A 31 -0.46 2.54 -3.85
N TRP A 32 -0.48 3.12 -2.66
CA TRP A 32 -0.49 2.33 -1.44
C TRP A 32 -1.69 2.50 -0.53
N TYR A 33 -2.00 1.41 0.15
CA TYR A 33 -3.05 1.41 1.17
C TYR A 33 -2.62 0.57 2.36
N HIS A 34 -3.29 0.76 3.51
CA HIS A 34 -2.99 -0.05 4.66
C HIS A 34 -3.57 -1.42 4.34
N GLY A 35 -2.85 -2.45 4.67
CA GLY A 35 -3.34 -3.78 4.35
C GLY A 35 -4.83 -3.91 4.63
N ARG A 36 -5.25 -3.44 5.77
CA ARG A 36 -6.66 -3.50 6.11
C ARG A 36 -7.42 -2.41 5.39
N CYS A 37 -6.70 -1.39 4.95
CA CYS A 37 -7.35 -0.31 4.25
C CYS A 37 -8.20 -0.90 3.15
N VAL A 38 -7.77 -2.06 2.67
CA VAL A 38 -8.47 -2.76 1.60
C VAL A 38 -8.92 -4.14 2.06
N GLY A 39 -8.89 -4.36 3.37
CA GLY A 39 -9.33 -5.64 3.94
C GLY A 39 -8.38 -6.77 3.59
N ILE A 40 -7.10 -6.52 3.77
CA ILE A 40 -6.09 -7.52 3.47
C ILE A 40 -5.35 -7.93 4.74
N LEU A 41 -4.61 -9.03 4.67
CA LEU A 41 -3.84 -9.49 5.83
C LEU A 41 -2.83 -8.43 6.22
N GLN A 42 -2.31 -8.57 7.43
CA GLN A 42 -1.34 -7.61 7.95
C GLN A 42 0.04 -7.85 7.38
N SER A 43 0.54 -9.06 7.55
CA SER A 43 1.84 -9.41 7.04
C SER A 43 1.77 -9.49 5.52
N GLU A 44 0.54 -9.54 5.01
CA GLU A 44 0.33 -9.63 3.58
C GLU A 44 1.25 -8.70 2.83
N ALA A 45 1.79 -7.72 3.50
CA ALA A 45 2.68 -6.78 2.85
C ALA A 45 4.02 -7.45 2.51
N GLU A 46 4.60 -8.19 3.47
CA GLU A 46 5.90 -8.84 3.24
C GLU A 46 5.80 -10.23 2.62
N LEU A 47 4.89 -11.05 3.13
CA LEU A 47 4.75 -12.42 2.63
C LEU A 47 4.51 -12.47 1.13
N ILE A 48 3.99 -11.39 0.58
CA ILE A 48 3.74 -11.35 -0.85
C ILE A 48 4.98 -10.92 -1.57
N ASP A 49 4.93 -11.00 -2.88
CA ASP A 49 6.06 -10.65 -3.70
C ASP A 49 5.60 -10.32 -5.11
N GLU A 50 4.30 -10.12 -5.21
CA GLU A 50 3.65 -9.78 -6.46
C GLU A 50 2.32 -9.15 -6.13
N TYR A 51 2.33 -8.37 -5.05
CA TYR A 51 1.12 -7.72 -4.60
C TYR A 51 0.67 -6.67 -5.58
N VAL A 52 -0.62 -6.54 -5.64
CA VAL A 52 -1.25 -5.54 -6.48
C VAL A 52 -2.37 -4.91 -5.71
N CYS A 53 -2.77 -3.73 -6.14
CA CYS A 53 -3.80 -3.03 -5.47
C CYS A 53 -5.13 -3.56 -5.90
N PRO A 54 -6.10 -3.32 -5.11
CA PRO A 54 -7.46 -3.79 -5.39
C PRO A 54 -8.14 -2.86 -6.38
N GLN A 55 -7.66 -1.61 -6.40
CA GLN A 55 -8.17 -0.64 -7.34
C GLN A 55 -7.69 -1.03 -8.72
N CYS A 56 -6.47 -1.59 -8.76
CA CYS A 56 -5.88 -2.03 -10.01
C CYS A 56 -6.40 -3.42 -10.37
N GLN A 57 -6.69 -4.21 -9.34
CA GLN A 57 -7.17 -5.58 -9.54
C GLN A 57 -8.37 -5.60 -10.49
N SER A 58 -9.14 -4.52 -10.51
CA SER A 58 -10.30 -4.46 -11.38
C SER A 58 -9.95 -4.90 -12.79
N THR A 59 -8.71 -4.62 -13.20
CA THR A 59 -8.25 -5.01 -14.54
C THR A 59 -7.32 -6.22 -14.49
N GLU A 60 -6.99 -6.68 -13.29
CA GLU A 60 -6.10 -7.84 -13.13
C GLU A 60 -6.72 -8.89 -12.23
N ASP A 61 -6.37 -10.15 -12.48
CA ASP A 61 -6.89 -11.25 -11.67
C ASP A 61 -6.55 -11.05 -10.20
N ALA A 62 -5.35 -10.51 -9.95
CA ALA A 62 -4.90 -10.27 -8.57
C ALA A 62 -4.40 -8.85 -8.42
N ALA B 1 7.04 -6.81 -7.23
CA ALA B 1 6.06 -6.27 -6.24
C ALA B 1 6.57 -4.95 -5.70
N ARG B 2 5.71 -3.93 -5.71
CA ARG B 2 6.08 -2.62 -5.22
C ARG B 2 5.53 -2.41 -3.81
N THR B 3 5.73 -3.41 -2.96
CA THR B 3 5.23 -3.33 -1.59
C THR B 3 5.89 -2.16 -0.86
N M3L B 4 5.10 -1.46 -0.03
CA M3L B 4 5.60 -0.33 0.72
CB M3L B 4 4.75 0.91 0.39
CG M3L B 4 5.54 1.95 -0.41
CD M3L B 4 5.42 3.33 0.26
CE M3L B 4 4.07 3.98 -0.11
NZ M3L B 4 3.50 4.74 1.08
C M3L B 4 5.57 -0.65 2.21
O M3L B 4 5.10 0.15 3.04
CM1 M3L B 4 2.39 5.65 0.64
CM2 M3L B 4 4.56 5.57 1.70
CM3 M3L B 4 2.95 3.78 2.06
H2 M3L B 4 4.12 -1.75 0.07
HA M3L B 4 6.64 -0.14 0.43
HB2 M3L B 4 3.86 0.65 -0.20
HB3 M3L B 4 4.39 1.40 1.30
HG2 M3L B 4 6.59 1.67 -0.45
HG3 M3L B 4 5.14 2.01 -1.42
HD2 M3L B 4 5.48 3.23 1.35
HD3 M3L B 4 6.22 3.99 -0.07
HE2 M3L B 4 4.17 4.67 -0.93
HE3 M3L B 4 3.34 3.22 -0.39
HM11 M3L B 4 2.00 6.18 1.51
HM12 M3L B 4 2.76 6.36 -0.10
HM13 M3L B 4 1.59 5.05 0.20
HM21 M3L B 4 4.15 6.12 2.54
HM22 M3L B 4 5.38 4.93 2.04
HM23 M3L B 4 4.95 6.28 0.96
HM31 M3L B 4 2.54 4.32 2.91
HM32 M3L B 4 2.15 3.19 1.59
HM33 M3L B 4 3.74 3.11 2.40
N GLN B 5 6.05 -1.84 2.55
CA GLN B 5 6.06 -2.29 3.94
C GLN B 5 6.89 -1.36 4.83
N THR B 6 6.51 -1.30 6.11
CA THR B 6 7.21 -0.46 7.08
C THR B 6 8.03 -1.31 8.04
N ALA B 7 8.28 -2.56 7.65
CA ALA B 7 9.04 -3.48 8.48
C ALA B 7 10.27 -3.99 7.73
N ARG B 8 10.83 -5.10 8.20
CA ARG B 8 12.01 -5.68 7.57
C ARG B 8 11.78 -5.91 6.08
N LYS B 9 12.83 -5.71 5.29
CA LYS B 9 12.74 -5.91 3.85
C LYS B 9 13.30 -7.29 3.47
N SER B 10 12.59 -7.98 2.59
CA SER B 10 13.01 -9.31 2.14
C SER B 10 13.55 -10.12 3.32
N THR B 11 12.71 -10.98 3.89
CA THR B 11 13.11 -11.80 5.02
C THR B 11 13.69 -13.13 4.53
N GLY B 12 14.21 -13.92 5.46
CA GLY B 12 14.80 -15.20 5.12
C GLY B 12 13.83 -16.05 4.31
N GLY B 13 12.53 -15.84 4.53
CA GLY B 13 11.51 -16.59 3.82
C GLY B 13 11.09 -17.83 4.60
N LYS B 14 10.48 -17.61 5.75
CA LYS B 14 10.03 -18.72 6.60
C LYS B 14 8.97 -19.53 5.88
N ALA B 15 9.10 -20.86 5.95
CA ALA B 15 8.15 -21.74 5.30
C ALA B 15 6.84 -21.78 6.07
ZN ZN C . -2.63 -1.83 -8.39
ZN ZN D . -6.93 2.85 4.44
N GLY A 1 1.77 24.86 1.07
CA GLY A 1 1.74 23.95 2.26
C GLY A 1 2.42 22.64 1.91
N PRO A 2 2.68 21.82 2.90
CA PRO A 2 3.32 20.49 2.71
C PRO A 2 2.51 19.58 1.80
N LEU A 3 1.24 19.91 1.62
CA LEU A 3 0.35 19.12 0.77
C LEU A 3 0.39 19.63 -0.66
N GLY A 4 0.54 18.71 -1.62
CA GLY A 4 0.59 19.09 -3.03
C GLY A 4 1.24 17.98 -3.86
N SER A 5 0.86 16.74 -3.57
CA SER A 5 1.40 15.60 -4.29
C SER A 5 0.66 15.39 -5.61
N ASP A 6 -0.17 16.36 -5.98
CA ASP A 6 -0.95 16.29 -7.22
C ASP A 6 -2.04 15.23 -7.11
N THR A 7 -1.84 14.27 -6.21
CA THR A 7 -2.82 13.21 -6.00
C THR A 7 -3.23 13.15 -4.54
N LYS A 8 -4.34 12.45 -4.27
CA LYS A 8 -4.82 12.32 -2.91
C LYS A 8 -3.90 11.42 -2.10
N LEU A 9 -4.31 11.17 -0.87
CA LEU A 9 -3.55 10.34 0.04
C LEU A 9 -3.45 8.90 -0.47
N TYR A 10 -2.59 8.12 0.17
CA TYR A 10 -2.37 6.73 -0.20
C TYR A 10 -3.66 5.92 -0.03
N CYS A 11 -3.67 5.10 1.00
CA CYS A 11 -4.77 4.22 1.33
C CYS A 11 -6.10 4.83 0.97
N ILE A 12 -6.82 4.07 0.14
CA ILE A 12 -8.13 4.44 -0.35
C ILE A 12 -9.00 4.90 0.82
N CYS A 13 -8.45 4.73 2.02
CA CYS A 13 -9.11 5.11 3.25
C CYS A 13 -8.83 6.57 3.57
N LYS A 14 -8.02 7.21 2.73
CA LYS A 14 -7.67 8.62 2.89
C LYS A 14 -6.83 8.88 4.15
N THR A 15 -5.56 8.46 4.12
CA THR A 15 -4.67 8.67 5.26
C THR A 15 -3.22 8.90 4.80
N PRO A 16 -2.51 9.77 5.48
CA PRO A 16 -1.08 10.08 5.15
C PRO A 16 -0.15 8.94 5.57
N TYR A 17 1.11 9.00 5.13
CA TYR A 17 2.05 7.94 5.48
C TYR A 17 2.32 7.94 6.96
N ASP A 18 2.19 6.78 7.53
CA ASP A 18 2.45 6.60 8.94
C ASP A 18 3.16 5.28 9.15
N GLU A 19 4.37 5.33 9.68
CA GLU A 19 5.15 4.13 9.92
C GLU A 19 4.34 3.18 10.79
N SER A 20 3.11 3.59 11.09
CA SER A 20 2.20 2.79 11.90
C SER A 20 1.31 2.01 10.94
N LYS A 21 1.16 2.58 9.75
CA LYS A 21 0.38 1.99 8.69
C LYS A 21 1.34 1.29 7.76
N PHE A 22 1.05 0.06 7.41
CA PHE A 22 1.92 -0.65 6.51
C PHE A 22 1.27 -0.80 5.17
N TYR A 23 2.06 -0.53 4.17
CA TYR A 23 1.56 -0.51 2.80
C TYR A 23 2.01 -1.62 1.90
N ILE A 24 1.36 -1.54 0.76
CA ILE A 24 1.57 -2.41 -0.38
C ILE A 24 1.29 -1.57 -1.62
N GLY A 25 2.23 -1.57 -2.58
CA GLY A 25 2.06 -0.75 -3.78
C GLY A 25 1.33 -1.44 -4.93
N CYS A 26 0.27 -0.78 -5.40
CA CYS A 26 -0.50 -1.24 -6.54
C CYS A 26 0.49 -1.48 -7.69
N ASP A 27 0.71 -2.74 -8.05
CA ASP A 27 1.67 -3.04 -9.12
C ASP A 27 1.21 -2.38 -10.40
N ARG A 28 -0.10 -2.38 -10.59
CA ARG A 28 -0.69 -1.79 -11.77
C ARG A 28 -1.18 -0.39 -11.47
N CYS A 29 -1.75 -0.18 -10.27
CA CYS A 29 -2.26 1.13 -9.92
C CYS A 29 -1.09 2.07 -9.54
N GLN A 30 -0.02 1.48 -9.03
CA GLN A 30 1.17 2.24 -8.63
C GLN A 30 0.99 3.01 -7.31
N ASN A 31 0.03 2.62 -6.46
CA ASN A 31 -0.16 3.33 -5.20
C ASN A 31 -0.34 2.38 -4.03
N TRP A 32 -0.35 2.96 -2.84
CA TRP A 32 -0.39 2.17 -1.61
C TRP A 32 -1.59 2.37 -0.72
N TYR A 33 -1.96 1.31 -0.04
CA TYR A 33 -3.00 1.39 0.98
C TYR A 33 -2.55 0.61 2.19
N HIS A 34 -3.17 0.86 3.33
CA HIS A 34 -2.81 0.09 4.49
C HIS A 34 -3.60 -1.21 4.38
N GLY A 35 -2.98 -2.29 4.76
CA GLY A 35 -3.60 -3.58 4.57
C GLY A 35 -5.09 -3.59 4.87
N ARG A 36 -5.49 -3.06 6.02
CA ARG A 36 -6.91 -3.05 6.36
C ARG A 36 -7.61 -2.01 5.53
N CYS A 37 -6.83 -1.07 5.03
CA CYS A 37 -7.39 -0.02 4.21
C CYS A 37 -8.22 -0.66 3.12
N VAL A 38 -7.82 -1.86 2.73
CA VAL A 38 -8.53 -2.59 1.69
C VAL A 38 -8.96 -3.97 2.19
N GLY A 39 -8.89 -4.14 3.50
CA GLY A 39 -9.30 -5.41 4.12
C GLY A 39 -8.38 -6.55 3.73
N ILE A 40 -7.08 -6.32 3.80
CA ILE A 40 -6.12 -7.35 3.44
C ILE A 40 -5.41 -7.88 4.68
N LEU A 41 -4.70 -8.99 4.52
CA LEU A 41 -3.98 -9.59 5.62
C LEU A 41 -2.92 -8.62 6.15
N GLN A 42 -2.42 -8.91 7.33
CA GLN A 42 -1.42 -8.06 7.96
C GLN A 42 -0.06 -8.31 7.35
N SER A 43 0.36 -9.56 7.37
CA SER A 43 1.64 -9.95 6.82
C SER A 43 1.58 -9.82 5.31
N GLU A 44 0.36 -9.72 4.79
CA GLU A 44 0.14 -9.63 3.35
C GLU A 44 1.15 -8.71 2.72
N ALA A 45 1.74 -7.85 3.52
CA ALA A 45 2.71 -6.92 2.99
C ALA A 45 4.02 -7.64 2.66
N GLU A 46 4.52 -8.47 3.59
CA GLU A 46 5.78 -9.18 3.37
C GLU A 46 5.64 -10.53 2.66
N LEU A 47 4.63 -11.30 3.03
CA LEU A 47 4.45 -12.63 2.42
C LEU A 47 4.34 -12.56 0.92
N ILE A 48 3.91 -11.42 0.40
CA ILE A 48 3.79 -11.27 -1.04
C ILE A 48 5.12 -10.83 -1.62
N ASP A 49 5.17 -10.82 -2.94
CA ASP A 49 6.36 -10.45 -3.64
C ASP A 49 6.02 -10.03 -5.06
N GLU A 50 4.72 -9.88 -5.27
CA GLU A 50 4.16 -9.46 -6.54
C GLU A 50 2.79 -8.90 -6.23
N TYR A 51 2.73 -8.15 -5.14
CA TYR A 51 1.48 -7.56 -4.69
C TYR A 51 0.98 -6.53 -5.67
N VAL A 52 -0.33 -6.50 -5.75
CA VAL A 52 -1.02 -5.54 -6.60
C VAL A 52 -2.15 -4.96 -5.80
N CYS A 53 -2.62 -3.80 -6.22
CA CYS A 53 -3.67 -3.15 -5.54
C CYS A 53 -4.98 -3.72 -5.95
N PRO A 54 -5.95 -3.53 -5.13
CA PRO A 54 -7.30 -4.04 -5.40
C PRO A 54 -8.02 -3.09 -6.35
N GLN A 55 -7.58 -1.84 -6.34
CA GLN A 55 -8.13 -0.86 -7.24
C GLN A 55 -7.67 -1.19 -8.64
N CYS A 56 -6.43 -1.69 -8.72
CA CYS A 56 -5.85 -2.10 -9.98
C CYS A 56 -6.42 -3.45 -10.39
N GLN A 57 -6.68 -4.29 -9.40
CA GLN A 57 -7.23 -5.62 -9.65
C GLN A 57 -8.53 -5.53 -10.44
N SER A 58 -9.37 -4.55 -10.10
CA SER A 58 -10.65 -4.39 -10.79
C SER A 58 -10.39 -4.08 -12.26
N THR A 59 -9.52 -3.10 -12.51
CA THR A 59 -9.18 -2.72 -13.88
C THR A 59 -8.28 -3.77 -14.52
N GLU A 60 -7.43 -4.38 -13.70
CA GLU A 60 -6.49 -5.39 -14.19
C GLU A 60 -7.15 -6.78 -14.19
N ASP A 61 -6.91 -7.53 -15.24
CA ASP A 61 -7.48 -8.88 -15.36
C ASP A 61 -6.47 -9.85 -15.94
N ALA A 62 -6.45 -11.07 -15.41
CA ALA A 62 -5.52 -12.09 -15.88
C ALA A 62 -4.12 -11.51 -16.01
N ALA B 1 7.97 -6.69 -6.60
CA ALA B 1 6.92 -6.29 -5.63
C ALA B 1 7.15 -4.83 -5.21
N ARG B 2 6.09 -4.05 -5.18
CA ARG B 2 6.19 -2.64 -4.79
C ARG B 2 5.77 -2.46 -3.34
N THR B 3 5.83 -3.53 -2.56
CA THR B 3 5.44 -3.47 -1.17
C THR B 3 6.14 -2.30 -0.48
N M3L B 4 5.38 -1.49 0.24
CA M3L B 4 5.94 -0.35 0.95
CB M3L B 4 5.18 0.94 0.55
CG M3L B 4 6.18 2.07 0.24
CD M3L B 4 5.81 3.36 1.02
CE M3L B 4 4.91 4.27 0.16
NZ M3L B 4 3.74 4.75 0.96
C M3L B 4 5.85 -0.59 2.46
O M3L B 4 4.84 -0.30 3.09
CM1 M3L B 4 2.98 5.76 0.16
CM2 M3L B 4 4.19 5.41 2.21
CM3 M3L B 4 2.86 3.60 1.31
H2 M3L B 4 4.36 -1.67 0.29
HA M3L B 4 6.99 -0.24 0.70
HB2 M3L B 4 4.57 0.77 -0.33
HB3 M3L B 4 4.54 1.26 1.37
HG2 M3L B 4 7.19 1.79 0.52
HG3 M3L B 4 6.18 2.32 -0.82
HD2 M3L B 4 5.29 3.12 1.94
HD3 M3L B 4 6.72 3.91 1.28
HE2 M3L B 4 5.47 5.14 -0.19
HE3 M3L B 4 4.53 3.73 -0.71
HM11 M3L B 4 2.12 6.11 0.74
HM12 M3L B 4 3.63 6.60 -0.08
HM13 M3L B 4 2.63 5.29 -0.77
HM21 M3L B 4 3.33 5.76 2.76
HM22 M3L B 4 4.75 4.70 2.81
HM23 M3L B 4 4.82 6.27 1.95
HM31 M3L B 4 2.00 3.95 1.89
HM32 M3L B 4 2.50 3.12 0.40
HM33 M3L B 4 3.42 2.88 1.90
N GLN B 5 6.91 -1.16 3.01
CA GLN B 5 6.94 -1.49 4.43
C GLN B 5 7.72 -0.43 5.20
N THR B 6 7.37 -0.26 6.48
CA THR B 6 8.02 0.73 7.32
C THR B 6 9.54 0.63 7.18
N ALA B 7 10.15 1.70 6.68
CA ALA B 7 11.59 1.74 6.50
C ALA B 7 12.03 3.14 6.10
N ARG B 8 13.21 3.54 6.58
CA ARG B 8 13.74 4.87 6.26
C ARG B 8 12.74 5.96 6.64
N LYS B 9 13.26 7.15 6.94
CA LYS B 9 12.40 8.27 7.32
C LYS B 9 11.80 8.92 6.09
N SER B 10 10.71 9.66 6.27
CA SER B 10 10.04 10.34 5.17
C SER B 10 11.03 11.21 4.38
N THR B 11 10.69 12.49 4.23
CA THR B 11 11.54 13.41 3.50
C THR B 11 11.96 14.58 4.39
N GLY B 12 13.05 15.24 4.01
CA GLY B 12 13.54 16.37 4.79
C GLY B 12 14.42 15.90 5.93
N GLY B 13 14.79 14.62 5.90
CA GLY B 13 15.63 14.05 6.95
C GLY B 13 17.01 13.67 6.40
N LYS B 14 17.71 14.65 5.84
CA LYS B 14 19.04 14.41 5.28
C LYS B 14 20.10 14.48 6.36
N ALA B 15 21.10 13.61 6.27
CA ALA B 15 22.18 13.59 7.25
C ALA B 15 23.41 14.33 6.73
ZN ZN C . -2.55 -1.91 -8.43
ZN ZN D . -7.19 2.68 2.67
N GLY A 1 -8.64 24.63 -12.45
CA GLY A 1 -9.97 24.82 -11.77
C GLY A 1 -9.96 24.13 -10.42
N PRO A 2 -11.11 24.01 -9.81
CA PRO A 2 -11.25 23.35 -8.47
C PRO A 2 -10.66 21.94 -8.47
N LEU A 3 -10.51 21.36 -9.65
CA LEU A 3 -9.97 20.01 -9.77
C LEU A 3 -8.45 20.07 -9.90
N GLY A 4 -7.74 19.43 -8.99
CA GLY A 4 -6.28 19.43 -9.01
C GLY A 4 -5.74 18.12 -9.57
N SER A 5 -4.74 18.23 -10.43
CA SER A 5 -4.12 17.05 -11.04
C SER A 5 -3.51 16.15 -9.96
N ASP A 6 -3.13 16.75 -8.84
CA ASP A 6 -2.52 16.00 -7.75
C ASP A 6 -3.48 14.93 -7.23
N THR A 7 -2.94 13.73 -7.03
CA THR A 7 -3.76 12.62 -6.54
C THR A 7 -3.92 12.69 -5.01
N LYS A 8 -4.88 11.95 -4.49
CA LYS A 8 -5.12 11.94 -3.05
C LYS A 8 -4.05 11.15 -2.31
N LEU A 9 -4.25 11.02 -1.01
CA LEU A 9 -3.32 10.30 -0.16
C LEU A 9 -3.22 8.84 -0.56
N TYR A 10 -2.46 8.07 0.22
CA TYR A 10 -2.24 6.66 -0.04
C TYR A 10 -3.55 5.87 -0.01
N CYS A 11 -3.75 5.10 1.05
CA CYS A 11 -4.92 4.26 1.20
C CYS A 11 -6.16 4.90 0.62
N ILE A 12 -6.89 4.07 -0.12
CA ILE A 12 -8.13 4.49 -0.75
C ILE A 12 -9.02 5.10 0.32
N CYS A 13 -8.54 4.98 1.55
CA CYS A 13 -9.23 5.49 2.73
C CYS A 13 -8.85 6.96 2.97
N LYS A 14 -7.86 7.45 2.22
CA LYS A 14 -7.40 8.84 2.35
C LYS A 14 -6.63 9.08 3.65
N THR A 15 -5.36 8.67 3.68
CA THR A 15 -4.53 8.85 4.88
C THR A 15 -3.05 8.93 4.53
N PRO A 16 -2.28 9.66 5.31
CA PRO A 16 -0.80 9.81 5.08
C PRO A 16 -0.02 8.57 5.48
N TYR A 17 1.30 8.60 5.25
CA TYR A 17 2.15 7.47 5.58
C TYR A 17 2.48 7.47 7.06
N ASP A 18 2.29 6.34 7.67
CA ASP A 18 2.59 6.17 9.07
C ASP A 18 3.21 4.81 9.29
N GLU A 19 4.41 4.79 9.84
CA GLU A 19 5.09 3.52 10.08
C GLU A 19 4.23 2.66 11.00
N SER A 20 3.03 3.14 11.27
CA SER A 20 2.07 2.41 12.11
C SER A 20 1.06 1.76 11.18
N LYS A 21 1.17 2.17 9.92
CA LYS A 21 0.35 1.68 8.85
C LYS A 21 1.27 1.04 7.86
N PHE A 22 0.97 -0.16 7.43
CA PHE A 22 1.83 -0.82 6.49
C PHE A 22 1.18 -0.88 5.14
N TYR A 23 2.01 -0.77 4.13
CA TYR A 23 1.51 -0.70 2.79
C TYR A 23 1.95 -1.76 1.84
N ILE A 24 1.27 -1.67 0.75
CA ILE A 24 1.46 -2.49 -0.43
C ILE A 24 1.08 -1.62 -1.62
N GLY A 25 2.01 -1.46 -2.57
CA GLY A 25 1.75 -0.58 -3.70
C GLY A 25 1.09 -1.27 -4.89
N CYS A 26 0.00 -0.66 -5.35
CA CYS A 26 -0.71 -1.12 -6.53
C CYS A 26 0.33 -1.35 -7.62
N ASP A 27 0.60 -2.61 -7.94
CA ASP A 27 1.60 -2.92 -8.96
C ASP A 27 1.14 -2.38 -10.28
N ARG A 28 -0.17 -2.42 -10.43
CA ARG A 28 -0.80 -1.95 -11.64
C ARG A 28 -1.36 -0.54 -11.45
N CYS A 29 -1.83 -0.21 -10.24
CA CYS A 29 -2.38 1.12 -10.02
C CYS A 29 -1.28 2.12 -9.65
N GLN A 30 -0.21 1.61 -9.02
CA GLN A 30 0.94 2.43 -8.63
C GLN A 30 0.79 3.15 -7.27
N ASN A 31 -0.17 2.76 -6.40
CA ASN A 31 -0.29 3.43 -5.11
C ASN A 31 -0.49 2.46 -3.99
N TRP A 32 -0.42 2.98 -2.76
CA TRP A 32 -0.50 2.14 -1.57
C TRP A 32 -1.69 2.36 -0.66
N TYR A 33 -2.06 1.29 0.01
CA TYR A 33 -3.11 1.38 1.04
C TYR A 33 -2.71 0.49 2.21
N HIS A 34 -3.35 0.67 3.36
CA HIS A 34 -3.06 -0.17 4.50
C HIS A 34 -3.79 -1.46 4.31
N GLY A 35 -3.10 -2.55 4.51
CA GLY A 35 -3.73 -3.83 4.34
C GLY A 35 -5.15 -3.81 4.91
N ARG A 36 -5.33 -3.12 6.02
CA ARG A 36 -6.64 -3.00 6.63
C ARG A 36 -7.50 -2.12 5.75
N CYS A 37 -6.83 -1.16 5.13
CA CYS A 37 -7.46 -0.21 4.25
C CYS A 37 -7.95 -0.89 2.98
N VAL A 38 -7.05 -1.65 2.40
CA VAL A 38 -7.32 -2.37 1.17
C VAL A 38 -8.09 -3.66 1.48
N GLY A 39 -8.14 -4.02 2.76
CA GLY A 39 -8.85 -5.23 3.18
C GLY A 39 -8.03 -6.49 2.93
N ILE A 40 -6.75 -6.46 3.30
CA ILE A 40 -5.87 -7.59 3.08
C ILE A 40 -5.17 -8.04 4.38
N LEU A 41 -4.50 -9.19 4.29
CA LEU A 41 -3.78 -9.74 5.43
C LEU A 41 -2.80 -8.74 6.01
N GLN A 42 -2.32 -9.08 7.20
CA GLN A 42 -1.37 -8.26 7.93
C GLN A 42 0.02 -8.43 7.36
N SER A 43 0.45 -9.68 7.29
CA SER A 43 1.77 -10.01 6.76
C SER A 43 1.80 -9.81 5.25
N GLU A 44 0.61 -9.71 4.65
CA GLU A 44 0.49 -9.51 3.20
C GLU A 44 1.49 -8.47 2.74
N ALA A 45 2.00 -7.70 3.68
CA ALA A 45 2.97 -6.67 3.36
C ALA A 45 4.39 -7.25 3.21
N GLU A 46 4.81 -8.10 4.15
CA GLU A 46 6.17 -8.67 4.11
C GLU A 46 6.27 -9.96 3.28
N LEU A 47 5.43 -10.93 3.58
CA LEU A 47 5.45 -12.22 2.86
C LEU A 47 4.96 -12.06 1.47
N ILE A 48 4.90 -10.83 1.03
CA ILE A 48 4.36 -10.55 -0.25
C ILE A 48 5.40 -10.09 -1.26
N ASP A 49 5.16 -10.45 -2.52
CA ASP A 49 6.08 -10.11 -3.59
C ASP A 49 5.38 -10.25 -4.95
N GLU A 50 4.11 -9.84 -5.01
CA GLU A 50 3.34 -9.92 -6.25
C GLU A 50 1.96 -9.32 -6.01
N TYR A 51 1.85 -8.57 -4.91
CA TYR A 51 0.59 -7.94 -4.55
C TYR A 51 0.23 -6.82 -5.49
N VAL A 52 -1.06 -6.65 -5.68
CA VAL A 52 -1.57 -5.60 -6.51
C VAL A 52 -2.68 -4.89 -5.76
N CYS A 53 -2.98 -3.67 -6.16
CA CYS A 53 -3.99 -2.92 -5.51
C CYS A 53 -5.34 -3.40 -5.91
N PRO A 54 -6.29 -3.14 -5.10
CA PRO A 54 -7.66 -3.55 -5.37
C PRO A 54 -8.30 -2.62 -6.39
N GLN A 55 -7.79 -1.41 -6.44
CA GLN A 55 -8.27 -0.44 -7.41
C GLN A 55 -7.79 -0.88 -8.79
N CYS A 56 -6.60 -1.47 -8.81
CA CYS A 56 -6.02 -1.95 -10.05
C CYS A 56 -6.57 -3.35 -10.37
N GLN A 57 -6.64 -4.18 -9.34
CA GLN A 57 -7.12 -5.56 -9.52
C GLN A 57 -8.48 -5.57 -10.23
N SER A 58 -9.28 -4.54 -10.00
CA SER A 58 -10.59 -4.47 -10.64
C SER A 58 -10.44 -4.66 -12.14
N THR A 59 -9.35 -4.12 -12.69
CA THR A 59 -9.10 -4.26 -14.13
C THR A 59 -8.68 -5.69 -14.45
N GLU A 60 -7.92 -6.30 -13.54
CA GLU A 60 -7.46 -7.67 -13.74
C GLU A 60 -8.64 -8.63 -13.80
N ASP A 61 -8.52 -9.66 -14.64
CA ASP A 61 -9.59 -10.64 -14.78
C ASP A 61 -10.90 -9.96 -15.16
N ALA A 62 -10.84 -9.04 -16.11
CA ALA A 62 -12.02 -8.32 -16.55
C ALA A 62 -11.71 -7.43 -17.74
N ALA B 1 7.05 -7.67 -5.19
CA ALA B 1 6.04 -6.67 -5.64
C ALA B 1 6.49 -5.29 -5.22
N ARG B 2 5.68 -4.29 -5.57
CA ARG B 2 5.98 -2.91 -5.22
C ARG B 2 5.53 -2.62 -3.80
N THR B 3 5.58 -3.64 -2.96
CA THR B 3 5.16 -3.52 -1.56
C THR B 3 6.07 -2.54 -0.81
N M3L B 4 5.46 -1.73 0.07
CA M3L B 4 6.22 -0.77 0.85
CB M3L B 4 6.22 0.62 0.18
CG M3L B 4 4.95 1.41 0.49
CD M3L B 4 5.24 2.91 0.31
CE M3L B 4 3.93 3.70 0.07
NZ M3L B 4 3.57 4.54 1.25
C M3L B 4 5.67 -0.72 2.27
O M3L B 4 4.47 -0.85 2.49
CM1 M3L B 4 4.55 5.65 1.42
CM2 M3L B 4 3.50 3.68 2.46
CM3 M3L B 4 2.22 5.14 1.04
H2 M3L B 4 4.43 -1.80 0.18
HA M3L B 4 7.26 -1.10 0.96
HB2 M3L B 4 7.05 1.23 0.50
HB3 M3L B 4 6.28 0.55 -0.90
HG2 M3L B 4 4.16 1.10 -0.19
HG3 M3L B 4 4.65 1.23 1.53
HD2 M3L B 4 5.73 3.32 1.19
HD3 M3L B 4 5.90 3.08 -0.55
HE2 M3L B 4 4.02 4.36 -0.79
HE3 M3L B 4 3.09 3.02 -0.12
HM11 M3L B 4 4.27 6.25 2.29
HM12 M3L B 4 5.54 5.23 1.57
HM13 M3L B 4 4.55 6.28 0.52
HM21 M3L B 4 3.24 4.29 3.33
HM22 M3L B 4 2.75 2.91 2.32
HM23 M3L B 4 4.48 3.23 2.64
HM31 M3L B 4 1.96 5.75 1.91
HM32 M3L B 4 2.23 5.76 0.14
HM33 M3L B 4 1.48 4.35 0.91
N GLN B 5 6.56 -0.56 3.25
CA GLN B 5 6.14 -0.52 4.65
C GLN B 5 7.26 -0.02 5.54
N THR B 6 6.99 0.04 6.84
CA THR B 6 7.98 0.50 7.81
C THR B 6 9.21 -0.41 7.78
N ALA B 7 10.25 0.00 8.49
CA ALA B 7 11.48 -0.78 8.54
C ALA B 7 11.84 -1.33 7.16
N ARG B 8 12.27 -0.43 6.28
CA ARG B 8 12.64 -0.82 4.92
C ARG B 8 13.74 -1.87 4.95
N LYS B 9 14.60 -1.80 5.97
CA LYS B 9 15.70 -2.74 6.09
C LYS B 9 15.16 -4.16 6.30
N SER B 10 15.69 -5.10 5.51
CA SER B 10 15.26 -6.49 5.59
C SER B 10 15.90 -7.31 4.48
N THR B 11 15.99 -6.72 3.30
CA THR B 11 16.58 -7.40 2.15
C THR B 11 18.02 -7.82 2.47
N GLY B 12 18.73 -6.97 3.20
CA GLY B 12 20.11 -7.26 3.57
C GLY B 12 20.35 -6.93 5.05
N GLY B 13 21.55 -7.26 5.53
CA GLY B 13 21.89 -7.00 6.93
C GLY B 13 21.37 -8.11 7.83
N LYS B 14 21.07 -9.26 7.23
CA LYS B 14 20.57 -10.40 8.00
C LYS B 14 21.55 -10.79 9.10
N ALA B 15 22.84 -10.64 8.82
CA ALA B 15 23.87 -10.99 9.78
C ALA B 15 25.23 -10.42 9.35
ZN ZN C . -2.78 -1.85 -8.42
ZN ZN D . -6.91 3.10 4.52
N GLY A 1 -17.06 13.96 -4.39
CA GLY A 1 -17.65 14.28 -5.71
C GLY A 1 -17.11 13.32 -6.76
N PRO A 2 -17.40 13.56 -8.01
CA PRO A 2 -16.94 12.70 -9.13
C PRO A 2 -15.43 12.51 -9.12
N LEU A 3 -14.99 11.29 -9.44
CA LEU A 3 -13.57 10.97 -9.47
C LEU A 3 -13.08 10.90 -10.91
N GLY A 4 -11.97 11.60 -11.19
CA GLY A 4 -11.40 11.62 -12.53
C GLY A 4 -10.27 12.63 -12.64
N SER A 5 -9.76 13.05 -11.48
CA SER A 5 -8.66 14.01 -11.42
C SER A 5 -7.72 13.67 -10.29
N ASP A 6 -6.96 14.65 -9.81
CA ASP A 6 -6.03 14.42 -8.72
C ASP A 6 -6.77 13.72 -7.56
N THR A 7 -6.08 12.81 -6.89
CA THR A 7 -6.70 12.08 -5.78
C THR A 7 -6.02 12.39 -4.45
N LYS A 8 -6.56 11.76 -3.42
CA LYS A 8 -6.07 11.92 -2.06
C LYS A 8 -4.80 11.11 -1.83
N LEU A 9 -4.32 11.13 -0.58
CA LEU A 9 -3.10 10.42 -0.24
C LEU A 9 -3.23 8.91 -0.47
N TYR A 10 -2.22 8.18 -0.01
CA TYR A 10 -2.14 6.72 -0.18
C TYR A 10 -3.48 6.01 0.07
N CYS A 11 -3.49 5.20 1.12
CA CYS A 11 -4.61 4.38 1.52
C CYS A 11 -5.96 5.00 1.18
N ILE A 12 -6.65 4.27 0.31
CA ILE A 12 -7.98 4.63 -0.15
C ILE A 12 -8.86 4.91 1.05
N CYS A 13 -8.33 4.53 2.20
CA CYS A 13 -9.02 4.67 3.47
C CYS A 13 -8.91 6.11 3.98
N LYS A 14 -8.34 6.98 3.15
CA LYS A 14 -8.18 8.39 3.52
C LYS A 14 -7.16 8.58 4.63
N THR A 15 -5.94 8.07 4.44
CA THR A 15 -4.90 8.21 5.47
C THR A 15 -3.50 8.36 4.83
N PRO A 16 -2.78 9.40 5.16
CA PRO A 16 -1.39 9.62 4.63
C PRO A 16 -0.41 8.64 5.24
N TYR A 17 0.86 8.75 4.85
CA TYR A 17 1.86 7.83 5.37
C TYR A 17 2.04 7.99 6.86
N ASP A 18 1.97 6.87 7.53
CA ASP A 18 2.16 6.82 8.96
C ASP A 18 2.93 5.56 9.27
N GLU A 19 4.14 5.71 9.80
CA GLU A 19 4.95 4.55 10.12
C GLU A 19 4.19 3.63 11.05
N SER A 20 2.92 3.97 11.27
CA SER A 20 2.03 3.18 12.11
C SER A 20 1.11 2.40 11.20
N LYS A 21 1.22 2.72 9.92
CA LYS A 21 0.43 2.10 8.89
C LYS A 21 1.38 1.44 7.92
N PHE A 22 1.10 0.21 7.54
CA PHE A 22 1.96 -0.47 6.61
C PHE A 22 1.30 -0.54 5.28
N TYR A 23 2.11 -0.61 4.24
CA TYR A 23 1.58 -0.58 2.90
C TYR A 23 2.05 -1.67 1.97
N ILE A 24 1.42 -1.57 0.82
CA ILE A 24 1.65 -2.42 -0.34
C ILE A 24 1.39 -1.56 -1.57
N GLY A 25 2.26 -1.64 -2.57
CA GLY A 25 2.11 -0.81 -3.77
C GLY A 25 1.35 -1.51 -4.91
N CYS A 26 0.34 -0.81 -5.42
CA CYS A 26 -0.45 -1.27 -6.54
C CYS A 26 0.49 -1.55 -7.71
N ASP A 27 0.69 -2.82 -8.03
CA ASP A 27 1.61 -3.19 -9.11
C ASP A 27 1.19 -2.51 -10.40
N ARG A 28 -0.12 -2.38 -10.59
CA ARG A 28 -0.64 -1.74 -11.80
C ARG A 28 -1.12 -0.32 -11.49
N CYS A 29 -1.62 -0.09 -10.26
CA CYS A 29 -2.11 1.22 -9.91
C CYS A 29 -0.93 2.13 -9.51
N GLN A 30 0.13 1.50 -8.99
CA GLN A 30 1.34 2.20 -8.59
C GLN A 30 1.19 3.00 -7.29
N ASN A 31 0.19 2.68 -6.45
CA ASN A 31 0.03 3.40 -5.20
C ASN A 31 -0.21 2.46 -4.05
N TRP A 32 -0.20 3.01 -2.85
CA TRP A 32 -0.30 2.20 -1.65
C TRP A 32 -1.50 2.46 -0.77
N TYR A 33 -1.87 1.42 -0.05
CA TYR A 33 -2.89 1.51 0.97
C TYR A 33 -2.41 0.67 2.13
N HIS A 34 -2.91 0.88 3.33
CA HIS A 34 -2.46 0.00 4.37
C HIS A 34 -3.24 -1.28 4.24
N GLY A 35 -2.61 -2.38 4.59
CA GLY A 35 -3.21 -3.67 4.38
C GLY A 35 -4.71 -3.70 4.65
N ARG A 36 -5.11 -3.41 5.87
CA ARG A 36 -6.52 -3.43 6.18
C ARG A 36 -7.22 -2.27 5.49
N CYS A 37 -6.44 -1.30 5.06
CA CYS A 37 -7.01 -0.15 4.37
C CYS A 37 -7.94 -0.66 3.28
N VAL A 38 -7.55 -1.79 2.71
CA VAL A 38 -8.34 -2.40 1.64
C VAL A 38 -8.84 -3.78 2.08
N GLY A 39 -8.79 -4.00 3.38
CA GLY A 39 -9.27 -5.26 3.96
C GLY A 39 -8.36 -6.43 3.62
N ILE A 40 -7.06 -6.24 3.78
CA ILE A 40 -6.11 -7.30 3.48
C ILE A 40 -5.39 -7.75 4.75
N LEU A 41 -4.69 -8.86 4.65
CA LEU A 41 -3.94 -9.39 5.77
C LEU A 41 -2.86 -8.39 6.20
N GLN A 42 -2.33 -8.61 7.39
CA GLN A 42 -1.31 -7.72 7.93
C GLN A 42 0.04 -8.00 7.32
N SER A 43 0.47 -9.26 7.42
CA SER A 43 1.73 -9.67 6.86
C SER A 43 1.64 -9.66 5.34
N GLU A 44 0.41 -9.60 4.86
CA GLU A 44 0.15 -9.60 3.42
C GLU A 44 1.14 -8.73 2.70
N ALA A 45 1.77 -7.84 3.41
CA ALA A 45 2.74 -6.95 2.81
C ALA A 45 4.04 -7.69 2.48
N GLU A 46 4.56 -8.46 3.44
CA GLU A 46 5.82 -9.17 3.24
C GLU A 46 5.66 -10.54 2.58
N LEU A 47 4.67 -11.30 3.03
CA LEU A 47 4.46 -12.65 2.50
C LEU A 47 4.28 -12.64 0.99
N ILE A 48 3.84 -11.52 0.45
CA ILE A 48 3.63 -11.43 -0.99
C ILE A 48 4.92 -11.03 -1.67
N ASP A 49 4.88 -11.07 -2.98
CA ASP A 49 6.02 -10.76 -3.79
C ASP A 49 5.57 -10.37 -5.19
N GLU A 50 4.26 -10.25 -5.30
CA GLU A 50 3.60 -9.87 -6.54
C GLU A 50 2.29 -9.21 -6.17
N TYR A 51 2.32 -8.45 -5.07
CA TYR A 51 1.14 -7.79 -4.62
C TYR A 51 0.69 -6.73 -5.59
N VAL A 52 -0.60 -6.59 -5.65
CA VAL A 52 -1.21 -5.59 -6.50
C VAL A 52 -2.33 -4.91 -5.75
N CYS A 53 -2.71 -3.73 -6.19
CA CYS A 53 -3.74 -3.01 -5.57
C CYS A 53 -5.07 -3.59 -5.96
N PRO A 54 -6.05 -3.29 -5.20
CA PRO A 54 -7.40 -3.81 -5.45
C PRO A 54 -8.11 -2.99 -6.51
N GLN A 55 -7.74 -1.72 -6.59
CA GLN A 55 -8.31 -0.84 -7.60
C GLN A 55 -7.71 -1.26 -8.93
N CYS A 56 -6.47 -1.74 -8.85
CA CYS A 56 -5.74 -2.20 -10.01
C CYS A 56 -6.42 -3.43 -10.61
N GLN A 57 -6.59 -4.45 -9.77
CA GLN A 57 -7.21 -5.70 -10.20
C GLN A 57 -8.56 -5.46 -10.85
N SER A 58 -9.22 -4.38 -10.45
CA SER A 58 -10.52 -4.06 -11.01
C SER A 58 -10.43 -3.88 -12.52
N THR A 59 -9.33 -3.28 -12.98
CA THR A 59 -9.14 -3.05 -14.41
C THR A 59 -8.11 -4.01 -15.02
N GLU A 60 -7.13 -4.44 -14.22
CA GLU A 60 -6.10 -5.35 -14.71
C GLU A 60 -5.37 -4.74 -15.91
N ASP A 61 -4.04 -4.68 -15.81
CA ASP A 61 -3.23 -4.12 -16.89
C ASP A 61 -3.46 -4.91 -18.19
N ALA A 62 -3.65 -6.21 -18.05
CA ALA A 62 -3.88 -7.07 -19.21
C ALA A 62 -5.27 -7.69 -19.16
N ALA B 1 5.58 -5.97 -7.43
CA ALA B 1 4.84 -6.04 -6.14
C ALA B 1 4.90 -4.70 -5.43
N ARG B 2 5.99 -3.97 -5.66
CA ARG B 2 6.18 -2.67 -5.04
C ARG B 2 5.61 -2.63 -3.63
N THR B 3 5.96 -3.63 -2.81
CA THR B 3 5.48 -3.66 -1.44
C THR B 3 6.07 -2.48 -0.68
N M3L B 4 5.27 -1.84 0.14
CA M3L B 4 5.73 -0.70 0.92
CB M3L B 4 4.93 0.55 0.49
CG M3L B 4 5.84 1.63 -0.11
CD M3L B 4 5.61 2.97 0.61
CE M3L B 4 4.34 3.65 0.05
NZ M3L B 4 3.65 4.56 1.06
C M3L B 4 5.55 -0.99 2.41
O M3L B 4 4.49 -0.71 2.98
CM1 M3L B 4 3.50 5.94 0.49
CM2 M3L B 4 4.45 4.68 2.31
CM3 M3L B 4 2.31 4.04 1.44
H2 M3L B 4 4.29 -2.15 0.23
HA M3L B 4 6.79 -0.54 0.72
HB2 M3L B 4 4.17 0.31 -0.25
HB3 M3L B 4 4.41 1.00 1.34
HG2 M3L B 4 6.89 1.35 0.01
HG3 M3L B 4 5.62 1.76 -1.17
HD2 M3L B 4 5.48 2.80 1.68
HD3 M3L B 4 6.47 3.62 0.45
HE2 M3L B 4 4.55 4.27 -0.83
HE3 M3L B 4 3.58 2.93 -0.26
HM11 M3L B 4 3.01 6.59 1.22
HM12 M3L B 4 4.48 6.34 0.24
HM13 M3L B 4 2.88 5.89 -0.41
HM21 M3L B 4 3.93 5.35 3.01
HM22 M3L B 4 4.57 3.70 2.76
HM23 M3L B 4 5.43 5.10 2.08
HM31 M3L B 4 1.85 4.70 2.16
HM32 M3L B 4 1.69 3.98 0.55
HM33 M3L B 4 2.42 3.05 1.88
N GLN B 5 6.57 -1.59 3.01
CA GLN B 5 6.51 -1.94 4.44
C GLN B 5 7.11 -0.85 5.31
N THR B 6 6.93 -0.99 6.62
CA THR B 6 7.44 -0.02 7.58
C THR B 6 8.61 -0.60 8.37
N ALA B 7 9.71 -0.86 7.69
CA ALA B 7 10.90 -1.42 8.33
C ALA B 7 10.51 -2.55 9.29
N ARG B 8 10.41 -3.77 8.76
CA ARG B 8 10.07 -4.93 9.58
C ARG B 8 11.11 -6.03 9.38
N LYS B 9 11.37 -6.78 10.46
CA LYS B 9 12.36 -7.85 10.40
C LYS B 9 11.71 -9.19 10.74
N SER B 10 12.04 -10.22 9.97
CA SER B 10 11.50 -11.55 10.19
C SER B 10 12.62 -12.59 10.24
N THR B 11 12.40 -13.66 10.99
CA THR B 11 13.40 -14.72 11.12
C THR B 11 13.76 -15.27 9.75
N GLY B 12 12.77 -15.38 8.86
CA GLY B 12 13.01 -15.90 7.52
C GLY B 12 12.91 -17.42 7.48
N GLY B 13 13.59 -18.04 6.52
CA GLY B 13 13.57 -19.49 6.38
C GLY B 13 12.92 -19.92 5.05
N LYS B 14 12.61 -18.93 4.21
CA LYS B 14 11.99 -19.21 2.92
C LYS B 14 10.65 -19.90 3.11
N ALA B 15 9.79 -19.30 3.93
CA ALA B 15 8.46 -19.87 4.19
C ALA B 15 8.57 -21.36 4.49
ZN ZN C . -2.45 -1.86 -8.49
ZN ZN D . -6.68 2.58 2.67
N GLY A 1 -11.47 13.67 -7.99
CA GLY A 1 -12.57 12.76 -8.44
C GLY A 1 -11.99 11.69 -9.37
N PRO A 2 -12.84 11.00 -10.07
CA PRO A 2 -12.42 9.92 -11.02
C PRO A 2 -11.40 10.42 -12.04
N LEU A 3 -11.24 11.74 -12.12
CA LEU A 3 -10.31 12.33 -13.08
C LEU A 3 -8.88 12.29 -12.54
N GLY A 4 -7.95 11.89 -13.40
CA GLY A 4 -6.54 11.80 -13.01
C GLY A 4 -6.01 13.16 -12.58
N SER A 5 -6.67 14.23 -13.03
CA SER A 5 -6.26 15.58 -12.71
C SER A 5 -6.12 15.76 -11.19
N ASP A 6 -6.99 15.08 -10.44
CA ASP A 6 -6.95 15.17 -8.98
C ASP A 6 -6.86 13.79 -8.35
N THR A 7 -5.87 13.60 -7.48
CA THR A 7 -5.68 12.34 -6.79
C THR A 7 -5.74 12.55 -5.29
N LYS A 8 -5.75 11.46 -4.54
CA LYS A 8 -5.82 11.53 -3.09
C LYS A 8 -4.64 10.83 -2.43
N LEU A 9 -4.67 10.77 -1.10
CA LEU A 9 -3.60 10.16 -0.33
C LEU A 9 -3.43 8.68 -0.67
N TYR A 10 -2.53 8.01 0.04
CA TYR A 10 -2.27 6.60 -0.19
C TYR A 10 -3.56 5.80 -0.10
N CYS A 11 -3.72 5.06 0.99
CA CYS A 11 -4.87 4.22 1.21
C CYS A 11 -6.14 4.85 0.68
N ILE A 12 -6.90 4.02 -0.03
CA ILE A 12 -8.18 4.41 -0.58
C ILE A 12 -9.05 4.92 0.56
N CYS A 13 -8.51 4.75 1.76
CA CYS A 13 -9.16 5.13 3.00
C CYS A 13 -8.93 6.62 3.31
N LYS A 14 -8.00 7.25 2.60
CA LYS A 14 -7.69 8.67 2.81
C LYS A 14 -6.81 8.90 4.04
N THR A 15 -5.51 8.64 3.90
CA THR A 15 -4.59 8.84 5.03
C THR A 15 -3.14 8.93 4.53
N PRO A 16 -2.33 9.80 5.12
CA PRO A 16 -0.90 9.97 4.73
C PRO A 16 -0.03 8.80 5.19
N TYR A 17 1.29 8.98 5.16
CA TYR A 17 2.19 7.91 5.56
C TYR A 17 2.42 7.94 7.05
N ASP A 18 2.27 6.78 7.64
CA ASP A 18 2.49 6.61 9.05
C ASP A 18 3.19 5.28 9.27
N GLU A 19 4.40 5.32 9.79
CA GLU A 19 5.15 4.08 10.02
C GLU A 19 4.35 3.17 10.93
N SER A 20 3.11 3.56 11.18
CA SER A 20 2.20 2.77 12.01
C SER A 20 1.25 2.05 11.07
N LYS A 21 1.30 2.49 9.83
CA LYS A 21 0.50 1.95 8.76
C LYS A 21 1.46 1.33 7.78
N PHE A 22 1.20 0.11 7.38
CA PHE A 22 2.08 -0.54 6.44
C PHE A 22 1.40 -0.67 5.12
N TYR A 23 2.18 -0.50 4.08
CA TYR A 23 1.62 -0.50 2.76
C TYR A 23 2.10 -1.55 1.81
N ILE A 24 1.41 -1.48 0.70
CA ILE A 24 1.62 -2.31 -0.47
C ILE A 24 1.31 -1.43 -1.69
N GLY A 25 2.18 -1.48 -2.70
CA GLY A 25 1.97 -0.64 -3.88
C GLY A 25 1.24 -1.35 -5.02
N CYS A 26 0.13 -0.75 -5.43
CA CYS A 26 -0.68 -1.22 -6.53
C CYS A 26 0.24 -1.53 -7.71
N ASP A 27 0.29 -2.78 -8.15
CA ASP A 27 1.16 -3.16 -9.26
C ASP A 27 0.92 -2.26 -10.45
N ARG A 28 -0.34 -1.89 -10.66
CA ARG A 28 -0.70 -1.03 -11.77
C ARG A 28 -1.16 0.33 -11.25
N CYS A 29 -1.88 0.32 -10.13
CA CYS A 29 -2.36 1.56 -9.56
C CYS A 29 -1.20 2.33 -8.95
N GLN A 30 -0.01 1.73 -9.05
CA GLN A 30 1.21 2.31 -8.53
C GLN A 30 0.98 3.16 -7.27
N ASN A 31 0.02 2.77 -6.43
CA ASN A 31 -0.22 3.51 -5.20
C ASN A 31 -0.39 2.58 -4.02
N TRP A 32 -0.43 3.14 -2.83
CA TRP A 32 -0.46 2.33 -1.63
C TRP A 32 -1.64 2.52 -0.69
N TYR A 33 -1.94 1.44 0.00
CA TYR A 33 -2.96 1.46 1.06
C TYR A 33 -2.50 0.59 2.23
N HIS A 34 -3.16 0.72 3.37
CA HIS A 34 -2.82 -0.12 4.50
C HIS A 34 -3.38 -1.48 4.17
N GLY A 35 -2.64 -2.51 4.52
CA GLY A 35 -3.08 -3.85 4.19
C GLY A 35 -4.57 -4.01 4.45
N ARG A 36 -5.02 -3.56 5.60
CA ARG A 36 -6.44 -3.66 5.92
C ARG A 36 -7.20 -2.56 5.22
N CYS A 37 -6.49 -1.53 4.79
CA CYS A 37 -7.16 -0.45 4.11
C CYS A 37 -7.98 -1.02 2.96
N VAL A 38 -7.52 -2.16 2.46
CA VAL A 38 -8.19 -2.85 1.37
C VAL A 38 -8.70 -4.22 1.81
N GLY A 39 -8.63 -4.46 3.11
CA GLY A 39 -9.11 -5.71 3.68
C GLY A 39 -8.16 -6.86 3.41
N ILE A 40 -6.87 -6.65 3.63
CA ILE A 40 -5.89 -7.69 3.40
C ILE A 40 -5.21 -8.09 4.71
N LEU A 41 -4.48 -9.19 4.66
CA LEU A 41 -3.77 -9.67 5.83
C LEU A 41 -2.71 -8.69 6.28
N GLN A 42 -2.28 -8.86 7.52
CA GLN A 42 -1.25 -7.99 8.06
C GLN A 42 0.10 -8.45 7.57
N SER A 43 0.38 -9.72 7.82
CA SER A 43 1.62 -10.31 7.40
C SER A 43 1.73 -10.15 5.90
N GLU A 44 0.61 -9.81 5.28
CA GLU A 44 0.55 -9.63 3.84
C GLU A 44 1.79 -8.91 3.36
N ALA A 45 2.05 -7.80 3.98
CA ALA A 45 3.17 -6.97 3.64
C ALA A 45 4.48 -7.76 3.67
N GLU A 46 4.59 -8.68 4.61
CA GLU A 46 5.81 -9.49 4.76
C GLU A 46 5.81 -10.79 3.94
N LEU A 47 4.68 -11.15 3.32
CA LEU A 47 4.60 -12.43 2.60
C LEU A 47 4.38 -12.32 1.10
N ILE A 48 3.88 -11.20 0.64
CA ILE A 48 3.64 -11.04 -0.79
C ILE A 48 4.88 -10.54 -1.48
N ASP A 49 4.82 -10.54 -2.80
CA ASP A 49 5.94 -10.11 -3.61
C ASP A 49 5.47 -9.94 -5.05
N GLU A 50 4.16 -9.83 -5.17
CA GLU A 50 3.50 -9.64 -6.44
C GLU A 50 2.13 -9.08 -6.14
N TYR A 51 2.05 -8.35 -5.01
CA TYR A 51 0.82 -7.76 -4.58
C TYR A 51 0.38 -6.69 -5.54
N VAL A 52 -0.91 -6.57 -5.65
CA VAL A 52 -1.50 -5.57 -6.49
C VAL A 52 -2.60 -4.87 -5.75
N CYS A 53 -2.96 -3.69 -6.20
CA CYS A 53 -3.99 -2.96 -5.57
C CYS A 53 -5.31 -3.49 -6.01
N PRO A 54 -6.29 -3.24 -5.23
CA PRO A 54 -7.64 -3.72 -5.53
C PRO A 54 -8.28 -2.86 -6.61
N GLN A 55 -7.90 -1.59 -6.63
CA GLN A 55 -8.41 -0.68 -7.65
C GLN A 55 -7.80 -1.06 -8.99
N CYS A 56 -6.58 -1.58 -8.93
CA CYS A 56 -5.89 -2.00 -10.16
C CYS A 56 -6.49 -3.29 -10.69
N GLN A 57 -6.59 -4.30 -9.82
CA GLN A 57 -7.14 -5.60 -10.22
C GLN A 57 -8.49 -5.44 -10.90
N SER A 58 -9.24 -4.44 -10.48
CA SER A 58 -10.56 -4.19 -11.05
C SER A 58 -10.48 -4.05 -12.57
N THR A 59 -9.34 -3.55 -13.06
CA THR A 59 -9.17 -3.38 -14.50
C THR A 59 -7.73 -3.63 -14.95
N GLU A 60 -6.98 -4.40 -14.19
CA GLU A 60 -5.59 -4.69 -14.56
C GLU A 60 -5.53 -5.21 -15.99
N ASP A 61 -6.55 -5.96 -16.39
CA ASP A 61 -6.61 -6.50 -17.74
C ASP A 61 -5.27 -7.10 -18.15
N ALA A 62 -4.68 -7.89 -17.24
CA ALA A 62 -3.39 -8.52 -17.52
C ALA A 62 -2.92 -9.31 -16.30
N ALA B 1 6.88 -7.24 -6.13
CA ALA B 1 5.84 -6.19 -5.96
C ALA B 1 6.46 -4.95 -5.36
N ARG B 2 5.71 -3.85 -5.39
CA ARG B 2 6.19 -2.59 -4.83
C ARG B 2 5.76 -2.45 -3.37
N THR B 3 5.82 -3.55 -2.62
CA THR B 3 5.45 -3.51 -1.23
C THR B 3 6.29 -2.46 -0.53
N M3L B 4 5.64 -1.51 0.15
CA M3L B 4 6.37 -0.45 0.84
CB M3L B 4 6.13 0.89 0.11
CG M3L B 4 4.64 1.10 -0.14
CD M3L B 4 4.33 2.60 -0.28
CE M3L B 4 4.64 3.35 1.03
NZ M3L B 4 3.71 4.52 1.20
C M3L B 4 5.95 -0.36 2.30
O M3L B 4 5.01 0.34 2.66
CM1 M3L B 4 3.77 5.42 0.00
CM2 M3L B 4 4.14 5.30 2.36
CM3 M3L B 4 2.31 4.08 1.44
H2 M3L B 4 4.61 -1.54 0.20
HA M3L B 4 7.44 -0.67 0.84
HB2 M3L B 4 6.50 1.71 0.71
HB3 M3L B 4 6.65 0.90 -0.85
HG2 M3L B 4 4.34 0.59 -1.06
HG3 M3L B 4 4.06 0.70 0.69
HD2 M3L B 4 4.95 3.05 -1.07
HD3 M3L B 4 3.29 2.76 -0.53
HE2 M3L B 4 4.50 2.69 1.89
HE3 M3L B 4 5.66 3.72 1.04
HM11 M3L B 4 3.10 6.26 0.14
HM12 M3L B 4 4.79 5.78 -0.12
HM13 M3L B 4 3.47 4.85 -0.88
HM21 M3L B 4 3.48 6.16 2.49
HM22 M3L B 4 4.10 4.67 3.25
HM23 M3L B 4 5.17 5.64 2.21
HM31 M3L B 4 1.66 4.94 1.55
HM32 M3L B 4 1.97 3.47 0.59
HM33 M3L B 4 2.28 3.47 2.35
N GLN B 5 6.65 -1.10 3.14
CA GLN B 5 6.36 -1.13 4.57
C GLN B 5 7.12 -0.03 5.32
N THR B 6 6.66 0.28 6.52
CA THR B 6 7.28 1.32 7.34
C THR B 6 8.79 1.39 7.09
N ALA B 7 9.17 2.21 6.12
CA ALA B 7 10.59 2.36 5.78
C ALA B 7 10.75 3.43 4.72
N ARG B 8 11.55 4.45 5.02
CA ARG B 8 11.79 5.53 4.06
C ARG B 8 13.08 6.27 4.42
N LYS B 9 13.03 7.60 4.36
CA LYS B 9 14.21 8.41 4.67
C LYS B 9 13.81 9.60 5.53
N SER B 10 12.60 10.12 5.31
CA SER B 10 12.11 11.27 6.07
C SER B 10 13.09 12.44 5.96
N THR B 11 12.61 13.55 5.39
CA THR B 11 13.43 14.74 5.21
C THR B 11 12.84 15.91 6.00
N GLY B 12 13.71 16.72 6.59
CA GLY B 12 13.27 17.87 7.36
C GLY B 12 14.37 18.93 7.47
N GLY B 13 14.17 19.88 8.36
CA GLY B 13 15.16 20.95 8.55
C GLY B 13 14.96 22.06 7.54
N LYS B 14 13.70 22.30 7.16
CA LYS B 14 13.39 23.33 6.19
C LYS B 14 13.30 24.69 6.88
N ALA B 15 13.70 25.74 6.16
CA ALA B 15 13.66 27.09 6.71
C ALA B 15 12.34 27.34 7.43
ZN ZN C . -2.65 -1.71 -8.50
ZN ZN D . -6.64 2.70 4.52
N GLY A 1 -1.03 28.62 -0.35
CA GLY A 1 -2.08 27.68 -0.83
C GLY A 1 -1.93 26.33 -0.12
N PRO A 2 -2.37 26.26 1.10
CA PRO A 2 -2.28 25.00 1.91
C PRO A 2 -2.94 23.82 1.21
N LEU A 3 -3.85 24.11 0.28
CA LEU A 3 -4.54 23.06 -0.46
C LEU A 3 -3.77 22.70 -1.73
N GLY A 4 -3.63 21.40 -1.97
CA GLY A 4 -2.92 20.93 -3.16
C GLY A 4 -1.42 21.24 -3.07
N SER A 5 -0.86 21.03 -1.88
CA SER A 5 0.56 21.30 -1.67
C SER A 5 1.42 20.53 -2.67
N ASP A 6 1.18 19.22 -2.77
CA ASP A 6 1.94 18.39 -3.70
C ASP A 6 1.48 16.93 -3.64
N THR A 7 1.95 16.20 -2.63
CA THR A 7 1.60 14.80 -2.47
C THR A 7 0.24 14.64 -1.80
N LYS A 8 -0.51 13.62 -2.23
CA LYS A 8 -1.83 13.36 -1.68
C LYS A 8 -1.82 12.09 -0.82
N LEU A 9 -2.99 11.72 -0.30
CA LEU A 9 -3.13 10.55 0.55
C LEU A 9 -2.78 9.26 -0.19
N TYR A 10 -2.77 8.16 0.56
CA TYR A 10 -2.45 6.85 0.00
C TYR A 10 -3.68 5.94 0.00
N CYS A 11 -3.72 5.02 0.95
CA CYS A 11 -4.83 4.08 1.05
C CYS A 11 -6.13 4.74 0.69
N ILE A 12 -6.73 4.17 -0.32
CA ILE A 12 -7.97 4.64 -0.87
C ILE A 12 -8.95 4.98 0.26
N CYS A 13 -8.55 4.69 1.50
CA CYS A 13 -9.36 5.01 2.66
C CYS A 13 -9.17 6.49 3.05
N LYS A 14 -8.04 7.08 2.61
CA LYS A 14 -7.72 8.50 2.85
C LYS A 14 -6.95 8.75 4.17
N THR A 15 -5.63 8.51 4.14
CA THR A 15 -4.78 8.76 5.32
C THR A 15 -3.32 8.99 4.91
N PRO A 16 -2.61 9.85 5.59
CA PRO A 16 -1.18 10.15 5.28
C PRO A 16 -0.27 8.98 5.63
N TYR A 17 1.05 9.18 5.51
CA TYR A 17 2.00 8.12 5.81
C TYR A 17 2.26 8.04 7.29
N ASP A 18 2.14 6.83 7.80
CA ASP A 18 2.41 6.58 9.19
C ASP A 18 3.11 5.24 9.32
N GLU A 19 4.34 5.25 9.82
CA GLU A 19 5.09 4.01 10.00
C GLU A 19 4.28 3.06 10.88
N SER A 20 3.08 3.51 11.22
CA SER A 20 2.17 2.71 12.04
C SER A 20 1.18 2.03 11.11
N LYS A 21 1.33 2.38 9.85
CA LYS A 21 0.50 1.86 8.78
C LYS A 21 1.43 1.26 7.76
N PHE A 22 1.14 0.04 7.35
CA PHE A 22 1.99 -0.61 6.38
C PHE A 22 1.28 -0.77 5.07
N TYR A 23 2.01 -0.40 4.04
CA TYR A 23 1.48 -0.42 2.70
C TYR A 23 2.02 -1.46 1.79
N ILE A 24 1.40 -1.40 0.64
CA ILE A 24 1.68 -2.25 -0.50
C ILE A 24 1.35 -1.42 -1.75
N GLY A 25 2.28 -1.36 -2.71
CA GLY A 25 2.06 -0.54 -3.92
C GLY A 25 1.32 -1.29 -5.04
N CYS A 26 0.24 -0.68 -5.50
CA CYS A 26 -0.59 -1.20 -6.60
C CYS A 26 0.29 -1.46 -7.82
N ASP A 27 0.49 -2.73 -8.16
CA ASP A 27 1.34 -3.07 -9.31
C ASP A 27 0.98 -2.25 -10.56
N ARG A 28 -0.32 -2.09 -10.85
CA ARG A 28 -0.70 -1.29 -12.02
C ARG A 28 -1.41 -0.03 -11.59
N CYS A 29 -1.87 0.03 -10.34
CA CYS A 29 -2.52 1.23 -9.90
C CYS A 29 -1.43 2.24 -9.51
N GLN A 30 -0.29 1.69 -9.09
CA GLN A 30 0.91 2.49 -8.76
C GLN A 30 0.91 3.13 -7.35
N ASN A 31 -0.04 2.83 -6.45
CA ASN A 31 0.01 3.46 -5.14
C ASN A 31 -0.25 2.53 -3.98
N TRP A 32 -0.06 3.10 -2.80
CA TRP A 32 -0.14 2.37 -1.56
C TRP A 32 -1.40 2.53 -0.76
N TYR A 33 -1.75 1.46 -0.09
CA TYR A 33 -2.84 1.48 0.86
C TYR A 33 -2.45 0.67 2.10
N HIS A 34 -3.03 0.98 3.25
CA HIS A 34 -2.75 0.19 4.41
C HIS A 34 -3.50 -1.11 4.20
N GLY A 35 -2.86 -2.21 4.49
CA GLY A 35 -3.48 -3.50 4.28
C GLY A 35 -4.94 -3.51 4.72
N ARG A 36 -5.16 -3.23 5.98
CA ARG A 36 -6.51 -3.22 6.53
C ARG A 36 -7.31 -2.12 5.87
N CYS A 37 -6.63 -1.05 5.54
CA CYS A 37 -7.28 0.09 4.91
C CYS A 37 -8.00 -0.38 3.65
N VAL A 38 -7.64 -1.58 3.19
CA VAL A 38 -8.30 -2.15 2.02
C VAL A 38 -8.75 -3.58 2.31
N GLY A 39 -8.65 -3.98 3.59
CA GLY A 39 -9.11 -5.30 4.02
C GLY A 39 -8.15 -6.41 3.62
N ILE A 40 -6.87 -6.23 3.89
CA ILE A 40 -5.89 -7.25 3.53
C ILE A 40 -5.28 -7.88 4.78
N LEU A 41 -4.58 -9.00 4.58
CA LEU A 41 -3.92 -9.68 5.69
C LEU A 41 -2.87 -8.78 6.32
N GLN A 42 -2.42 -9.16 7.50
CA GLN A 42 -1.44 -8.38 8.23
C GLN A 42 -0.04 -8.61 7.65
N SER A 43 0.34 -9.88 7.59
CA SER A 43 1.64 -10.23 7.06
C SER A 43 1.64 -10.03 5.55
N GLU A 44 0.43 -9.88 5.00
CA GLU A 44 0.26 -9.71 3.58
C GLU A 44 1.30 -8.76 3.02
N ALA A 45 1.87 -7.96 3.87
CA ALA A 45 2.87 -7.02 3.44
C ALA A 45 4.14 -7.74 2.96
N GLU A 46 4.69 -8.61 3.81
CA GLU A 46 5.94 -9.32 3.45
C GLU A 46 5.72 -10.61 2.66
N LEU A 47 4.72 -11.38 3.04
CA LEU A 47 4.48 -12.68 2.39
C LEU A 47 4.32 -12.58 0.88
N ILE A 48 3.91 -11.42 0.38
CA ILE A 48 3.73 -11.26 -1.06
C ILE A 48 5.03 -10.89 -1.72
N ASP A 49 4.99 -10.90 -3.03
CA ASP A 49 6.15 -10.58 -3.83
C ASP A 49 5.68 -10.29 -5.25
N GLU A 50 4.37 -10.11 -5.36
CA GLU A 50 3.70 -9.82 -6.59
C GLU A 50 2.36 -9.20 -6.21
N TYR A 51 2.39 -8.44 -5.13
CA TYR A 51 1.20 -7.80 -4.63
C TYR A 51 0.70 -6.77 -5.60
N VAL A 52 -0.60 -6.64 -5.58
CA VAL A 52 -1.25 -5.66 -6.42
C VAL A 52 -2.35 -4.98 -5.64
N CYS A 53 -2.74 -3.80 -6.10
CA CYS A 53 -3.75 -3.07 -5.46
C CYS A 53 -5.07 -3.66 -5.79
N PRO A 54 -6.04 -3.37 -5.01
CA PRO A 54 -7.38 -3.89 -5.23
C PRO A 54 -8.08 -3.11 -6.33
N GLN A 55 -7.75 -1.82 -6.42
CA GLN A 55 -8.30 -1.00 -7.48
C GLN A 55 -7.74 -1.44 -8.82
N CYS A 56 -6.45 -1.83 -8.81
CA CYS A 56 -5.81 -2.30 -10.04
C CYS A 56 -6.30 -3.70 -10.38
N GLN A 57 -6.78 -4.43 -9.37
CA GLN A 57 -7.28 -5.78 -9.58
C GLN A 57 -8.27 -5.79 -10.74
N SER A 58 -9.10 -4.76 -10.79
CA SER A 58 -10.09 -4.64 -11.86
C SER A 58 -9.42 -4.13 -13.13
N THR A 59 -8.09 -4.10 -13.10
CA THR A 59 -7.31 -3.62 -14.23
C THR A 59 -7.54 -2.12 -14.43
N GLU A 60 -7.12 -1.34 -13.44
CA GLU A 60 -7.26 0.11 -13.48
C GLU A 60 -8.47 0.55 -14.31
N ASP A 61 -9.54 -0.23 -14.27
CA ASP A 61 -10.75 0.12 -15.01
C ASP A 61 -11.25 1.50 -14.60
N ALA A 62 -11.13 1.81 -13.32
CA ALA A 62 -11.57 3.11 -12.81
C ALA A 62 -10.41 4.09 -12.77
N ALA B 1 5.26 -5.70 -6.78
CA ALA B 1 4.94 -5.90 -5.33
C ALA B 1 5.14 -4.59 -4.58
N ARG B 2 6.29 -3.95 -4.82
CA ARG B 2 6.60 -2.68 -4.16
C ARG B 2 6.00 -2.62 -2.76
N THR B 3 6.24 -3.65 -1.96
CA THR B 3 5.72 -3.66 -0.60
C THR B 3 6.31 -2.49 0.17
N M3L B 4 5.47 -1.78 0.90
CA M3L B 4 5.91 -0.64 1.67
CB M3L B 4 5.07 0.59 1.27
CG M3L B 4 5.98 1.78 0.94
CD M3L B 4 5.11 2.97 0.54
CE M3L B 4 4.73 3.78 1.79
NZ M3L B 4 3.67 4.82 1.49
C M3L B 4 5.76 -0.94 3.17
O M3L B 4 4.68 -0.76 3.74
CM1 M3L B 4 3.87 5.39 0.12
CM2 M3L B 4 3.76 5.92 2.46
CM3 M3L B 4 2.32 4.23 1.61
H2 M3L B 4 4.48 -2.04 0.91
HA M3L B 4 6.97 -0.46 1.46
HB2 M3L B 4 4.47 0.36 0.40
HB3 M3L B 4 4.41 0.88 2.09
HG2 M3L B 4 6.58 2.03 1.81
HG3 M3L B 4 6.63 1.51 0.10
HD2 M3L B 4 5.65 3.62 -0.15
HD3 M3L B 4 4.19 2.63 0.04
HE2 M3L B 4 4.32 3.14 2.57
HE3 M3L B 4 5.58 4.30 2.22
HM11 M3L B 4 3.10 6.14 -0.07
HM12 M3L B 4 4.85 5.86 0.06
HM13 M3L B 4 3.79 4.60 -0.62
HM21 M3L B 4 3.01 6.67 2.23
HM22 M3L B 4 3.60 5.53 3.46
HM23 M3L B 4 4.76 6.38 2.41
HM31 M3L B 4 1.57 4.99 1.38
HM32 M3L B 4 2.23 3.40 0.91
HM33 M3L B 4 2.18 3.87 2.63
N GLN B 5 6.83 -1.44 3.79
CA GLN B 5 6.79 -1.80 5.21
C GLN B 5 7.35 -0.67 6.08
N THR B 6 7.06 -0.76 7.38
CA THR B 6 7.54 0.23 8.33
C THR B 6 8.93 -0.14 8.85
N ALA B 7 9.96 0.25 8.10
CA ALA B 7 11.33 -0.05 8.49
C ALA B 7 12.28 1.00 7.91
N ARG B 8 12.22 2.20 8.49
CA ARG B 8 13.06 3.30 8.02
C ARG B 8 13.31 4.30 9.15
N LYS B 9 13.99 5.39 8.83
CA LYS B 9 14.29 6.41 9.83
C LYS B 9 13.06 6.70 10.69
N SER B 10 13.27 6.78 12.01
CA SER B 10 12.18 7.05 12.93
C SER B 10 12.41 8.35 13.69
N THR B 11 11.33 9.07 13.96
CA THR B 11 11.41 10.34 14.67
C THR B 11 10.63 10.26 15.98
N GLY B 12 11.14 10.93 17.01
CA GLY B 12 10.48 10.91 18.31
C GLY B 12 10.61 9.55 18.97
N GLY B 13 9.47 8.96 19.34
CA GLY B 13 9.48 7.64 19.97
C GLY B 13 8.38 6.75 19.40
N LYS B 14 8.52 5.45 19.60
CA LYS B 14 7.53 4.49 19.10
C LYS B 14 6.49 4.20 20.17
N ALA B 15 5.24 4.04 19.73
CA ALA B 15 4.15 3.76 20.67
C ALA B 15 4.15 4.76 21.81
ZN ZN C . -2.53 -1.93 -8.48
ZN ZN D . -7.24 2.34 2.85
N GLY A 1 -6.97 8.39 -9.23
CA GLY A 1 -7.81 7.88 -10.36
C GLY A 1 -7.27 8.42 -11.68
N PRO A 2 -8.01 8.27 -12.74
CA PRO A 2 -7.60 8.74 -14.09
C PRO A 2 -7.22 10.23 -14.08
N LEU A 3 -6.22 10.58 -14.89
CA LEU A 3 -5.77 11.96 -14.96
C LEU A 3 -5.47 12.51 -13.57
N GLY A 4 -5.05 11.62 -12.68
CA GLY A 4 -4.71 12.02 -11.31
C GLY A 4 -3.24 11.78 -11.01
N SER A 5 -2.38 12.20 -11.93
CA SER A 5 -0.93 12.02 -11.76
C SER A 5 -0.44 12.76 -10.52
N ASP A 6 -1.17 13.80 -10.14
CA ASP A 6 -0.78 14.59 -8.97
C ASP A 6 -0.66 13.69 -7.74
N THR A 7 -0.01 14.18 -6.70
CA THR A 7 0.16 13.40 -5.47
C THR A 7 -1.07 13.48 -4.60
N LYS A 8 -1.55 12.31 -4.17
CA LYS A 8 -2.74 12.24 -3.32
C LYS A 8 -2.52 11.23 -2.20
N LEU A 9 -3.56 11.02 -1.40
CA LEU A 9 -3.47 10.06 -0.30
C LEU A 9 -3.23 8.66 -0.83
N TYR A 10 -2.74 7.79 0.05
CA TYR A 10 -2.46 6.42 -0.32
C TYR A 10 -3.74 5.59 -0.22
N CYS A 11 -3.88 4.97 0.93
CA CYS A 11 -5.00 4.12 1.26
C CYS A 11 -6.29 4.65 0.70
N ILE A 12 -6.96 3.77 -0.04
CA ILE A 12 -8.25 4.09 -0.62
C ILE A 12 -9.13 4.58 0.51
N CYS A 13 -8.58 4.45 1.72
CA CYS A 13 -9.26 4.83 2.94
C CYS A 13 -8.99 6.31 3.27
N LYS A 14 -7.96 6.91 2.63
CA LYS A 14 -7.64 8.33 2.83
C LYS A 14 -6.83 8.56 4.12
N THR A 15 -5.52 8.31 4.06
CA THR A 15 -4.66 8.53 5.23
C THR A 15 -3.22 8.87 4.83
N PRO A 16 -2.56 9.73 5.59
CA PRO A 16 -1.14 10.13 5.32
C PRO A 16 -0.17 9.01 5.68
N TYR A 17 1.10 9.18 5.31
CA TYR A 17 2.09 8.15 5.59
C TYR A 17 2.46 8.13 7.05
N ASP A 18 2.39 6.94 7.60
CA ASP A 18 2.74 6.73 8.98
C ASP A 18 3.49 5.41 9.11
N GLU A 19 4.73 5.49 9.59
CA GLU A 19 5.53 4.27 9.75
C GLU A 19 4.78 3.27 10.61
N SER A 20 3.56 3.65 10.98
CA SER A 20 2.70 2.79 11.79
C SER A 20 1.79 2.02 10.84
N LYS A 21 1.53 2.65 9.71
CA LYS A 21 0.72 2.07 8.67
C LYS A 21 1.63 1.31 7.74
N PHE A 22 1.26 0.09 7.43
CA PHE A 22 2.07 -0.71 6.55
C PHE A 22 1.38 -0.79 5.22
N TYR A 23 2.17 -0.67 4.18
CA TYR A 23 1.63 -0.60 2.86
C TYR A 23 1.99 -1.71 1.92
N ILE A 24 1.25 -1.61 0.84
CA ILE A 24 1.38 -2.47 -0.31
C ILE A 24 1.12 -1.59 -1.53
N GLY A 25 2.02 -1.60 -2.51
CA GLY A 25 1.85 -0.75 -3.67
C GLY A 25 1.22 -1.46 -4.87
N CYS A 26 0.13 -0.88 -5.35
CA CYS A 26 -0.60 -1.37 -6.50
C CYS A 26 0.38 -1.69 -7.63
N ASP A 27 0.41 -2.95 -8.06
CA ASP A 27 1.32 -3.35 -9.12
C ASP A 27 1.15 -2.44 -10.34
N ARG A 28 -0.11 -2.14 -10.68
CA ARG A 28 -0.37 -1.25 -11.82
C ARG A 28 -1.00 0.05 -11.36
N CYS A 29 -1.54 0.10 -10.15
CA CYS A 29 -2.14 1.32 -9.67
C CYS A 29 -1.06 2.13 -8.95
N GLN A 30 0.14 1.55 -8.94
CA GLN A 30 1.32 2.14 -8.33
C GLN A 30 1.02 3.00 -7.10
N ASN A 31 0.04 2.61 -6.28
CA ASN A 31 -0.25 3.37 -5.07
C ASN A 31 -0.45 2.46 -3.89
N TRP A 32 -0.53 3.07 -2.71
CA TRP A 32 -0.57 2.29 -1.48
C TRP A 32 -1.80 2.44 -0.60
N TYR A 33 -2.05 1.38 0.14
CA TYR A 33 -3.12 1.36 1.15
C TYR A 33 -2.67 0.57 2.38
N HIS A 34 -3.32 0.80 3.55
CA HIS A 34 -2.96 -0.03 4.68
C HIS A 34 -3.44 -1.41 4.29
N GLY A 35 -2.75 -2.43 4.72
CA GLY A 35 -3.18 -3.77 4.36
C GLY A 35 -4.67 -3.92 4.57
N ARG A 36 -5.12 -3.57 5.75
CA ARG A 36 -6.54 -3.67 6.06
C ARG A 36 -7.30 -2.55 5.38
N CYS A 37 -6.58 -1.51 4.99
CA CYS A 37 -7.23 -0.40 4.32
C CYS A 37 -8.11 -0.94 3.22
N VAL A 38 -7.67 -2.08 2.67
CA VAL A 38 -8.40 -2.74 1.60
C VAL A 38 -8.91 -4.10 2.05
N GLY A 39 -8.89 -4.32 3.37
CA GLY A 39 -9.38 -5.57 3.94
C GLY A 39 -8.43 -6.73 3.68
N ILE A 40 -7.15 -6.51 3.91
CA ILE A 40 -6.16 -7.56 3.68
C ILE A 40 -5.40 -7.89 4.96
N LEU A 41 -4.66 -8.99 4.90
CA LEU A 41 -3.85 -9.40 6.05
C LEU A 41 -2.84 -8.34 6.39
N GLN A 42 -2.26 -8.48 7.57
CA GLN A 42 -1.27 -7.52 8.00
C GLN A 42 0.08 -7.80 7.38
N SER A 43 0.55 -9.02 7.57
CA SER A 43 1.82 -9.42 7.03
C SER A 43 1.71 -9.47 5.52
N GLU A 44 0.47 -9.47 5.04
CA GLU A 44 0.21 -9.54 3.61
C GLU A 44 1.17 -8.66 2.86
N ALA A 45 1.74 -7.71 3.57
CA ALA A 45 2.68 -6.81 2.96
C ALA A 45 4.02 -7.51 2.71
N GLU A 46 4.51 -8.27 3.70
CA GLU A 46 5.80 -8.95 3.57
C GLU A 46 5.69 -10.33 2.90
N LEU A 47 4.73 -11.13 3.33
CA LEU A 47 4.57 -12.49 2.80
C LEU A 47 4.42 -12.50 1.29
N ILE A 48 3.95 -11.41 0.71
CA ILE A 48 3.78 -11.35 -0.73
C ILE A 48 5.06 -10.92 -1.40
N ASP A 49 5.04 -10.98 -2.70
CA ASP A 49 6.19 -10.64 -3.50
C ASP A 49 5.74 -10.38 -4.94
N GLU A 50 4.48 -10.00 -5.05
CA GLU A 50 3.84 -9.70 -6.30
C GLU A 50 2.50 -9.08 -5.98
N TYR A 51 2.51 -8.25 -4.94
CA TYR A 51 1.30 -7.61 -4.48
C TYR A 51 0.77 -6.65 -5.51
N VAL A 52 -0.55 -6.56 -5.52
CA VAL A 52 -1.25 -5.67 -6.40
C VAL A 52 -2.34 -4.96 -5.63
N CYS A 53 -2.79 -3.83 -6.16
CA CYS A 53 -3.83 -3.10 -5.52
C CYS A 53 -5.15 -3.73 -5.85
N PRO A 54 -6.13 -3.43 -5.08
CA PRO A 54 -7.47 -4.01 -5.28
C PRO A 54 -8.27 -3.28 -6.34
N GLN A 55 -8.00 -1.98 -6.49
CA GLN A 55 -8.67 -1.19 -7.50
C GLN A 55 -7.94 -1.40 -8.82
N CYS A 56 -6.71 -1.89 -8.69
CA CYS A 56 -5.85 -2.17 -9.83
C CYS A 56 -6.49 -3.18 -10.77
N GLN A 57 -7.03 -4.25 -10.18
CA GLN A 57 -7.64 -5.31 -10.96
C GLN A 57 -8.74 -4.76 -11.87
N SER A 58 -9.46 -3.76 -11.38
CA SER A 58 -10.52 -3.15 -12.17
C SER A 58 -9.92 -2.42 -13.37
N THR A 59 -8.65 -2.03 -13.24
CA THR A 59 -7.97 -1.30 -14.31
C THR A 59 -7.19 -2.26 -15.21
N GLU A 60 -6.06 -2.76 -14.70
CA GLU A 60 -5.23 -3.68 -15.47
C GLU A 60 -4.81 -3.05 -16.80
N ASP A 61 -3.56 -3.31 -17.20
CA ASP A 61 -3.05 -2.75 -18.45
C ASP A 61 -3.96 -3.14 -19.61
N ALA A 62 -4.49 -4.36 -19.56
CA ALA A 62 -5.37 -4.84 -20.61
C ALA A 62 -4.64 -4.89 -21.95
N ALA B 1 7.15 -6.75 -7.20
CA ALA B 1 6.23 -6.39 -6.08
C ALA B 1 6.56 -4.99 -5.58
N ARG B 2 5.68 -4.04 -5.85
CA ARG B 2 5.90 -2.66 -5.43
C ARG B 2 5.38 -2.45 -4.00
N THR B 3 5.47 -3.49 -3.18
CA THR B 3 5.00 -3.39 -1.81
C THR B 3 5.83 -2.35 -1.07
N M3L B 4 5.21 -1.63 -0.15
CA M3L B 4 5.92 -0.60 0.61
CB M3L B 4 5.09 0.69 0.60
CG M3L B 4 5.79 1.81 -0.20
CD M3L B 4 5.39 3.16 0.39
CE M3L B 4 3.85 3.26 0.48
NZ M3L B 4 3.41 4.57 1.08
C M3L B 4 6.14 -1.08 2.05
O M3L B 4 5.23 -1.04 2.88
CM1 M3L B 4 1.94 4.50 1.42
CM2 M3L B 4 3.63 5.68 0.11
CM3 M3L B 4 4.16 4.81 2.32
H2 M3L B 4 4.21 -1.80 0.04
HA M3L B 4 6.89 -0.43 0.15
HB2 M3L B 4 4.11 0.54 0.15
HB3 M3L B 4 4.93 1.07 1.61
HG2 M3L B 4 6.88 1.67 -0.12
HG3 M3L B 4 5.48 1.74 -1.24
HD2 M3L B 4 5.82 3.27 1.38
HD3 M3L B 4 5.77 3.97 -0.25
HE2 M3L B 4 3.39 3.18 -0.50
HE3 M3L B 4 3.44 2.47 1.09
HM11 M3L B 4 1.62 5.44 1.85
HM12 M3L B 4 1.36 4.30 0.51
HM13 M3L B 4 1.78 3.69 2.13
HM21 M3L B 4 3.32 6.62 0.56
HM22 M3L B 4 4.70 5.75 -0.12
HM23 M3L B 4 3.08 5.51 -0.80
HM31 M3L B 4 3.84 5.76 2.76
HM32 M3L B 4 3.97 4.01 3.03
HM33 M3L B 4 5.22 4.86 2.10
N GLN B 5 7.36 -1.53 2.32
CA GLN B 5 7.70 -2.04 3.65
C GLN B 5 7.80 -0.90 4.67
N THR B 6 7.49 -1.21 5.92
CA THR B 6 7.55 -0.23 7.00
C THR B 6 8.16 -0.86 8.26
N ALA B 7 8.62 0.00 9.17
CA ALA B 7 9.21 -0.50 10.42
C ALA B 7 8.17 -1.22 11.26
N ARG B 8 8.61 -2.28 11.93
CA ARG B 8 7.71 -3.05 12.79
C ARG B 8 7.14 -2.18 13.90
N LYS B 9 7.93 -1.24 14.38
CA LYS B 9 7.52 -0.35 15.46
C LYS B 9 6.04 0.01 15.34
N SER B 10 5.18 -0.84 15.89
CA SER B 10 3.74 -0.61 15.86
C SER B 10 3.06 -1.32 17.02
N THR B 11 2.21 -0.59 17.74
CA THR B 11 1.50 -1.17 18.88
C THR B 11 0.10 -0.56 19.01
N GLY B 12 -0.80 -1.31 19.62
CA GLY B 12 -2.17 -0.85 19.81
C GLY B 12 -2.99 -1.03 18.53
N GLY B 13 -4.29 -0.78 18.64
CA GLY B 13 -5.18 -0.92 17.49
C GLY B 13 -5.53 -2.38 17.24
N LYS B 14 -6.17 -2.64 16.10
CA LYS B 14 -6.55 -4.00 15.74
C LYS B 14 -5.65 -4.54 14.64
N ALA B 15 -5.41 -5.85 14.66
CA ALA B 15 -4.55 -6.47 13.66
C ALA B 15 -3.27 -5.67 13.47
ZN ZN C . -2.48 -1.95 -8.53
ZN ZN D . -7.17 2.30 2.41
N GLY A 1 -1.83 28.52 2.50
CA GLY A 1 -1.29 28.80 3.87
C GLY A 1 0.00 28.03 4.08
N PRO A 2 -0.09 26.75 4.34
CA PRO A 2 1.11 25.89 4.56
C PRO A 2 1.98 25.77 3.32
N LEU A 3 3.30 25.84 3.52
CA LEU A 3 4.24 25.75 2.41
C LEU A 3 5.05 24.46 2.51
N GLY A 4 5.18 23.76 1.39
CA GLY A 4 5.93 22.51 1.36
C GLY A 4 5.59 21.69 0.13
N SER A 5 6.20 20.52 0.01
CA SER A 5 5.95 19.64 -1.13
C SER A 5 4.51 19.14 -1.11
N ASP A 6 3.89 19.15 0.07
CA ASP A 6 2.51 18.71 0.21
C ASP A 6 2.29 17.40 -0.55
N THR A 7 2.49 16.28 0.13
CA THR A 7 2.31 14.98 -0.49
C THR A 7 0.83 14.60 -0.51
N LYS A 8 0.48 13.62 -1.34
CA LYS A 8 -0.91 13.19 -1.45
C LYS A 8 -1.18 12.00 -0.53
N LEU A 9 -2.44 11.58 -0.50
CA LEU A 9 -2.87 10.47 0.35
C LEU A 9 -2.63 9.14 -0.35
N TYR A 10 -2.61 8.07 0.45
CA TYR A 10 -2.36 6.73 -0.08
C TYR A 10 -3.64 5.89 -0.07
N CYS A 11 -3.82 5.13 1.00
CA CYS A 11 -4.95 4.25 1.15
C CYS A 11 -6.22 4.83 0.56
N ILE A 12 -6.92 3.96 -0.16
CA ILE A 12 -8.18 4.31 -0.77
C ILE A 12 -9.07 4.91 0.30
N CYS A 13 -8.56 4.82 1.52
CA CYS A 13 -9.24 5.32 2.71
C CYS A 13 -8.94 6.81 2.93
N LYS A 14 -7.83 7.28 2.35
CA LYS A 14 -7.43 8.70 2.48
C LYS A 14 -6.70 8.98 3.79
N THR A 15 -5.41 8.62 3.86
CA THR A 15 -4.62 8.85 5.06
C THR A 15 -3.14 9.09 4.73
N PRO A 16 -2.46 9.91 5.51
CA PRO A 16 -1.01 10.22 5.30
C PRO A 16 -0.13 9.03 5.65
N TYR A 17 1.19 9.20 5.50
CA TYR A 17 2.11 8.12 5.79
C TYR A 17 2.43 8.05 7.26
N ASP A 18 2.31 6.86 7.79
CA ASP A 18 2.60 6.63 9.19
C ASP A 18 3.32 5.29 9.33
N GLU A 19 4.54 5.32 9.86
CA GLU A 19 5.30 4.08 10.04
C GLU A 19 4.52 3.12 10.92
N SER A 20 3.27 3.50 11.21
CA SER A 20 2.38 2.67 12.02
C SER A 20 1.45 1.95 11.07
N LYS A 21 1.33 2.53 9.89
CA LYS A 21 0.51 2.00 8.83
C LYS A 21 1.45 1.29 7.88
N PHE A 22 1.13 0.06 7.53
CA PHE A 22 1.98 -0.68 6.63
C PHE A 22 1.36 -0.72 5.28
N TYR A 23 2.19 -0.74 4.27
CA TYR A 23 1.69 -0.65 2.92
C TYR A 23 2.07 -1.74 1.96
N ILE A 24 1.35 -1.62 0.87
CA ILE A 24 1.49 -2.45 -0.31
C ILE A 24 1.20 -1.55 -1.51
N GLY A 25 2.07 -1.57 -2.52
CA GLY A 25 1.89 -0.68 -3.67
C GLY A 25 1.21 -1.35 -4.87
N CYS A 26 0.13 -0.72 -5.33
CA CYS A 26 -0.61 -1.15 -6.51
C CYS A 26 0.41 -1.30 -7.65
N ASP A 27 0.63 -2.53 -8.12
CA ASP A 27 1.60 -2.74 -9.20
C ASP A 27 1.11 -2.04 -10.43
N ARG A 28 -0.19 -2.15 -10.64
CA ARG A 28 -0.82 -1.54 -11.78
C ARG A 28 -1.37 -0.16 -11.42
N CYS A 29 -1.90 0.00 -10.21
CA CYS A 29 -2.45 1.28 -9.82
C CYS A 29 -1.31 2.23 -9.43
N GLN A 30 -0.21 1.66 -8.93
CA GLN A 30 0.97 2.43 -8.56
C GLN A 30 0.86 3.15 -7.20
N ASN A 31 -0.10 2.78 -6.33
CA ASN A 31 -0.20 3.46 -5.04
C ASN A 31 -0.42 2.52 -3.88
N TRP A 32 -0.37 3.10 -2.69
CA TRP A 32 -0.45 2.34 -1.46
C TRP A 32 -1.68 2.51 -0.58
N TYR A 33 -1.98 1.44 0.13
CA TYR A 33 -3.03 1.45 1.14
C TYR A 33 -2.58 0.62 2.34
N HIS A 34 -3.25 0.80 3.48
CA HIS A 34 -2.93 -0.01 4.64
C HIS A 34 -3.51 -1.37 4.34
N GLY A 35 -2.79 -2.41 4.68
CA GLY A 35 -3.27 -3.73 4.37
C GLY A 35 -4.76 -3.87 4.63
N ARG A 36 -5.19 -3.39 5.77
CA ARG A 36 -6.60 -3.46 6.10
C ARG A 36 -7.35 -2.34 5.42
N CYS A 37 -6.62 -1.32 4.99
CA CYS A 37 -7.27 -0.22 4.32
C CYS A 37 -8.15 -0.77 3.21
N VAL A 38 -7.73 -1.93 2.70
CA VAL A 38 -8.47 -2.59 1.64
C VAL A 38 -8.96 -3.95 2.11
N GLY A 39 -8.89 -4.17 3.42
CA GLY A 39 -9.35 -5.43 4.00
C GLY A 39 -8.44 -6.59 3.66
N ILE A 40 -7.14 -6.38 3.82
CA ILE A 40 -6.18 -7.43 3.50
C ILE A 40 -5.44 -7.88 4.75
N LEU A 41 -4.72 -9.00 4.63
CA LEU A 41 -3.96 -9.53 5.73
C LEU A 41 -2.91 -8.51 6.18
N GLN A 42 -2.37 -8.74 7.36
CA GLN A 42 -1.37 -7.84 7.92
C GLN A 42 -0.01 -8.11 7.29
N SER A 43 0.41 -9.36 7.37
CA SER A 43 1.68 -9.75 6.80
C SER A 43 1.59 -9.71 5.28
N GLU A 44 0.35 -9.64 4.79
CA GLU A 44 0.11 -9.62 3.35
C GLU A 44 1.11 -8.74 2.66
N ALA A 45 1.72 -7.85 3.39
CA ALA A 45 2.70 -6.96 2.80
C ALA A 45 4.01 -7.69 2.54
N GLU A 46 4.43 -8.54 3.49
CA GLU A 46 5.69 -9.28 3.34
C GLU A 46 5.55 -10.61 2.60
N LEU A 47 4.56 -11.40 2.98
CA LEU A 47 4.35 -12.71 2.38
C LEU A 47 4.22 -12.66 0.86
N ILE A 48 3.78 -11.52 0.35
CA ILE A 48 3.63 -11.38 -1.09
C ILE A 48 4.93 -10.94 -1.70
N ASP A 49 4.95 -10.94 -3.01
CA ASP A 49 6.14 -10.56 -3.76
C ASP A 49 5.74 -10.03 -5.12
N GLU A 50 4.43 -10.00 -5.34
CA GLU A 50 3.85 -9.48 -6.56
C GLU A 50 2.51 -8.89 -6.20
N TYR A 51 2.52 -8.12 -5.10
CA TYR A 51 1.31 -7.51 -4.63
C TYR A 51 0.81 -6.48 -5.60
N VAL A 52 -0.49 -6.44 -5.71
CA VAL A 52 -1.16 -5.48 -6.53
C VAL A 52 -2.29 -4.88 -5.74
N CYS A 53 -2.74 -3.71 -6.16
CA CYS A 53 -3.78 -3.04 -5.46
C CYS A 53 -5.09 -3.62 -5.84
N PRO A 54 -6.06 -3.38 -5.04
CA PRO A 54 -7.41 -3.89 -5.27
C PRO A 54 -8.13 -3.04 -6.30
N GLN A 55 -7.70 -1.78 -6.39
CA GLN A 55 -8.26 -0.87 -7.37
C GLN A 55 -7.72 -1.24 -8.73
N CYS A 56 -6.50 -1.78 -8.74
CA CYS A 56 -5.87 -2.18 -10.00
C CYS A 56 -6.28 -3.59 -10.39
N GLN A 57 -6.22 -4.52 -9.44
CA GLN A 57 -6.55 -5.92 -9.72
C GLN A 57 -7.89 -6.01 -10.45
N SER A 58 -8.85 -5.21 -10.01
CA SER A 58 -10.17 -5.21 -10.63
C SER A 58 -10.05 -4.79 -12.10
N THR A 59 -9.15 -3.86 -12.37
CA THR A 59 -8.94 -3.38 -13.73
C THR A 59 -8.46 -4.50 -14.64
N GLU A 60 -7.54 -5.32 -14.14
CA GLU A 60 -7.01 -6.43 -14.94
C GLU A 60 -7.74 -7.73 -14.62
N ASP A 61 -7.80 -8.61 -15.63
CA ASP A 61 -8.48 -9.90 -15.46
C ASP A 61 -7.89 -10.67 -14.28
N ALA A 62 -6.57 -10.58 -14.13
CA ALA A 62 -5.90 -11.28 -13.03
C ALA A 62 -6.08 -12.79 -13.18
N ALA B 1 7.53 -6.57 -6.72
CA ALA B 1 6.35 -6.03 -5.98
C ALA B 1 6.67 -4.64 -5.46
N ARG B 2 5.69 -3.75 -5.52
CA ARG B 2 5.88 -2.38 -5.04
C ARG B 2 5.53 -2.30 -3.56
N THR B 3 5.63 -3.43 -2.86
CA THR B 3 5.30 -3.45 -1.45
C THR B 3 6.10 -2.38 -0.72
N M3L B 4 5.42 -1.62 0.12
CA M3L B 4 6.06 -0.57 0.89
CB M3L B 4 5.22 0.71 0.80
CG M3L B 4 5.89 1.79 -0.06
CD M3L B 4 5.47 3.18 0.45
CE M3L B 4 3.94 3.23 0.67
NZ M3L B 4 3.51 4.55 1.25
C M3L B 4 6.17 -1.02 2.34
O M3L B 4 5.17 -1.17 3.04
CM1 M3L B 4 2.04 4.52 1.56
CM2 M3L B 4 3.80 5.67 0.30
CM3 M3L B 4 4.24 4.78 2.52
H2 M3L B 4 4.40 -1.78 0.23
HA M3L B 4 7.05 -0.38 0.48
HB2 M3L B 4 4.24 0.53 0.36
HB3 M3L B 4 5.04 1.15 1.78
HG2 M3L B 4 6.97 1.68 0.01
HG3 M3L B 4 5.57 1.67 -1.10
HD2 M3L B 4 5.96 3.41 1.40
HD3 M3L B 4 5.74 3.95 -0.28
HE2 M3L B 4 3.40 3.10 -0.27
HE3 M3L B 4 3.60 2.46 1.35
HM11 M3L B 4 1.73 5.47 1.98
HM12 M3L B 4 1.49 4.33 0.63
HM13 M3L B 4 1.84 3.72 2.27
HM21 M3L B 4 3.48 6.61 0.74
HM22 M3L B 4 4.87 5.70 0.09
HM23 M3L B 4 3.26 5.49 -0.63
HM31 M3L B 4 3.93 5.73 2.95
HM32 M3L B 4 4.02 3.98 3.22
HM33 M3L B 4 5.32 4.80 2.32
N GLN B 5 7.40 -1.28 2.79
CA GLN B 5 7.63 -1.76 4.15
C GLN B 5 7.96 -0.62 5.12
N THR B 6 7.44 -0.74 6.34
CA THR B 6 7.68 0.27 7.37
C THR B 6 8.35 -0.37 8.59
N ALA B 7 9.03 -1.49 8.37
CA ALA B 7 9.71 -2.18 9.46
C ALA B 7 8.72 -2.54 10.57
N ARG B 8 9.21 -3.19 11.62
CA ARG B 8 8.35 -3.58 12.74
C ARG B 8 7.03 -4.13 12.23
N LYS B 9 7.08 -4.89 11.15
CA LYS B 9 5.88 -5.48 10.57
C LYS B 9 5.17 -6.36 11.59
N SER B 10 5.94 -7.02 12.44
CA SER B 10 5.37 -7.90 13.46
C SER B 10 5.68 -7.38 14.86
N THR B 11 4.73 -7.56 15.77
CA THR B 11 4.90 -7.10 17.15
C THR B 11 4.88 -8.28 18.11
N GLY B 12 5.81 -8.29 19.05
CA GLY B 12 5.90 -9.35 20.04
C GLY B 12 5.05 -9.03 21.26
N GLY B 13 5.12 -9.91 22.27
CA GLY B 13 4.35 -9.70 23.50
C GLY B 13 2.87 -9.59 23.20
N LYS B 14 2.40 -8.39 22.90
CA LYS B 14 0.99 -8.17 22.60
C LYS B 14 0.70 -8.52 21.15
N ALA B 15 -0.50 -9.06 20.92
CA ALA B 15 -0.90 -9.45 19.56
C ALA B 15 -2.42 -9.43 19.43
ZN ZN C . -2.66 -1.81 -8.38
ZN ZN D . -6.87 2.92 4.48
N GLY A 1 -15.66 15.82 -5.51
CA GLY A 1 -14.98 17.12 -5.27
C GLY A 1 -13.50 16.88 -4.99
N PRO A 2 -13.20 16.05 -4.04
CA PRO A 2 -11.79 15.72 -3.66
C PRO A 2 -10.98 15.24 -4.85
N LEU A 3 -11.67 14.79 -5.90
CA LEU A 3 -11.01 14.31 -7.10
C LEU A 3 -10.78 15.46 -8.07
N GLY A 4 -9.54 15.61 -8.53
CA GLY A 4 -9.20 16.68 -9.46
C GLY A 4 -7.98 16.32 -10.29
N SER A 5 -7.38 17.32 -10.93
CA SER A 5 -6.19 17.08 -11.75
C SER A 5 -5.08 16.44 -10.92
N ASP A 6 -5.10 16.70 -9.62
CA ASP A 6 -4.10 16.14 -8.72
C ASP A 6 -4.39 14.67 -8.45
N THR A 7 -3.57 14.05 -7.61
CA THR A 7 -3.75 12.64 -7.27
C THR A 7 -4.15 12.48 -5.81
N LYS A 8 -4.70 11.30 -5.49
CA LYS A 8 -5.13 11.02 -4.12
C LYS A 8 -4.01 10.38 -3.32
N LEU A 9 -4.06 10.56 -2.00
CA LEU A 9 -3.05 10.01 -1.11
C LEU A 9 -3.06 8.47 -1.18
N TYR A 10 -2.26 7.84 -0.33
CA TYR A 10 -2.15 6.39 -0.33
C TYR A 10 -3.51 5.69 -0.13
N CYS A 11 -3.59 4.96 0.97
CA CYS A 11 -4.75 4.19 1.35
C CYS A 11 -6.06 4.83 0.95
N ILE A 12 -6.83 4.04 0.21
CA ILE A 12 -8.13 4.41 -0.27
C ILE A 12 -9.01 4.81 0.91
N CYS A 13 -8.47 4.60 2.10
CA CYS A 13 -9.16 4.92 3.34
C CYS A 13 -9.09 6.42 3.62
N LYS A 14 -8.16 7.11 2.96
CA LYS A 14 -7.98 8.56 3.11
C LYS A 14 -6.99 8.91 4.23
N THR A 15 -5.93 8.11 4.38
CA THR A 15 -4.91 8.38 5.40
C THR A 15 -3.50 8.41 4.78
N PRO A 16 -2.74 9.47 5.01
CA PRO A 16 -1.36 9.60 4.46
C PRO A 16 -0.40 8.58 5.07
N TYR A 17 0.91 8.83 4.94
CA TYR A 17 1.89 7.89 5.47
C TYR A 17 2.01 8.00 6.98
N ASP A 18 1.97 6.86 7.60
CA ASP A 18 2.13 6.76 9.03
C ASP A 18 2.96 5.52 9.31
N GLU A 19 4.18 5.72 9.82
CA GLU A 19 5.06 4.60 10.11
C GLU A 19 4.36 3.60 11.03
N SER A 20 3.08 3.84 11.25
CA SER A 20 2.27 2.97 12.08
C SER A 20 1.33 2.19 11.16
N LYS A 21 1.40 2.54 9.90
CA LYS A 21 0.61 1.94 8.86
C LYS A 21 1.53 1.31 7.85
N PHE A 22 1.22 0.09 7.46
CA PHE A 22 2.06 -0.59 6.50
C PHE A 22 1.34 -0.74 5.20
N TYR A 23 2.07 -0.49 4.15
CA TYR A 23 1.52 -0.51 2.82
C TYR A 23 2.03 -1.59 1.90
N ILE A 24 1.35 -1.55 0.78
CA ILE A 24 1.59 -2.42 -0.37
C ILE A 24 1.34 -1.58 -1.62
N GLY A 25 2.22 -1.67 -2.62
CA GLY A 25 2.05 -0.86 -3.83
C GLY A 25 1.36 -1.61 -4.98
N CYS A 26 0.29 -0.98 -5.49
CA CYS A 26 -0.48 -1.49 -6.61
C CYS A 26 0.45 -1.76 -7.80
N ASP A 27 0.49 -3.00 -8.28
CA ASP A 27 1.35 -3.32 -9.41
C ASP A 27 1.08 -2.40 -10.59
N ARG A 28 -0.19 -2.03 -10.77
CA ARG A 28 -0.57 -1.16 -11.87
C ARG A 28 -0.95 0.23 -11.36
N CYS A 29 -1.59 0.28 -10.19
CA CYS A 29 -2.02 1.53 -9.61
C CYS A 29 -0.84 2.24 -8.98
N GLN A 30 0.30 1.56 -8.98
CA GLN A 30 1.53 2.09 -8.41
C GLN A 30 1.27 2.95 -7.18
N ASN A 31 0.27 2.59 -6.38
CA ASN A 31 -0.01 3.34 -5.17
C ASN A 31 -0.22 2.40 -4.02
N TRP A 32 -0.30 2.97 -2.83
CA TRP A 32 -0.37 2.16 -1.62
C TRP A 32 -1.56 2.38 -0.73
N TYR A 33 -1.89 1.33 0.00
CA TYR A 33 -2.93 1.39 1.02
C TYR A 33 -2.49 0.59 2.23
N HIS A 34 -3.04 0.89 3.40
CA HIS A 34 -2.71 0.08 4.55
C HIS A 34 -3.33 -1.27 4.31
N GLY A 35 -2.67 -2.32 4.72
CA GLY A 35 -3.20 -3.65 4.47
C GLY A 35 -4.70 -3.70 4.73
N ARG A 36 -5.10 -3.33 5.93
CA ARG A 36 -6.51 -3.34 6.27
C ARG A 36 -7.22 -2.20 5.59
N CYS A 37 -6.45 -1.21 5.17
CA CYS A 37 -7.06 -0.07 4.50
C CYS A 37 -7.96 -0.59 3.40
N VAL A 38 -7.61 -1.75 2.87
CA VAL A 38 -8.39 -2.38 1.81
C VAL A 38 -8.90 -3.73 2.28
N GLY A 39 -8.77 -3.98 3.59
CA GLY A 39 -9.24 -5.22 4.17
C GLY A 39 -8.35 -6.41 3.82
N ILE A 40 -7.04 -6.22 3.95
CA ILE A 40 -6.11 -7.29 3.63
C ILE A 40 -5.38 -7.77 4.88
N LEU A 41 -4.68 -8.89 4.74
CA LEU A 41 -3.92 -9.44 5.85
C LEU A 41 -2.85 -8.47 6.29
N GLN A 42 -2.30 -8.73 7.45
CA GLN A 42 -1.26 -7.86 7.98
C GLN A 42 0.07 -8.16 7.35
N SER A 43 0.48 -9.41 7.45
CA SER A 43 1.75 -9.83 6.88
C SER A 43 1.64 -9.76 5.36
N GLU A 44 0.41 -9.67 4.87
CA GLU A 44 0.17 -9.60 3.43
C GLU A 44 1.17 -8.69 2.78
N ALA A 45 1.76 -7.83 3.56
CA ALA A 45 2.74 -6.91 3.06
C ALA A 45 4.05 -7.63 2.70
N GLU A 46 4.54 -8.45 3.63
CA GLU A 46 5.80 -9.18 3.41
C GLU A 46 5.63 -10.54 2.71
N LEU A 47 4.64 -11.31 3.11
CA LEU A 47 4.43 -12.64 2.53
C LEU A 47 4.30 -12.61 1.02
N ILE A 48 3.87 -11.47 0.49
CA ILE A 48 3.72 -11.36 -0.95
C ILE A 48 5.03 -10.94 -1.58
N ASP A 49 5.05 -10.96 -2.89
CA ASP A 49 6.23 -10.60 -3.63
C ASP A 49 5.84 -10.22 -5.05
N GLU A 50 4.54 -10.06 -5.23
CA GLU A 50 3.94 -9.67 -6.49
C GLU A 50 2.58 -9.10 -6.16
N TYR A 51 2.56 -8.30 -5.09
CA TYR A 51 1.35 -7.70 -4.61
C TYR A 51 0.81 -6.70 -5.60
N VAL A 52 -0.49 -6.63 -5.62
CA VAL A 52 -1.19 -5.71 -6.48
C VAL A 52 -2.31 -5.05 -5.69
N CYS A 53 -2.73 -3.89 -6.14
CA CYS A 53 -3.77 -3.19 -5.47
C CYS A 53 -5.08 -3.80 -5.86
N PRO A 54 -6.07 -3.54 -5.10
CA PRO A 54 -7.40 -4.10 -5.35
C PRO A 54 -8.15 -3.28 -6.38
N GLN A 55 -7.85 -1.99 -6.44
CA GLN A 55 -8.47 -1.11 -7.42
C GLN A 55 -7.85 -1.40 -8.78
N CYS A 56 -6.59 -1.83 -8.75
CA CYS A 56 -5.88 -2.16 -9.97
C CYS A 56 -6.55 -3.34 -10.67
N GLN A 57 -7.05 -4.28 -9.86
CA GLN A 57 -7.71 -5.46 -10.38
C GLN A 57 -8.90 -5.08 -11.27
N SER A 58 -9.48 -3.92 -11.01
CA SER A 58 -10.62 -3.46 -11.78
C SER A 58 -10.36 -3.67 -13.27
N THR A 59 -9.10 -3.54 -13.68
CA THR A 59 -8.75 -3.72 -15.09
C THR A 59 -7.53 -4.62 -15.24
N GLU A 60 -6.91 -4.98 -14.12
CA GLU A 60 -5.72 -5.84 -14.15
C GLU A 60 -6.07 -7.26 -13.69
N ASP A 61 -5.44 -8.25 -14.31
CA ASP A 61 -5.68 -9.64 -13.95
C ASP A 61 -4.60 -10.15 -13.00
N ALA A 62 -4.84 -11.30 -12.38
CA ALA A 62 -3.87 -11.88 -11.46
C ALA A 62 -2.80 -12.65 -12.21
N ALA B 1 5.35 -6.03 -7.19
CA ALA B 1 4.83 -6.08 -5.78
C ALA B 1 4.89 -4.69 -5.17
N ARG B 2 5.94 -3.94 -5.51
CA ARG B 2 6.11 -2.59 -4.99
C ARG B 2 5.60 -2.46 -3.56
N THR B 3 5.86 -3.48 -2.75
CA THR B 3 5.43 -3.45 -1.36
C THR B 3 6.26 -2.41 -0.61
N M3L B 4 5.60 -1.61 0.22
CA M3L B 4 6.30 -0.58 0.98
CB M3L B 4 6.12 0.77 0.29
CG M3L B 4 4.64 1.01 -0.01
CD M3L B 4 4.38 2.52 -0.17
CE M3L B 4 4.64 3.27 1.15
NZ M3L B 4 3.73 4.46 1.28
C M3L B 4 5.80 -0.54 2.41
O M3L B 4 4.60 -0.37 2.66
CM1 M3L B 4 2.32 4.04 1.48
CM2 M3L B 4 3.86 5.34 0.08
CM3 M3L B 4 4.14 5.23 2.45
H2 M3L B 4 4.58 -1.73 0.34
HA M3L B 4 7.37 -0.83 1.01
HB2 M3L B 4 6.48 1.57 0.93
HB3 M3L B 4 6.67 0.81 -0.64
HG2 M3L B 4 4.36 0.51 -0.93
HG3 M3L B 4 4.03 0.63 0.80
HD2 M3L B 4 5.03 2.95 -0.93
HD3 M3L B 4 3.35 2.71 -0.47
HE2 M3L B 4 4.45 2.61 2.00
HE3 M3L B 4 5.67 3.60 1.21
HM11 M3L B 4 1.68 4.93 1.56
HM12 M3L B 4 1.99 3.44 0.63
HM13 M3L B 4 2.24 3.45 2.39
HM21 M3L B 4 3.20 6.20 0.18
HM22 M3L B 4 4.89 5.68 -0.02
HM23 M3L B 4 3.57 4.77 -0.81
HM31 M3L B 4 3.50 6.11 2.55
HM32 M3L B 4 4.06 4.61 3.34
HM33 M3L B 4 5.18 5.55 2.33
N GLN B 5 6.70 -0.74 3.37
CA GLN B 5 6.32 -0.76 4.77
C GLN B 5 7.44 -0.21 5.64
N THR B 6 7.11 0.07 6.91
CA THR B 6 8.08 0.62 7.84
C THR B 6 9.11 -0.44 8.25
N ALA B 7 9.26 -1.47 7.41
CA ALA B 7 10.20 -2.54 7.70
C ALA B 7 11.03 -2.85 6.46
N ARG B 8 12.08 -2.05 6.23
CA ARG B 8 12.94 -2.24 5.08
C ARG B 8 14.40 -2.31 5.51
N LYS B 9 15.11 -3.32 5.00
CA LYS B 9 16.52 -3.50 5.32
C LYS B 9 17.32 -3.72 4.03
N SER B 10 18.63 -3.55 4.12
CA SER B 10 19.49 -3.74 2.95
C SER B 10 19.43 -5.17 2.46
N THR B 11 19.32 -5.35 1.14
CA THR B 11 19.25 -6.68 0.54
C THR B 11 20.30 -6.83 -0.56
N GLY B 12 20.53 -8.07 -0.97
CA GLY B 12 21.51 -8.34 -2.03
C GLY B 12 20.99 -9.43 -2.97
N GLY B 13 20.31 -9.01 -4.03
CA GLY B 13 19.76 -9.96 -4.99
C GLY B 13 18.36 -10.41 -4.60
N LYS B 14 17.72 -11.17 -5.48
CA LYS B 14 16.37 -11.66 -5.20
C LYS B 14 16.35 -12.52 -3.94
N ALA B 15 17.41 -13.31 -3.76
CA ALA B 15 17.51 -14.18 -2.60
C ALA B 15 17.79 -13.36 -1.33
ZN ZN C . -4.50 -0.73 -7.84
ZN ZN D . -7.19 2.46 2.88
N GLY A 1 -14.22 4.77 -18.74
CA GLY A 1 -12.73 4.91 -18.77
C GLY A 1 -12.29 5.69 -17.53
N PRO A 2 -11.02 6.02 -17.46
CA PRO A 2 -10.46 6.76 -16.30
C PRO A 2 -11.20 8.08 -16.05
N LEU A 3 -11.53 8.34 -14.79
CA LEU A 3 -12.25 9.56 -14.43
C LEU A 3 -11.42 10.42 -13.49
N GLY A 4 -11.48 11.73 -13.69
CA GLY A 4 -10.74 12.67 -12.85
C GLY A 4 -9.49 13.18 -13.58
N SER A 5 -8.89 14.24 -13.04
CA SER A 5 -7.69 14.82 -13.63
C SER A 5 -6.68 15.18 -12.54
N ASP A 6 -6.73 14.45 -11.42
CA ASP A 6 -5.81 14.69 -10.32
C ASP A 6 -5.31 13.38 -9.73
N THR A 7 -4.57 13.48 -8.62
CA THR A 7 -4.03 12.30 -7.95
C THR A 7 -4.57 12.19 -6.53
N LYS A 8 -4.32 11.05 -5.88
CA LYS A 8 -4.80 10.83 -4.52
C LYS A 8 -3.70 10.23 -3.63
N LEU A 9 -3.85 10.48 -2.34
CA LEU A 9 -2.91 9.97 -1.35
C LEU A 9 -2.93 8.44 -1.33
N TYR A 10 -2.23 7.83 -0.36
CA TYR A 10 -2.15 6.38 -0.28
C TYR A 10 -3.51 5.70 -0.09
N CYS A 11 -3.59 4.95 1.00
CA CYS A 11 -4.76 4.18 1.37
C CYS A 11 -6.05 4.85 0.96
N ILE A 12 -6.82 4.08 0.20
CA ILE A 12 -8.11 4.48 -0.29
C ILE A 12 -8.97 4.95 0.87
N CYS A 13 -8.43 4.76 2.07
CA CYS A 13 -9.08 5.15 3.30
C CYS A 13 -8.84 6.64 3.58
N LYS A 14 -8.04 7.26 2.72
CA LYS A 14 -7.72 8.69 2.84
C LYS A 14 -6.87 8.99 4.08
N THR A 15 -5.69 8.36 4.18
CA THR A 15 -4.81 8.60 5.31
C THR A 15 -3.33 8.64 4.86
N PRO A 16 -2.65 9.75 5.10
CA PRO A 16 -1.19 9.89 4.76
C PRO A 16 -0.32 8.74 5.28
N TYR A 17 0.99 8.88 5.10
CA TYR A 17 1.93 7.86 5.53
C TYR A 17 2.18 7.93 7.01
N ASP A 18 2.07 6.79 7.63
CA ASP A 18 2.33 6.67 9.05
C ASP A 18 3.06 5.35 9.30
N GLU A 19 4.29 5.43 9.80
CA GLU A 19 5.05 4.22 10.05
C GLU A 19 4.27 3.26 10.92
N SER A 20 3.03 3.64 11.21
CA SER A 20 2.14 2.81 12.02
C SER A 20 1.24 2.04 11.07
N LYS A 21 1.28 2.49 9.83
CA LYS A 21 0.49 1.90 8.77
C LYS A 21 1.43 1.23 7.81
N PHE A 22 1.09 0.02 7.41
CA PHE A 22 1.92 -0.69 6.48
C PHE A 22 1.25 -0.85 5.16
N TYR A 23 1.97 -0.47 4.15
CA TYR A 23 1.47 -0.46 2.80
C TYR A 23 1.94 -1.57 1.91
N ILE A 24 1.32 -1.50 0.76
CA ILE A 24 1.56 -2.38 -0.37
C ILE A 24 1.28 -1.57 -1.63
N GLY A 25 2.21 -1.55 -2.58
CA GLY A 25 2.06 -0.75 -3.78
C GLY A 25 1.33 -1.44 -4.93
N CYS A 26 0.23 -0.83 -5.37
CA CYS A 26 -0.53 -1.28 -6.51
C CYS A 26 0.47 -1.51 -7.64
N ASP A 27 0.66 -2.75 -8.06
CA ASP A 27 1.64 -3.04 -9.11
C ASP A 27 1.20 -2.35 -10.36
N ARG A 28 -0.10 -2.34 -10.56
CA ARG A 28 -0.69 -1.71 -11.71
C ARG A 28 -1.16 -0.30 -11.36
N CYS A 29 -1.74 -0.12 -10.18
CA CYS A 29 -2.22 1.18 -9.81
C CYS A 29 -1.06 2.08 -9.37
N GLN A 30 0.04 1.46 -8.93
CA GLN A 30 1.25 2.19 -8.51
C GLN A 30 1.03 3.00 -7.23
N ASN A 31 0.09 2.61 -6.37
CA ASN A 31 -0.15 3.33 -5.13
C ASN A 31 -0.29 2.39 -3.96
N TRP A 32 -0.31 2.96 -2.77
CA TRP A 32 -0.35 2.16 -1.56
C TRP A 32 -1.54 2.37 -0.65
N TYR A 33 -1.89 1.32 0.04
CA TYR A 33 -2.94 1.38 1.05
C TYR A 33 -2.50 0.59 2.27
N HIS A 34 -3.12 0.87 3.42
CA HIS A 34 -2.81 0.08 4.58
C HIS A 34 -3.47 -1.26 4.35
N GLY A 35 -2.82 -2.32 4.74
CA GLY A 35 -3.38 -3.63 4.50
C GLY A 35 -4.88 -3.67 4.76
N ARG A 36 -5.28 -3.26 5.94
CA ARG A 36 -6.68 -3.26 6.28
C ARG A 36 -7.39 -2.11 5.59
N CYS A 37 -6.61 -1.12 5.18
CA CYS A 37 -7.19 0.01 4.52
C CYS A 37 -8.06 -0.49 3.38
N VAL A 38 -7.71 -1.67 2.88
CA VAL A 38 -8.46 -2.29 1.80
C VAL A 38 -8.98 -3.65 2.24
N GLY A 39 -8.82 -3.94 3.53
CA GLY A 39 -9.30 -5.20 4.09
C GLY A 39 -8.41 -6.36 3.68
N ILE A 40 -7.11 -6.17 3.82
CA ILE A 40 -6.16 -7.22 3.45
C ILE A 40 -5.46 -7.78 4.68
N LEU A 41 -4.80 -8.92 4.51
CA LEU A 41 -4.07 -9.51 5.61
C LEU A 41 -3.00 -8.54 6.12
N GLN A 42 -2.49 -8.84 7.29
CA GLN A 42 -1.49 -7.98 7.92
C GLN A 42 -0.13 -8.23 7.31
N SER A 43 0.28 -9.49 7.36
CA SER A 43 1.57 -9.87 6.81
C SER A 43 1.53 -9.79 5.30
N GLU A 44 0.31 -9.72 4.76
CA GLU A 44 0.13 -9.66 3.31
C GLU A 44 1.13 -8.74 2.67
N ALA A 45 1.71 -7.86 3.44
CA ALA A 45 2.67 -6.93 2.92
C ALA A 45 3.99 -7.63 2.55
N GLU A 46 4.54 -8.41 3.48
CA GLU A 46 5.82 -9.08 3.23
C GLU A 46 5.69 -10.44 2.52
N LEU A 47 4.71 -11.23 2.93
CA LEU A 47 4.53 -12.56 2.35
C LEU A 47 4.38 -12.52 0.83
N ILE A 48 3.94 -11.37 0.31
CA ILE A 48 3.77 -11.25 -1.12
C ILE A 48 5.08 -10.84 -1.76
N ASP A 49 5.09 -10.85 -3.07
CA ASP A 49 6.27 -10.52 -3.82
C ASP A 49 5.88 -10.16 -5.25
N GLU A 50 4.61 -9.82 -5.38
CA GLU A 50 4.02 -9.42 -6.64
C GLU A 50 2.65 -8.88 -6.30
N TYR A 51 2.61 -8.13 -5.20
CA TYR A 51 1.38 -7.56 -4.72
C TYR A 51 0.85 -6.53 -5.68
N VAL A 52 -0.46 -6.52 -5.78
CA VAL A 52 -1.15 -5.57 -6.60
C VAL A 52 -2.27 -4.96 -5.80
N CYS A 53 -2.72 -3.81 -6.21
CA CYS A 53 -3.76 -3.14 -5.52
C CYS A 53 -5.07 -3.72 -5.93
N PRO A 54 -6.05 -3.52 -5.13
CA PRO A 54 -7.38 -4.03 -5.40
C PRO A 54 -8.10 -3.10 -6.35
N GLN A 55 -7.69 -1.83 -6.32
CA GLN A 55 -8.22 -0.84 -7.21
C GLN A 55 -7.75 -1.17 -8.62
N CYS A 56 -6.50 -1.66 -8.68
CA CYS A 56 -5.92 -2.06 -9.95
C CYS A 56 -6.40 -3.46 -10.32
N GLN A 57 -6.58 -4.31 -9.30
CA GLN A 57 -7.03 -5.68 -9.52
C GLN A 57 -8.26 -5.71 -10.39
N SER A 58 -9.14 -4.74 -10.21
CA SER A 58 -10.36 -4.68 -11.01
C SER A 58 -10.01 -4.59 -12.50
N THR A 59 -8.78 -4.16 -12.79
CA THR A 59 -8.34 -4.04 -14.17
C THR A 59 -6.87 -4.43 -14.34
N GLU A 60 -6.48 -5.57 -13.77
CA GLU A 60 -5.09 -6.04 -13.90
C GLU A 60 -4.59 -5.80 -15.31
N ASP A 61 -5.48 -5.92 -16.29
CA ASP A 61 -5.13 -5.72 -17.68
C ASP A 61 -5.09 -4.24 -18.04
N ALA A 62 -3.94 -3.77 -18.47
CA ALA A 62 -3.78 -2.36 -18.83
C ALA A 62 -4.78 -1.97 -19.91
N ALA B 1 7.04 -6.14 -7.45
CA ALA B 1 6.23 -5.95 -6.22
C ALA B 1 6.70 -4.70 -5.48
N ARG B 2 5.84 -3.67 -5.46
CA ARG B 2 6.18 -2.44 -4.78
C ARG B 2 5.60 -2.41 -3.38
N THR B 3 5.96 -3.38 -2.56
CA THR B 3 5.46 -3.42 -1.20
C THR B 3 6.03 -2.24 -0.41
N M3L B 4 5.17 -1.52 0.29
CA M3L B 4 5.61 -0.38 1.07
CB M3L B 4 4.96 0.91 0.50
CG M3L B 4 6.04 1.97 0.19
CD M3L B 4 5.79 3.26 0.99
CE M3L B 4 4.90 4.24 0.19
NZ M3L B 4 3.79 4.77 1.04
C M3L B 4 5.24 -0.58 2.54
O M3L B 4 4.08 -0.54 2.90
CM1 M3L B 4 4.34 5.34 2.29
CM2 M3L B 4 2.86 3.66 1.39
CM3 M3L B 4 3.06 5.85 0.32
H2 M3L B 4 4.18 -1.78 0.29
HA M3L B 4 6.70 -0.30 1.01
HB2 M3L B 4 4.43 0.70 -0.41
HB3 M3L B 4 4.27 1.35 1.22
HG2 M3L B 4 7.03 1.61 0.44
HG3 M3L B 4 6.03 2.22 -0.88
HD2 M3L B 4 5.28 3.03 1.93
HD3 M3L B 4 6.72 3.76 1.21
HE2 M3L B 4 5.49 5.09 -0.18
HE3 M3L B 4 4.46 3.74 -0.68
HM11 M3L B 4 3.52 5.72 2.91
HM12 M3L B 4 4.87 4.57 2.84
HM13 M3L B 4 5.02 6.16 2.05
HM21 M3L B 4 2.05 4.04 2.01
HM22 M3L B 4 2.43 3.23 0.48
HM23 M3L B 4 3.40 2.88 1.94
HM31 M3L B 4 2.26 6.24 0.94
HM32 M3L B 4 3.76 6.67 0.08
HM33 M3L B 4 2.64 5.46 -0.61
N GLN B 5 6.25 -0.80 3.37
CA GLN B 5 6.02 -1.03 4.80
C GLN B 5 6.63 0.09 5.62
N THR B 6 6.58 -0.06 6.93
CA THR B 6 7.12 0.95 7.84
C THR B 6 8.64 1.04 7.72
N ALA B 7 9.20 2.04 8.38
CA ALA B 7 10.65 2.26 8.35
C ALA B 7 11.13 2.87 9.67
N ARG B 8 12.43 2.76 9.93
CA ARG B 8 13.00 3.29 11.16
C ARG B 8 12.65 4.77 11.32
N LYS B 9 12.72 5.54 10.23
CA LYS B 9 12.40 6.96 10.27
C LYS B 9 11.83 7.43 8.94
N SER B 10 12.68 7.59 7.94
CA SER B 10 12.23 8.05 6.63
C SER B 10 13.17 7.57 5.53
N THR B 11 12.62 7.36 4.34
CA THR B 11 13.41 6.92 3.20
C THR B 11 13.43 8.00 2.12
N GLY B 12 12.98 9.20 2.49
CA GLY B 12 12.95 10.32 1.54
C GLY B 12 14.34 10.60 0.98
N GLY B 13 15.35 10.56 1.84
CA GLY B 13 16.72 10.81 1.42
C GLY B 13 17.01 12.29 1.30
N LYS B 14 16.12 13.13 1.84
CA LYS B 14 16.32 14.58 1.78
C LYS B 14 17.66 14.96 2.38
N ALA B 15 18.06 14.23 3.41
CA ALA B 15 19.33 14.51 4.09
C ALA B 15 19.97 13.22 4.58
ZN ZN C . -2.62 -1.91 -8.41
ZN ZN D . -7.25 2.57 2.86
N GLY A 1 12.18 10.83 -4.84
CA GLY A 1 12.42 11.39 -6.19
C GLY A 1 11.79 12.78 -6.29
N PRO A 2 10.53 12.90 -5.97
CA PRO A 2 9.80 14.19 -6.01
C PRO A 2 10.52 15.27 -5.19
N LEU A 3 10.26 16.52 -5.53
CA LEU A 3 10.90 17.63 -4.81
C LEU A 3 10.59 17.53 -3.32
N GLY A 4 11.61 17.21 -2.53
CA GLY A 4 11.44 17.08 -1.09
C GLY A 4 10.91 15.70 -0.72
N SER A 5 10.83 15.43 0.57
CA SER A 5 10.33 14.14 1.05
C SER A 5 8.82 14.17 1.20
N ASP A 6 8.20 15.28 0.80
CA ASP A 6 6.76 15.43 0.90
C ASP A 6 6.04 14.39 0.04
N THR A 7 4.97 13.82 0.58
CA THR A 7 4.19 12.81 -0.13
C THR A 7 2.70 13.15 -0.09
N LYS A 8 1.90 12.33 -0.78
CA LYS A 8 0.46 12.54 -0.82
C LYS A 8 -0.27 11.36 -0.19
N LEU A 9 -1.60 11.39 -0.25
CA LEU A 9 -2.43 10.33 0.34
C LEU A 9 -2.16 8.97 -0.31
N TYR A 10 -2.51 7.91 0.41
CA TYR A 10 -2.29 6.55 -0.09
C TYR A 10 -3.60 5.76 -0.14
N CYS A 11 -3.88 5.06 0.96
CA CYS A 11 -5.07 4.23 1.06
C CYS A 11 -6.26 4.84 0.38
N ILE A 12 -6.98 3.98 -0.32
CA ILE A 12 -8.18 4.36 -1.02
C ILE A 12 -9.10 5.07 -0.04
N CYS A 13 -8.65 5.05 1.21
CA CYS A 13 -9.35 5.66 2.33
C CYS A 13 -8.97 7.13 2.47
N LYS A 14 -7.79 7.51 1.93
CA LYS A 14 -7.31 8.90 1.98
C LYS A 14 -6.62 9.23 3.32
N THR A 15 -5.36 8.82 3.48
CA THR A 15 -4.62 9.09 4.71
C THR A 15 -3.11 9.25 4.45
N PRO A 16 -2.41 9.91 5.34
CA PRO A 16 -0.94 10.13 5.23
C PRO A 16 -0.14 8.90 5.62
N TYR A 17 1.19 9.00 5.54
CA TYR A 17 2.05 7.87 5.89
C TYR A 17 2.26 7.80 7.38
N ASP A 18 2.08 6.63 7.92
CA ASP A 18 2.29 6.40 9.32
C ASP A 18 2.95 5.06 9.51
N GLU A 19 4.14 5.06 10.10
CA GLU A 19 4.86 3.82 10.32
C GLU A 19 4.02 2.88 11.18
N SER A 20 2.78 3.29 11.40
CA SER A 20 1.83 2.50 12.19
C SER A 20 0.88 1.83 11.22
N LYS A 21 0.98 2.28 9.98
CA LYS A 21 0.20 1.77 8.89
C LYS A 21 1.17 1.12 7.93
N PHE A 22 0.89 -0.11 7.53
CA PHE A 22 1.77 -0.78 6.63
C PHE A 22 1.11 -0.89 5.30
N TYR A 23 1.93 -0.83 4.26
CA TYR A 23 1.39 -0.79 2.94
C TYR A 23 1.84 -1.87 2.00
N ILE A 24 1.15 -1.77 0.90
CA ILE A 24 1.35 -2.61 -0.26
C ILE A 24 1.10 -1.74 -1.50
N GLY A 25 2.04 -1.73 -2.44
CA GLY A 25 1.92 -0.88 -3.63
C GLY A 25 1.23 -1.55 -4.81
N CYS A 26 0.13 -0.93 -5.25
CA CYS A 26 -0.60 -1.39 -6.41
C CYS A 26 0.39 -1.64 -7.55
N ASP A 27 0.63 -2.90 -7.89
CA ASP A 27 1.57 -3.20 -8.96
C ASP A 27 1.04 -2.68 -10.27
N ARG A 28 -0.28 -2.72 -10.40
CA ARG A 28 -0.94 -2.25 -11.60
C ARG A 28 -1.47 -0.83 -11.40
N CYS A 29 -1.71 -0.44 -10.14
CA CYS A 29 -2.22 0.90 -9.89
C CYS A 29 -1.07 1.85 -9.51
N GLN A 30 -0.02 1.28 -8.90
CA GLN A 30 1.18 2.04 -8.52
C GLN A 30 1.04 2.81 -7.19
N ASN A 31 0.04 2.50 -6.34
CA ASN A 31 -0.08 3.21 -5.08
C ASN A 31 -0.37 2.30 -3.92
N TRP A 32 -0.35 2.88 -2.73
CA TRP A 32 -0.48 2.10 -1.51
C TRP A 32 -1.72 2.33 -0.66
N TYR A 33 -2.10 1.29 0.05
CA TYR A 33 -3.19 1.39 1.04
C TYR A 33 -2.81 0.54 2.25
N HIS A 34 -3.47 0.81 3.39
CA HIS A 34 -3.24 0.03 4.58
C HIS A 34 -3.94 -1.28 4.39
N GLY A 35 -3.28 -2.37 4.68
CA GLY A 35 -3.89 -3.65 4.51
C GLY A 35 -5.34 -3.61 5.00
N ARG A 36 -5.57 -2.89 6.09
CA ARG A 36 -6.92 -2.74 6.62
C ARG A 36 -7.73 -1.92 5.64
N CYS A 37 -7.06 -0.98 5.00
CA CYS A 37 -7.68 -0.09 4.03
C CYS A 37 -8.07 -0.85 2.78
N VAL A 38 -7.12 -1.60 2.28
CA VAL A 38 -7.30 -2.41 1.08
C VAL A 38 -7.99 -3.71 1.43
N GLY A 39 -7.88 -4.10 2.70
CA GLY A 39 -8.47 -5.34 3.18
C GLY A 39 -7.50 -6.48 2.94
N ILE A 40 -6.23 -6.25 3.27
CA ILE A 40 -5.19 -7.25 3.08
C ILE A 40 -4.75 -7.86 4.39
N LEU A 41 -4.06 -8.98 4.29
CA LEU A 41 -3.53 -9.64 5.46
C LEU A 41 -2.51 -8.73 6.11
N GLN A 42 -2.14 -9.06 7.31
CA GLN A 42 -1.20 -8.23 8.03
C GLN A 42 0.21 -8.48 7.54
N SER A 43 0.61 -9.74 7.58
CA SER A 43 1.94 -10.10 7.15
C SER A 43 2.06 -9.95 5.65
N GLU A 44 0.92 -9.87 4.96
CA GLU A 44 0.93 -9.73 3.51
C GLU A 44 1.94 -8.68 3.08
N ALA A 45 2.34 -7.84 4.00
CA ALA A 45 3.31 -6.82 3.66
C ALA A 45 4.59 -7.44 3.07
N GLU A 46 5.25 -8.33 3.82
CA GLU A 46 6.51 -8.94 3.36
C GLU A 46 6.36 -10.24 2.56
N LEU A 47 5.49 -11.13 3.00
CA LEU A 47 5.33 -12.44 2.38
C LEU A 47 5.02 -12.40 0.88
N ILE A 48 4.39 -11.34 0.40
CA ILE A 48 4.08 -11.27 -1.02
C ILE A 48 5.26 -10.71 -1.78
N ASP A 49 5.13 -10.75 -3.08
CA ASP A 49 6.17 -10.26 -3.96
C ASP A 49 5.58 -9.94 -5.32
N GLU A 50 4.26 -10.03 -5.37
CA GLU A 50 3.49 -9.74 -6.56
C GLU A 50 2.15 -9.18 -6.11
N TYR A 51 2.20 -8.43 -5.00
CA TYR A 51 1.00 -7.84 -4.47
C TYR A 51 0.47 -6.81 -5.43
N VAL A 52 -0.83 -6.70 -5.44
CA VAL A 52 -1.48 -5.73 -6.29
C VAL A 52 -2.56 -5.02 -5.49
N CYS A 53 -2.90 -3.82 -5.92
CA CYS A 53 -3.88 -3.05 -5.27
C CYS A 53 -5.24 -3.56 -5.60
N PRO A 54 -6.16 -3.27 -4.76
CA PRO A 54 -7.54 -3.71 -4.95
C PRO A 54 -8.26 -2.82 -5.96
N GLN A 55 -7.81 -1.58 -6.03
CA GLN A 55 -8.36 -0.64 -6.99
C GLN A 55 -7.89 -1.04 -8.37
N CYS A 56 -6.68 -1.59 -8.41
CA CYS A 56 -6.08 -2.04 -9.67
C CYS A 56 -6.88 -3.19 -10.26
N GLN A 57 -7.32 -4.09 -9.39
CA GLN A 57 -8.07 -5.26 -9.83
C GLN A 57 -9.27 -4.85 -10.67
N SER A 58 -9.77 -3.64 -10.44
CA SER A 58 -10.91 -3.14 -11.20
C SER A 58 -10.55 -3.00 -12.68
N THR A 59 -9.27 -2.79 -12.95
CA THR A 59 -8.81 -2.63 -14.34
C THR A 59 -8.26 -3.94 -14.90
N GLU A 60 -7.12 -4.38 -14.38
CA GLU A 60 -6.50 -5.63 -14.85
C GLU A 60 -6.20 -5.54 -16.34
N ASP A 61 -6.89 -6.35 -17.14
CA ASP A 61 -6.69 -6.36 -18.58
C ASP A 61 -5.21 -6.61 -18.91
N ALA A 62 -4.87 -7.87 -19.11
CA ALA A 62 -3.48 -8.23 -19.42
C ALA A 62 -2.60 -8.12 -18.19
N ALA B 1 7.02 -6.23 -7.30
CA ALA B 1 6.02 -5.79 -6.30
C ALA B 1 6.47 -4.47 -5.68
N ARG B 2 5.54 -3.53 -5.54
CA ARG B 2 5.85 -2.23 -4.96
C ARG B 2 5.40 -2.16 -3.50
N THR B 3 5.49 -3.28 -2.80
CA THR B 3 5.09 -3.33 -1.40
C THR B 3 5.99 -2.40 -0.59
N M3L B 4 5.40 -1.65 0.34
CA M3L B 4 6.18 -0.73 1.17
CB M3L B 4 6.14 0.70 0.58
CG M3L B 4 4.83 0.95 -0.18
CD M3L B 4 3.96 1.93 0.61
CE M3L B 4 4.33 3.39 0.28
NZ M3L B 4 3.65 4.35 1.25
C M3L B 4 5.68 -0.76 2.61
O M3L B 4 4.90 0.08 3.04
CM1 M3L B 4 4.39 4.35 2.53
CM2 M3L B 4 2.22 3.96 1.52
CM3 M3L B 4 3.67 5.72 0.66
H2 M3L B 4 4.38 -1.73 0.49
HA M3L B 4 7.23 -1.05 1.22
HB2 M3L B 4 6.21 1.44 1.36
HB3 M3L B 4 6.96 0.87 -0.11
HG2 M3L B 4 5.05 1.38 -1.15
HG3 M3L B 4 4.29 0.03 -0.31
HD2 M3L B 4 2.90 1.81 0.36
HD3 M3L B 4 4.07 1.80 1.68
HE2 M3L B 4 5.41 3.54 0.36
HE3 M3L B 4 4.02 3.66 -0.73
HM11 M3L B 4 3.89 5.04 3.22
HM12 M3L B 4 4.39 3.35 2.96
HM13 M3L B 4 5.41 4.68 2.36
HM21 M3L B 4 1.78 4.69 2.22
HM22 M3L B 4 1.65 3.97 0.59
HM23 M3L B 4 2.19 2.96 1.96
HM31 M3L B 4 3.19 6.41 1.35
HM32 M3L B 4 4.70 6.03 0.50
HM33 M3L B 4 3.14 5.72 -0.29
N GLN B 5 6.16 -1.76 3.37
CA GLN B 5 5.77 -1.92 4.76
C GLN B 5 6.16 -0.70 5.59
N THR B 6 6.66 -0.93 6.79
CA THR B 6 7.06 0.15 7.68
C THR B 6 8.48 -0.05 8.20
N ALA B 7 9.10 1.06 8.62
CA ALA B 7 10.46 1.01 9.15
C ALA B 7 10.71 2.21 10.06
N ARG B 8 11.74 2.13 10.89
CA ARG B 8 12.06 3.23 11.80
C ARG B 8 10.87 3.51 12.73
N LYS B 9 11.09 3.33 14.02
CA LYS B 9 10.01 3.56 15.00
C LYS B 9 10.10 4.97 15.57
N SER B 10 9.03 5.73 15.41
CA SER B 10 8.97 7.10 15.92
C SER B 10 8.94 7.10 17.45
N THR B 11 8.40 6.02 18.01
CA THR B 11 8.29 5.90 19.46
C THR B 11 7.80 7.20 20.08
N GLY B 12 8.72 8.12 20.37
CA GLY B 12 8.36 9.40 20.97
C GLY B 12 8.26 9.28 22.49
N GLY B 13 7.60 10.25 23.12
CA GLY B 13 7.44 10.23 24.56
C GLY B 13 6.80 8.93 25.02
N LYS B 14 7.48 8.21 25.90
CA LYS B 14 6.96 6.95 26.41
C LYS B 14 5.66 7.17 27.19
N ALA B 15 5.60 8.28 27.91
CA ALA B 15 4.40 8.61 28.69
C ALA B 15 4.62 9.91 29.47
ZN ZN C . -2.70 -2.05 -8.28
ZN ZN D . -7.24 3.21 4.31
N GLY A 1 -14.75 22.28 -15.24
CA GLY A 1 -15.78 21.34 -14.70
C GLY A 1 -15.10 20.15 -14.04
N PRO A 2 -14.68 19.18 -14.83
CA PRO A 2 -14.00 17.96 -14.31
C PRO A 2 -12.67 18.29 -13.63
N LEU A 3 -12.37 17.59 -12.54
CA LEU A 3 -11.13 17.80 -11.81
C LEU A 3 -10.11 16.72 -12.13
N GLY A 4 -8.83 17.11 -12.19
CA GLY A 4 -7.76 16.16 -12.50
C GLY A 4 -6.45 16.60 -11.86
N SER A 5 -5.39 15.83 -12.10
CA SER A 5 -4.08 16.15 -11.54
C SER A 5 -4.17 16.31 -10.03
N ASP A 6 -3.02 16.20 -9.35
CA ASP A 6 -2.99 16.32 -7.90
C ASP A 6 -3.95 15.32 -7.26
N THR A 7 -3.52 14.08 -7.14
CA THR A 7 -4.35 13.03 -6.56
C THR A 7 -4.33 13.08 -5.03
N LYS A 8 -5.24 12.31 -4.44
CA LYS A 8 -5.36 12.25 -3.00
C LYS A 8 -4.24 11.43 -2.34
N LEU A 9 -4.36 11.25 -1.04
CA LEU A 9 -3.39 10.52 -0.23
C LEU A 9 -3.27 9.07 -0.67
N TYR A 10 -2.48 8.30 0.09
CA TYR A 10 -2.25 6.89 -0.21
C TYR A 10 -3.54 6.07 -0.12
N CYS A 11 -3.58 5.23 0.90
CA CYS A 11 -4.70 4.34 1.18
C CYS A 11 -6.03 4.94 0.81
N ILE A 12 -6.77 4.16 0.04
CA ILE A 12 -8.08 4.51 -0.42
C ILE A 12 -8.92 4.98 0.77
N CYS A 13 -8.33 4.84 1.96
CA CYS A 13 -8.96 5.23 3.20
C CYS A 13 -8.70 6.71 3.52
N LYS A 14 -7.88 7.36 2.68
CA LYS A 14 -7.56 8.78 2.87
C LYS A 14 -6.67 9.03 4.10
N THR A 15 -5.37 8.78 3.97
CA THR A 15 -4.45 9.02 5.08
C THR A 15 -3.00 9.13 4.59
N PRO A 16 -2.20 9.99 5.19
CA PRO A 16 -0.77 10.16 4.82
C PRO A 16 0.07 8.98 5.27
N TYR A 17 1.39 9.08 5.19
CA TYR A 17 2.24 7.98 5.59
C TYR A 17 2.45 7.98 7.08
N ASP A 18 2.23 6.83 7.67
CA ASP A 18 2.42 6.64 9.09
C ASP A 18 3.03 5.28 9.32
N GLU A 19 4.26 5.26 9.84
CA GLU A 19 4.93 3.99 10.10
C GLU A 19 4.07 3.13 11.02
N SER A 20 2.87 3.62 11.29
CA SER A 20 1.91 2.90 12.13
C SER A 20 0.92 2.21 11.21
N LYS A 21 1.09 2.52 9.93
CA LYS A 21 0.29 1.99 8.87
C LYS A 21 1.23 1.34 7.89
N PHE A 22 0.95 0.13 7.51
CA PHE A 22 1.82 -0.56 6.59
C PHE A 22 1.15 -0.76 5.26
N TYR A 23 1.89 -0.42 4.25
CA TYR A 23 1.40 -0.45 2.90
C TYR A 23 1.93 -1.53 2.01
N ILE A 24 1.31 -1.50 0.86
CA ILE A 24 1.58 -2.35 -0.28
C ILE A 24 1.28 -1.51 -1.52
N GLY A 25 2.13 -1.57 -2.55
CA GLY A 25 1.92 -0.73 -3.74
C GLY A 25 1.29 -1.45 -4.93
N CYS A 26 0.17 -0.89 -5.40
CA CYS A 26 -0.55 -1.38 -6.58
C CYS A 26 0.44 -1.60 -7.72
N ASP A 27 0.52 -2.82 -8.25
CA ASP A 27 1.45 -3.08 -9.35
C ASP A 27 1.17 -2.17 -10.54
N ARG A 28 -0.12 -1.92 -10.82
CA ARG A 28 -0.49 -1.04 -11.92
C ARG A 28 -1.12 0.24 -11.41
N CYS A 29 -1.79 0.17 -10.26
CA CYS A 29 -2.39 1.37 -9.73
C CYS A 29 -1.27 2.28 -9.22
N GLN A 30 -0.11 1.66 -8.95
CA GLN A 30 1.10 2.35 -8.51
C GLN A 30 0.98 3.04 -7.14
N ASN A 31 -0.01 2.71 -6.32
CA ASN A 31 -0.09 3.36 -5.02
C ASN A 31 -0.38 2.43 -3.87
N TRP A 32 -0.30 3.02 -2.70
CA TRP A 32 -0.39 2.32 -1.44
C TRP A 32 -1.66 2.48 -0.62
N TYR A 33 -2.00 1.39 0.03
CA TYR A 33 -3.08 1.39 0.99
C TYR A 33 -2.66 0.57 2.19
N HIS A 34 -3.25 0.83 3.35
CA HIS A 34 -2.92 0.03 4.51
C HIS A 34 -3.51 -1.34 4.25
N GLY A 35 -2.80 -2.37 4.64
CA GLY A 35 -3.30 -3.70 4.38
C GLY A 35 -4.78 -3.81 4.66
N ARG A 36 -5.20 -3.27 5.80
CA ARG A 36 -6.61 -3.31 6.14
C ARG A 36 -7.33 -2.20 5.41
N CYS A 37 -6.58 -1.20 4.97
CA CYS A 37 -7.18 -0.10 4.26
C CYS A 37 -8.04 -0.66 3.13
N VAL A 38 -7.67 -1.87 2.69
CA VAL A 38 -8.38 -2.55 1.61
C VAL A 38 -8.84 -3.93 2.04
N GLY A 39 -8.74 -4.20 3.35
CA GLY A 39 -9.17 -5.49 3.89
C GLY A 39 -8.24 -6.63 3.51
N ILE A 40 -6.95 -6.42 3.67
CA ILE A 40 -5.97 -7.45 3.33
C ILE A 40 -5.29 -7.99 4.60
N LEU A 41 -4.60 -9.14 4.46
CA LEU A 41 -3.91 -9.72 5.60
C LEU A 41 -2.87 -8.74 6.14
N GLN A 42 -2.40 -9.02 7.33
CA GLN A 42 -1.42 -8.17 7.99
C GLN A 42 -0.03 -8.40 7.44
N SER A 43 0.41 -9.65 7.51
CA SER A 43 1.71 -10.01 7.01
C SER A 43 1.70 -9.93 5.50
N GLU A 44 0.50 -9.90 4.94
CA GLU A 44 0.33 -9.87 3.50
C GLU A 44 1.31 -8.90 2.85
N ALA A 45 1.85 -8.00 3.64
CA ALA A 45 2.78 -7.04 3.11
C ALA A 45 4.10 -7.72 2.70
N GLU A 46 4.68 -8.52 3.60
CA GLU A 46 5.97 -9.18 3.32
C GLU A 46 5.82 -10.52 2.60
N LEU A 47 4.88 -11.34 3.04
CA LEU A 47 4.71 -12.67 2.44
C LEU A 47 4.52 -12.60 0.93
N ILE A 48 4.04 -11.48 0.43
CA ILE A 48 3.82 -11.34 -0.99
C ILE A 48 5.12 -10.90 -1.65
N ASP A 49 5.10 -10.89 -2.96
CA ASP A 49 6.27 -10.52 -3.72
C ASP A 49 5.84 -10.06 -5.10
N GLU A 50 4.55 -9.82 -5.22
CA GLU A 50 3.95 -9.37 -6.45
C GLU A 50 2.56 -8.86 -6.07
N TYR A 51 2.52 -8.12 -4.97
CA TYR A 51 1.26 -7.60 -4.48
C TYR A 51 0.69 -6.62 -5.45
N VAL A 52 -0.62 -6.59 -5.47
CA VAL A 52 -1.34 -5.68 -6.33
C VAL A 52 -2.40 -4.94 -5.55
N CYS A 53 -2.82 -3.80 -6.09
CA CYS A 53 -3.82 -3.03 -5.46
C CYS A 53 -5.16 -3.63 -5.75
N PRO A 54 -6.11 -3.28 -4.97
CA PRO A 54 -7.46 -3.83 -5.12
C PRO A 54 -8.19 -3.16 -6.28
N GLN A 55 -7.97 -1.87 -6.46
CA GLN A 55 -8.57 -1.16 -7.57
C GLN A 55 -7.91 -1.65 -8.85
N CYS A 56 -6.66 -2.04 -8.70
CA CYS A 56 -5.86 -2.55 -9.81
C CYS A 56 -6.50 -3.80 -10.43
N GLN A 57 -6.87 -4.74 -9.57
CA GLN A 57 -7.46 -5.99 -10.01
C GLN A 57 -8.67 -5.75 -10.91
N SER A 58 -9.46 -4.74 -10.58
CA SER A 58 -10.64 -4.41 -11.38
C SER A 58 -10.26 -4.17 -12.84
N THR A 59 -9.08 -3.63 -13.05
CA THR A 59 -8.61 -3.34 -14.40
C THR A 59 -8.15 -4.62 -15.11
N GLU A 60 -7.10 -5.24 -14.58
CA GLU A 60 -6.57 -6.47 -15.18
C GLU A 60 -7.57 -7.62 -15.04
N ASP A 61 -8.29 -7.65 -13.92
CA ASP A 61 -9.27 -8.71 -13.68
C ASP A 61 -8.61 -10.08 -13.81
N ALA A 62 -7.44 -10.24 -13.19
CA ALA A 62 -6.72 -11.50 -13.23
C ALA A 62 -6.11 -11.82 -11.87
N ALA B 1 7.18 -6.05 -6.85
CA ALA B 1 6.28 -5.87 -5.67
C ALA B 1 6.66 -4.59 -4.94
N ARG B 2 5.93 -3.53 -5.20
CA ARG B 2 6.19 -2.25 -4.55
C ARG B 2 5.64 -2.25 -3.14
N THR B 3 5.99 -3.27 -2.37
CA THR B 3 5.52 -3.37 -1.00
C THR B 3 6.20 -2.32 -0.13
N M3L B 4 5.40 -1.59 0.64
CA M3L B 4 5.93 -0.57 1.52
CB M3L B 4 5.15 0.75 1.30
CG M3L B 4 6.09 1.86 0.78
CD M3L B 4 5.74 3.22 1.45
CE M3L B 4 4.96 4.13 0.46
NZ M3L B 4 3.74 4.70 1.12
C M3L B 4 5.77 -1.05 2.97
O M3L B 4 4.76 -0.80 3.62
CM1 M3L B 4 2.80 3.58 1.48
CM2 M3L B 4 3.07 5.67 0.21
CM3 M3L B 4 4.11 5.42 2.36
H2 M3L B 4 4.39 -1.75 0.60
HA M3L B 4 6.98 -0.42 1.31
HB2 M3L B 4 4.36 0.62 0.56
HB3 M3L B 4 4.69 1.11 2.21
HG2 M3L B 4 7.12 1.63 1.00
HG3 M3L B 4 5.99 1.98 -0.30
HD2 M3L B 4 5.12 3.07 2.33
HD3 M3L B 4 6.64 3.74 1.75
HE2 M3L B 4 5.58 4.97 0.14
HE3 M3L B 4 4.65 3.57 -0.42
HM11 M3L B 4 1.92 3.99 1.97
HM12 M3L B 4 2.52 3.05 0.57
HM13 M3L B 4 3.31 2.90 2.17
HM21 M3L B 4 2.18 6.08 0.69
HM22 M3L B 4 3.76 6.48 -0.02
HM23 M3L B 4 2.78 5.16 -0.71
HM31 M3L B 4 3.21 5.83 2.83
HM32 M3L B 4 4.60 4.74 3.05
HM33 M3L B 4 4.79 6.24 2.12
N GLN B 5 6.78 -1.78 3.46
CA GLN B 5 6.76 -2.35 4.80
C GLN B 5 7.23 -1.39 5.88
N THR B 6 7.13 -0.09 5.62
CA THR B 6 7.55 0.90 6.62
C THR B 6 8.87 0.48 7.27
N ALA B 7 9.17 1.06 8.43
CA ALA B 7 10.39 0.74 9.15
C ALA B 7 11.54 0.46 8.19
N ARG B 8 12.37 1.47 7.95
CA ARG B 8 13.49 1.32 7.05
C ARG B 8 13.01 0.84 5.67
N LYS B 9 13.82 1.04 4.65
CA LYS B 9 13.46 0.62 3.30
C LYS B 9 13.92 -0.81 3.04
N SER B 10 13.28 -1.47 2.07
CA SER B 10 13.63 -2.84 1.72
C SER B 10 15.09 -2.92 1.25
N THR B 11 15.67 -4.11 1.36
CA THR B 11 17.06 -4.31 0.95
C THR B 11 17.19 -4.31 -0.56
N GLY B 12 18.24 -3.67 -1.06
CA GLY B 12 18.48 -3.61 -2.50
C GLY B 12 19.86 -3.03 -2.80
N GLY B 13 20.59 -3.71 -3.67
CA GLY B 13 21.94 -3.26 -4.04
C GLY B 13 21.88 -1.95 -4.81
N LYS B 14 20.68 -1.56 -5.23
CA LYS B 14 20.49 -0.32 -5.99
C LYS B 14 21.19 -0.41 -7.34
N ALA B 15 21.07 -1.56 -8.00
CA ALA B 15 21.69 -1.76 -9.30
C ALA B 15 21.18 -3.04 -9.95
ZN ZN C . -2.49 -1.90 -8.59
ZN ZN D . -7.22 2.60 2.66
N GLY A 1 3.31 16.22 -16.71
CA GLY A 1 2.22 15.31 -16.22
C GLY A 1 1.38 16.06 -15.19
N PRO A 2 0.52 15.35 -14.50
CA PRO A 2 -0.37 15.94 -13.46
C PRO A 2 0.42 16.72 -12.41
N LEU A 3 -0.18 17.78 -11.89
CA LEU A 3 0.47 18.61 -10.87
C LEU A 3 0.27 18.00 -9.48
N GLY A 4 1.35 17.92 -8.72
CA GLY A 4 1.28 17.36 -7.37
C GLY A 4 0.85 18.41 -6.36
N SER A 5 0.80 18.02 -5.09
CA SER A 5 0.41 18.95 -4.04
C SER A 5 1.30 18.77 -2.81
N ASP A 6 1.33 19.79 -1.96
CA ASP A 6 2.15 19.74 -0.75
C ASP A 6 1.81 18.53 0.09
N THR A 7 0.53 18.17 0.12
CA THR A 7 0.08 17.02 0.90
C THR A 7 -0.64 16.02 0.00
N LYS A 8 -0.39 14.73 0.24
CA LYS A 8 -1.02 13.67 -0.56
C LYS A 8 -1.53 12.56 0.33
N LEU A 9 -2.05 11.50 -0.29
CA LEU A 9 -2.60 10.38 0.45
C LEU A 9 -2.34 9.06 -0.26
N TYR A 10 -2.58 7.96 0.45
CA TYR A 10 -2.34 6.63 -0.09
C TYR A 10 -3.62 5.79 -0.11
N CYS A 11 -3.81 5.01 0.94
CA CYS A 11 -4.94 4.13 1.07
C CYS A 11 -6.20 4.74 0.51
N ILE A 12 -6.93 3.88 -0.19
CA ILE A 12 -8.20 4.26 -0.78
C ILE A 12 -9.06 4.87 0.31
N CYS A 13 -8.51 4.78 1.51
CA CYS A 13 -9.13 5.30 2.72
C CYS A 13 -8.76 6.77 2.94
N LYS A 14 -7.68 7.22 2.30
CA LYS A 14 -7.22 8.62 2.41
C LYS A 14 -6.51 8.91 3.73
N THR A 15 -5.23 8.53 3.83
CA THR A 15 -4.45 8.77 5.05
C THR A 15 -2.97 8.99 4.74
N PRO A 16 -2.30 9.80 5.54
CA PRO A 16 -0.84 10.09 5.36
C PRO A 16 0.03 8.89 5.72
N TYR A 17 1.33 8.97 5.41
CA TYR A 17 2.22 7.86 5.71
C TYR A 17 2.55 7.80 7.18
N ASP A 18 2.39 6.61 7.72
CA ASP A 18 2.70 6.37 9.10
C ASP A 18 3.35 5.02 9.24
N GLU A 19 4.49 4.99 9.91
CA GLU A 19 5.20 3.74 10.09
C GLU A 19 4.36 2.82 10.97
N SER A 20 3.13 3.25 11.21
CA SER A 20 2.18 2.49 12.01
C SER A 20 1.23 1.80 11.04
N LYS A 21 1.21 2.35 9.85
CA LYS A 21 0.42 1.85 8.75
C LYS A 21 1.38 1.18 7.81
N PHE A 22 1.08 -0.05 7.42
CA PHE A 22 1.97 -0.74 6.51
C PHE A 22 1.36 -0.79 5.15
N TYR A 23 2.19 -0.80 4.14
CA TYR A 23 1.69 -0.70 2.80
C TYR A 23 2.07 -1.79 1.85
N ILE A 24 1.34 -1.70 0.77
CA ILE A 24 1.48 -2.55 -0.39
C ILE A 24 1.15 -1.70 -1.60
N GLY A 25 2.03 -1.68 -2.60
CA GLY A 25 1.83 -0.83 -3.76
C GLY A 25 1.11 -1.53 -4.91
N CYS A 26 0.02 -0.88 -5.34
CA CYS A 26 -0.77 -1.33 -6.47
C CYS A 26 0.19 -1.65 -7.62
N ASP A 27 0.35 -2.93 -7.93
CA ASP A 27 1.27 -3.32 -8.99
C ASP A 27 1.00 -2.52 -10.25
N ARG A 28 -0.28 -2.28 -10.51
CA ARG A 28 -0.67 -1.52 -11.69
C ARG A 28 -1.08 -0.09 -11.29
N CYS A 29 -1.73 0.03 -10.14
CA CYS A 29 -2.19 1.33 -9.70
C CYS A 29 -1.03 2.16 -9.12
N GLN A 30 0.12 1.50 -8.96
CA GLN A 30 1.33 2.15 -8.45
C GLN A 30 1.06 2.96 -7.18
N ASN A 31 0.09 2.57 -6.36
CA ASN A 31 -0.19 3.33 -5.17
C ASN A 31 -0.37 2.43 -3.97
N TRP A 32 -0.41 3.01 -2.79
CA TRP A 32 -0.45 2.21 -1.57
C TRP A 32 -1.64 2.41 -0.66
N TYR A 33 -1.97 1.34 0.04
CA TYR A 33 -3.01 1.38 1.07
C TYR A 33 -2.57 0.54 2.27
N HIS A 34 -3.27 0.69 3.39
CA HIS A 34 -2.99 -0.12 4.55
C HIS A 34 -3.57 -1.48 4.25
N GLY A 35 -2.84 -2.51 4.58
CA GLY A 35 -3.31 -3.85 4.26
C GLY A 35 -4.80 -4.01 4.54
N ARG A 36 -5.25 -3.44 5.64
CA ARG A 36 -6.66 -3.54 6.00
C ARG A 36 -7.44 -2.51 5.23
N CYS A 37 -6.74 -1.48 4.80
CA CYS A 37 -7.37 -0.44 4.06
C CYS A 37 -8.15 -1.04 2.91
N VAL A 38 -7.68 -2.22 2.50
CA VAL A 38 -8.31 -2.96 1.42
C VAL A 38 -8.76 -4.33 1.90
N GLY A 39 -8.74 -4.51 3.22
CA GLY A 39 -9.17 -5.77 3.83
C GLY A 39 -8.19 -6.91 3.56
N ILE A 40 -6.91 -6.65 3.76
CA ILE A 40 -5.89 -7.68 3.51
C ILE A 40 -5.16 -8.06 4.79
N LEU A 41 -4.39 -9.14 4.69
CA LEU A 41 -3.62 -9.63 5.82
C LEU A 41 -2.63 -8.58 6.31
N GLN A 42 -2.11 -8.82 7.49
CA GLN A 42 -1.15 -7.94 8.12
C GLN A 42 0.22 -8.13 7.51
N SER A 43 0.66 -9.37 7.53
CA SER A 43 1.95 -9.74 6.98
C SER A 43 1.92 -9.64 5.45
N GLU A 44 0.71 -9.59 4.91
CA GLU A 44 0.53 -9.48 3.46
C GLU A 44 1.49 -8.48 2.86
N ALA A 45 2.07 -7.66 3.71
CA ALA A 45 3.02 -6.64 3.26
C ALA A 45 4.44 -7.22 3.08
N GLU A 46 4.98 -7.85 4.13
CA GLU A 46 6.34 -8.39 4.06
C GLU A 46 6.45 -9.72 3.31
N LEU A 47 5.61 -10.69 3.66
CA LEU A 47 5.63 -12.00 3.01
C LEU A 47 5.07 -11.90 1.62
N ILE A 48 4.97 -10.69 1.15
CA ILE A 48 4.38 -10.47 -0.13
C ILE A 48 5.37 -9.99 -1.18
N ASP A 49 5.07 -10.36 -2.42
CA ASP A 49 5.92 -10.01 -3.54
C ASP A 49 5.19 -10.26 -4.86
N GLU A 50 3.88 -10.00 -4.85
CA GLU A 50 3.05 -10.20 -6.02
C GLU A 50 1.69 -9.56 -5.77
N TYR A 51 1.60 -8.77 -4.69
CA TYR A 51 0.37 -8.09 -4.35
C TYR A 51 0.05 -7.01 -5.35
N VAL A 52 -1.24 -6.81 -5.54
CA VAL A 52 -1.72 -5.77 -6.42
C VAL A 52 -2.83 -5.03 -5.73
N CYS A 53 -3.11 -3.82 -6.19
CA CYS A 53 -4.14 -3.05 -5.60
C CYS A 53 -5.46 -3.52 -6.09
N PRO A 54 -6.45 -3.28 -5.32
CA PRO A 54 -7.82 -3.70 -5.66
C PRO A 54 -8.43 -2.80 -6.72
N GLN A 55 -8.01 -1.54 -6.71
CA GLN A 55 -8.48 -0.60 -7.72
C GLN A 55 -7.87 -1.01 -9.05
N CYS A 56 -6.66 -1.55 -8.94
CA CYS A 56 -5.92 -2.02 -10.11
C CYS A 56 -6.66 -3.19 -10.77
N GLN A 57 -7.18 -4.09 -9.93
CA GLN A 57 -7.90 -5.25 -10.41
C GLN A 57 -9.04 -4.86 -11.34
N SER A 58 -9.55 -3.65 -11.17
CA SER A 58 -10.65 -3.18 -12.00
C SER A 58 -10.24 -3.18 -13.48
N THR A 59 -8.96 -2.92 -13.74
CA THR A 59 -8.46 -2.88 -15.12
C THR A 59 -7.80 -4.20 -15.53
N GLU A 60 -6.68 -4.53 -14.88
CA GLU A 60 -5.95 -5.76 -15.21
C GLU A 60 -5.51 -5.74 -16.67
N ASP A 61 -5.54 -4.55 -17.27
CA ASP A 61 -5.14 -4.39 -18.67
C ASP A 61 -5.62 -5.58 -19.50
N ALA A 62 -4.77 -6.61 -19.57
CA ALA A 62 -5.12 -7.80 -20.35
C ALA A 62 -4.10 -8.92 -20.08
N ALA B 1 6.33 -7.87 -5.98
CA ALA B 1 5.33 -6.77 -6.06
C ALA B 1 5.96 -5.48 -5.52
N ARG B 2 5.34 -4.36 -5.85
CA ARG B 2 5.83 -3.07 -5.39
C ARG B 2 5.33 -2.79 -3.98
N THR B 3 5.58 -3.73 -3.08
CA THR B 3 5.15 -3.60 -1.69
C THR B 3 5.94 -2.48 -1.02
N M3L B 4 5.27 -1.70 -0.17
CA M3L B 4 5.94 -0.60 0.52
CB M3L B 4 5.18 0.72 0.25
CG M3L B 4 6.16 1.88 -0.01
CD M3L B 4 5.83 3.09 0.88
CE M3L B 4 4.95 4.10 0.13
NZ M3L B 4 3.85 4.61 1.03
C M3L B 4 6.01 -0.89 2.02
O M3L B 4 5.06 -0.65 2.75
CM1 M3L B 4 2.91 3.50 1.35
CM2 M3L B 4 3.12 5.72 0.33
CM3 M3L B 4 4.41 5.15 2.28
H2 M3L B 4 4.27 -1.88 0.01
HA M3L B 4 6.95 -0.50 0.15
HB2 M3L B 4 4.53 0.62 -0.61
HB3 M3L B 4 4.56 0.99 1.11
HG2 M3L B 4 7.19 1.57 0.21
HG3 M3L B 4 6.12 2.21 -1.04
HD2 M3L B 4 5.32 2.78 1.79
HD3 M3L B 4 6.76 3.60 1.19
HE2 M3L B 4 5.53 4.95 -0.21
HE3 M3L B 4 4.49 3.63 -0.75
HM11 M3L B 4 2.12 3.87 1.99
HM12 M3L B 4 2.48 3.10 0.43
HM13 M3L B 4 3.45 2.70 1.86
HM21 M3L B 4 2.32 6.09 0.98
HM22 M3L B 4 3.81 6.53 0.11
HM23 M3L B 4 2.69 5.35 -0.60
HM31 M3L B 4 3.62 5.51 2.91
HM32 M3L B 4 4.96 4.35 2.80
HM33 M3L B 4 5.10 5.96 2.05
N GLN B 5 7.15 -1.40 2.45
CA GLN B 5 7.34 -1.73 3.86
C GLN B 5 7.54 -0.46 4.69
N THR B 6 7.38 -0.59 6.00
CA THR B 6 7.54 0.55 6.89
C THR B 6 9.01 0.95 6.99
N ALA B 7 9.24 2.19 7.43
CA ALA B 7 10.61 2.70 7.57
C ALA B 7 10.90 3.08 9.02
N ARG B 8 12.14 3.48 9.27
CA ARG B 8 12.55 3.88 10.62
C ARG B 8 12.42 2.72 11.59
N LYS B 9 13.53 2.06 11.88
CA LYS B 9 13.53 0.93 12.80
C LYS B 9 13.41 1.44 14.24
N SER B 10 12.60 0.76 15.05
CA SER B 10 12.41 1.15 16.44
C SER B 10 13.75 1.24 17.16
N THR B 11 14.59 0.22 16.98
CA THR B 11 15.90 0.19 17.61
C THR B 11 15.87 0.85 18.99
N GLY B 12 16.32 2.10 19.05
CA GLY B 12 16.34 2.84 20.32
C GLY B 12 15.09 3.70 20.49
N GLY B 13 14.12 3.51 19.62
CA GLY B 13 12.88 4.26 19.68
C GLY B 13 12.12 3.95 20.96
N LYS B 14 12.77 4.18 22.10
CA LYS B 14 12.14 3.92 23.39
C LYS B 14 10.82 4.68 23.51
N ALA B 15 10.79 5.88 22.93
CA ALA B 15 9.57 6.71 22.98
C ALA B 15 9.36 7.42 21.64
ZN ZN C . -2.67 -1.84 -8.47
ZN ZN D . -6.86 2.71 4.36
#